data_3DLV
# 
_entry.id   3DLV 
# 
_audit_conform.dict_name       mmcif_pdbx.dic 
_audit_conform.dict_version    5.377 
_audit_conform.dict_location   http://mmcif.pdb.org/dictionaries/ascii/mmcif_pdbx.dic 
# 
loop_
_database_2.database_id 
_database_2.database_code 
_database_2.pdbx_database_accession 
_database_2.pdbx_DOI 
PDB   3DLV         pdb_00003dlv 10.2210/pdb3dlv/pdb 
RCSB  RCSB048200   ?            ?                   
WWPDB D_1000048200 ?            ?                   
# 
loop_
_pdbx_database_related.db_name 
_pdbx_database_related.db_id 
_pdbx_database_related.details 
_pdbx_database_related.content_type 
PDB 3DLU 'different crystal form of SRP19 from Pyrococcus furiosus' unspecified 
PDB 3DM5 'different crystal form'                                   unspecified 
# 
_pdbx_database_status.status_code                     REL 
_pdbx_database_status.entry_id                        3DLV 
_pdbx_database_status.recvd_initial_deposition_date   2008-06-29 
_pdbx_database_status.deposit_site                    RCSB 
_pdbx_database_status.process_site                    RCSB 
_pdbx_database_status.status_code_sf                  REL 
_pdbx_database_status.status_code_mr                  ? 
_pdbx_database_status.SG_entry                        ? 
_pdbx_database_status.pdb_format_compatible           Y 
_pdbx_database_status.status_code_cs                  ? 
_pdbx_database_status.methods_development_category    ? 
_pdbx_database_status.status_code_nmr_data            ? 
# 
loop_
_audit_author.name 
_audit_author.pdbx_ordinal 
'Egea, P.F.'      1 
'Napetschnig, J.' 2 
'Walter, P.'      3 
'Stroud, R.M.'    4 
# 
_citation.id                        primary 
_citation.title                     
;Structures of SRP54 and SRP19, the two proteins that organize the ribonucleic core of the signal recognition particle from Pyrococcus furiosus.
;
_citation.journal_abbrev            'Plos One' 
_citation.journal_volume            3 
_citation.page_first                e3528 
_citation.page_last                 e3528 
_citation.year                      2008 
_citation.journal_id_ASTM           ? 
_citation.country                   US 
_citation.journal_id_ISSN           1932-6203 
_citation.journal_id_CSD            ? 
_citation.book_publisher            ? 
_citation.pdbx_database_id_PubMed   18953414 
_citation.pdbx_database_id_DOI      10.1371/journal.pone.0003528 
# 
loop_
_citation_author.citation_id 
_citation_author.name 
_citation_author.ordinal 
_citation_author.identifier_ORCID 
primary 'Egea, P.F.'      1 ? 
primary 'Napetschnig, J.' 2 ? 
primary 'Walter, P.'      3 ? 
primary 'Stroud, R.M.'    4 ? 
# 
_cell.entry_id           3DLV 
_cell.length_a           35.316 
_cell.length_b           116.052 
_cell.length_c           84.460 
_cell.angle_alpha        90.00 
_cell.angle_beta         90.00 
_cell.angle_gamma        90.00 
_cell.Z_PDB              16 
_cell.pdbx_unique_axis   ? 
_cell.length_a_esd       ? 
_cell.length_b_esd       ? 
_cell.length_c_esd       ? 
_cell.angle_alpha_esd    ? 
_cell.angle_beta_esd     ? 
_cell.angle_gamma_esd    ? 
# 
_symmetry.entry_id                         3DLV 
_symmetry.space_group_name_H-M             'C 2 2 21' 
_symmetry.pdbx_full_space_group_name_H-M   ? 
_symmetry.cell_setting                     ? 
_symmetry.Int_Tables_number                20 
_symmetry.space_group_name_Hall            ? 
# 
loop_
_entity.id 
_entity.type 
_entity.src_method 
_entity.pdbx_description 
_entity.formula_weight 
_entity.pdbx_number_of_molecules 
_entity.pdbx_ec 
_entity.pdbx_mutation 
_entity.pdbx_fragment 
_entity.details 
1 polymer man 'Signal recognition particle 19 kDa protein' 12291.387 2  ? ? ? ? 
2 water   nat water                                        18.015    89 ? ? ? ? 
# 
_entity_name_com.entity_id   1 
_entity_name_com.name        SRP19 
# 
_entity_poly.entity_id                      1 
_entity_poly.type                           'polypeptide(L)' 
_entity_poly.nstd_linkage                   no 
_entity_poly.nstd_monomer                   no 
_entity_poly.pdbx_seq_one_letter_code       
;MGRFVVWPSELDSRLSRKYGRIVPRSIAVESPRVEEIVRAAEELKFKVIRVEEDKLNPRLSGIDEELRTFGMIVLESPYG
KSKSLKLIAQKIREFRRRSAGTLVPR
;
_entity_poly.pdbx_seq_one_letter_code_can   
;MGRFVVWPSELDSRLSRKYGRIVPRSIAVESPRVEEIVRAAEELKFKVIRVEEDKLNPRLSGIDEELRTFGMIVLESPYG
KSKSLKLIAQKIREFRRRSAGTLVPR
;
_entity_poly.pdbx_strand_id                 B,A 
_entity_poly.pdbx_target_identifier         ? 
# 
loop_
_entity_poly_seq.entity_id 
_entity_poly_seq.num 
_entity_poly_seq.mon_id 
_entity_poly_seq.hetero 
1 1   MET n 
1 2   GLY n 
1 3   ARG n 
1 4   PHE n 
1 5   VAL n 
1 6   VAL n 
1 7   TRP n 
1 8   PRO n 
1 9   SER n 
1 10  GLU n 
1 11  LEU n 
1 12  ASP n 
1 13  SER n 
1 14  ARG n 
1 15  LEU n 
1 16  SER n 
1 17  ARG n 
1 18  LYS n 
1 19  TYR n 
1 20  GLY n 
1 21  ARG n 
1 22  ILE n 
1 23  VAL n 
1 24  PRO n 
1 25  ARG n 
1 26  SER n 
1 27  ILE n 
1 28  ALA n 
1 29  VAL n 
1 30  GLU n 
1 31  SER n 
1 32  PRO n 
1 33  ARG n 
1 34  VAL n 
1 35  GLU n 
1 36  GLU n 
1 37  ILE n 
1 38  VAL n 
1 39  ARG n 
1 40  ALA n 
1 41  ALA n 
1 42  GLU n 
1 43  GLU n 
1 44  LEU n 
1 45  LYS n 
1 46  PHE n 
1 47  LYS n 
1 48  VAL n 
1 49  ILE n 
1 50  ARG n 
1 51  VAL n 
1 52  GLU n 
1 53  GLU n 
1 54  ASP n 
1 55  LYS n 
1 56  LEU n 
1 57  ASN n 
1 58  PRO n 
1 59  ARG n 
1 60  LEU n 
1 61  SER n 
1 62  GLY n 
1 63  ILE n 
1 64  ASP n 
1 65  GLU n 
1 66  GLU n 
1 67  LEU n 
1 68  ARG n 
1 69  THR n 
1 70  PHE n 
1 71  GLY n 
1 72  MET n 
1 73  ILE n 
1 74  VAL n 
1 75  LEU n 
1 76  GLU n 
1 77  SER n 
1 78  PRO n 
1 79  TYR n 
1 80  GLY n 
1 81  LYS n 
1 82  SER n 
1 83  LYS n 
1 84  SER n 
1 85  LEU n 
1 86  LYS n 
1 87  LEU n 
1 88  ILE n 
1 89  ALA n 
1 90  GLN n 
1 91  LYS n 
1 92  ILE n 
1 93  ARG n 
1 94  GLU n 
1 95  PHE n 
1 96  ARG n 
1 97  ARG n 
1 98  ARG n 
1 99  SER n 
1 100 ALA n 
1 101 GLY n 
1 102 THR n 
1 103 LEU n 
1 104 VAL n 
1 105 PRO n 
1 106 ARG n 
# 
_entity_src_gen.entity_id                          1 
_entity_src_gen.pdbx_src_id                        1 
_entity_src_gen.pdbx_alt_source_flag               sample 
_entity_src_gen.pdbx_seq_type                      ? 
_entity_src_gen.pdbx_beg_seq_num                   ? 
_entity_src_gen.pdbx_end_seq_num                   ? 
_entity_src_gen.gene_src_common_name               ? 
_entity_src_gen.gene_src_genus                     ? 
_entity_src_gen.pdbx_gene_src_gene                 'srp19, PF1894' 
_entity_src_gen.gene_src_species                   ? 
_entity_src_gen.gene_src_strain                    DSM3638 
_entity_src_gen.gene_src_tissue                    ? 
_entity_src_gen.gene_src_tissue_fraction           ? 
_entity_src_gen.gene_src_details                   ? 
_entity_src_gen.pdbx_gene_src_fragment             ? 
_entity_src_gen.pdbx_gene_src_scientific_name      'Pyrococcus furiosus' 
_entity_src_gen.pdbx_gene_src_ncbi_taxonomy_id     2261 
_entity_src_gen.pdbx_gene_src_variant              ? 
_entity_src_gen.pdbx_gene_src_cell_line            ? 
_entity_src_gen.pdbx_gene_src_atcc                 ? 
_entity_src_gen.pdbx_gene_src_organ                ? 
_entity_src_gen.pdbx_gene_src_organelle            ? 
_entity_src_gen.pdbx_gene_src_cell                 ? 
_entity_src_gen.pdbx_gene_src_cellular_location    ? 
_entity_src_gen.host_org_common_name               ? 
_entity_src_gen.pdbx_host_org_scientific_name      'Escherichia coli' 
_entity_src_gen.pdbx_host_org_ncbi_taxonomy_id     ? 
_entity_src_gen.host_org_genus                     ? 
_entity_src_gen.pdbx_host_org_gene                 ? 
_entity_src_gen.pdbx_host_org_organ                ? 
_entity_src_gen.host_org_species                   ? 
_entity_src_gen.pdbx_host_org_tissue               ? 
_entity_src_gen.pdbx_host_org_tissue_fraction      ? 
_entity_src_gen.pdbx_host_org_strain               'BL21(DE3) rosetta2' 
_entity_src_gen.pdbx_host_org_variant              ? 
_entity_src_gen.pdbx_host_org_cell_line            ? 
_entity_src_gen.pdbx_host_org_atcc                 ? 
_entity_src_gen.pdbx_host_org_culture_collection   ? 
_entity_src_gen.pdbx_host_org_cell                 ? 
_entity_src_gen.pdbx_host_org_organelle            ? 
_entity_src_gen.pdbx_host_org_cellular_location    ? 
_entity_src_gen.pdbx_host_org_vector_type          PLASMID 
_entity_src_gen.pdbx_host_org_vector               ? 
_entity_src_gen.host_org_details                   ? 
_entity_src_gen.expression_system_id               ? 
_entity_src_gen.plasmid_name                       pET29b 
_entity_src_gen.plasmid_details                    ? 
_entity_src_gen.pdbx_description                   ? 
# 
_struct_ref.id                         1 
_struct_ref.db_name                    UNP 
_struct_ref.db_code                    SRP19_PYRFU 
_struct_ref.pdbx_db_accession          Q8TZT9 
_struct_ref.entity_id                  1 
_struct_ref.pdbx_seq_one_letter_code   
;MGRFVVWPSELDSRLSRKYGRIVPRSIAVESPRVEEIVRAAEELKFKVIRVEEDKLNPRLSGIDEELRTFGMIVLESPYG
KSKSLKLIAQKIREFRRRSA
;
_struct_ref.pdbx_align_begin           1 
_struct_ref.pdbx_db_isoform            ? 
# 
loop_
_struct_ref_seq.align_id 
_struct_ref_seq.ref_id 
_struct_ref_seq.pdbx_PDB_id_code 
_struct_ref_seq.pdbx_strand_id 
_struct_ref_seq.seq_align_beg 
_struct_ref_seq.pdbx_seq_align_beg_ins_code 
_struct_ref_seq.seq_align_end 
_struct_ref_seq.pdbx_seq_align_end_ins_code 
_struct_ref_seq.pdbx_db_accession 
_struct_ref_seq.db_align_beg 
_struct_ref_seq.pdbx_db_align_beg_ins_code 
_struct_ref_seq.db_align_end 
_struct_ref_seq.pdbx_db_align_end_ins_code 
_struct_ref_seq.pdbx_auth_seq_align_beg 
_struct_ref_seq.pdbx_auth_seq_align_end 
1 1 3DLV B 1 ? 100 ? Q8TZT9 1 ? 100 ? 1 100 
2 1 3DLV A 1 ? 100 ? Q8TZT9 1 ? 100 ? 1 100 
# 
loop_
_struct_ref_seq_dif.align_id 
_struct_ref_seq_dif.pdbx_pdb_id_code 
_struct_ref_seq_dif.mon_id 
_struct_ref_seq_dif.pdbx_pdb_strand_id 
_struct_ref_seq_dif.seq_num 
_struct_ref_seq_dif.pdbx_pdb_ins_code 
_struct_ref_seq_dif.pdbx_seq_db_name 
_struct_ref_seq_dif.pdbx_seq_db_accession_code 
_struct_ref_seq_dif.db_mon_id 
_struct_ref_seq_dif.pdbx_seq_db_seq_num 
_struct_ref_seq_dif.details 
_struct_ref_seq_dif.pdbx_auth_seq_num 
_struct_ref_seq_dif.pdbx_ordinal 
1 3DLV GLY B 101 ? UNP Q8TZT9 ? ? 'expression tag' 101 1  
1 3DLV THR B 102 ? UNP Q8TZT9 ? ? 'expression tag' 102 2  
1 3DLV LEU B 103 ? UNP Q8TZT9 ? ? 'expression tag' 103 3  
1 3DLV VAL B 104 ? UNP Q8TZT9 ? ? 'expression tag' 104 4  
1 3DLV PRO B 105 ? UNP Q8TZT9 ? ? 'expression tag' 105 5  
1 3DLV ARG B 106 ? UNP Q8TZT9 ? ? 'expression tag' 106 6  
2 3DLV GLY A 101 ? UNP Q8TZT9 ? ? 'expression tag' 101 7  
2 3DLV THR A 102 ? UNP Q8TZT9 ? ? 'expression tag' 102 8  
2 3DLV LEU A 103 ? UNP Q8TZT9 ? ? 'expression tag' 103 9  
2 3DLV VAL A 104 ? UNP Q8TZT9 ? ? 'expression tag' 104 10 
2 3DLV PRO A 105 ? UNP Q8TZT9 ? ? 'expression tag' 105 11 
2 3DLV ARG A 106 ? UNP Q8TZT9 ? ? 'expression tag' 106 12 
# 
loop_
_chem_comp.id 
_chem_comp.type 
_chem_comp.mon_nstd_flag 
_chem_comp.name 
_chem_comp.pdbx_synonyms 
_chem_comp.formula 
_chem_comp.formula_weight 
ALA 'L-peptide linking' y ALANINE         ? 'C3 H7 N O2'     89.093  
ARG 'L-peptide linking' y ARGININE        ? 'C6 H15 N4 O2 1' 175.209 
ASN 'L-peptide linking' y ASPARAGINE      ? 'C4 H8 N2 O3'    132.118 
ASP 'L-peptide linking' y 'ASPARTIC ACID' ? 'C4 H7 N O4'     133.103 
GLN 'L-peptide linking' y GLUTAMINE       ? 'C5 H10 N2 O3'   146.144 
GLU 'L-peptide linking' y 'GLUTAMIC ACID' ? 'C5 H9 N O4'     147.129 
GLY 'peptide linking'   y GLYCINE         ? 'C2 H5 N O2'     75.067  
HOH non-polymer         . WATER           ? 'H2 O'           18.015  
ILE 'L-peptide linking' y ISOLEUCINE      ? 'C6 H13 N O2'    131.173 
LEU 'L-peptide linking' y LEUCINE         ? 'C6 H13 N O2'    131.173 
LYS 'L-peptide linking' y LYSINE          ? 'C6 H15 N2 O2 1' 147.195 
MET 'L-peptide linking' y METHIONINE      ? 'C5 H11 N O2 S'  149.211 
PHE 'L-peptide linking' y PHENYLALANINE   ? 'C9 H11 N O2'    165.189 
PRO 'L-peptide linking' y PROLINE         ? 'C5 H9 N O2'     115.130 
SER 'L-peptide linking' y SERINE          ? 'C3 H7 N O3'     105.093 
THR 'L-peptide linking' y THREONINE       ? 'C4 H9 N O3'     119.119 
TRP 'L-peptide linking' y TRYPTOPHAN      ? 'C11 H12 N2 O2'  204.225 
TYR 'L-peptide linking' y TYROSINE        ? 'C9 H11 N O3'    181.189 
VAL 'L-peptide linking' y VALINE          ? 'C5 H11 N O2'    117.146 
# 
_exptl.entry_id          3DLV 
_exptl.method            'X-RAY DIFFRACTION' 
_exptl.crystals_number   1 
# 
_exptl_crystal.id                    1 
_exptl_crystal.density_meas          ? 
_exptl_crystal.density_Matthews      1.76 
_exptl_crystal.density_percent_sol   30.12 
_exptl_crystal.description           ? 
_exptl_crystal.F_000                 ? 
_exptl_crystal.preparation           ? 
# 
_exptl_crystal_grow.crystal_id      1 
_exptl_crystal_grow.method          'VAPOR DIFFUSION, HANGING DROP' 
_exptl_crystal_grow.temp            293 
_exptl_crystal_grow.temp_details    ? 
_exptl_crystal_grow.pH              5.0 
_exptl_crystal_grow.pdbx_details    
'1.2-1.3M Na Malonate, 100 mM NaAcetate, pH 5.0, VAPOR DIFFUSION, HANGING DROP, temperature 293K' 
_exptl_crystal_grow.pdbx_pH_range   . 
# 
_diffrn.id                     1 
_diffrn.ambient_temp           80 
_diffrn.ambient_temp_details   ? 
_diffrn.crystal_id             1 
# 
_diffrn_detector.diffrn_id              1 
_diffrn_detector.detector               CCD 
_diffrn_detector.type                   'ADSC QUANTUM 210' 
_diffrn_detector.pdbx_collection_date   2006-05-08 
_diffrn_detector.details                ? 
# 
_diffrn_radiation.diffrn_id                        1 
_diffrn_radiation.wavelength_id                    1 
_diffrn_radiation.pdbx_monochromatic_or_laue_m_l   M 
_diffrn_radiation.monochromator                    ? 
_diffrn_radiation.pdbx_diffrn_protocol             'SINGLE WAVELENGTH' 
_diffrn_radiation.pdbx_scattering_type             x-ray 
# 
_diffrn_radiation_wavelength.id           1 
_diffrn_radiation_wavelength.wavelength   0.97949 
_diffrn_radiation_wavelength.wt           1.0 
# 
_diffrn_source.diffrn_id                   1 
_diffrn_source.source                      SYNCHROTRON 
_diffrn_source.type                        'ALS BEAMLINE 8.3.1' 
_diffrn_source.pdbx_synchrotron_site       ALS 
_diffrn_source.pdbx_synchrotron_beamline   8.3.1 
_diffrn_source.pdbx_wavelength             ? 
_diffrn_source.pdbx_wavelength_list        0.97949 
# 
_reflns.entry_id                     3DLV 
_reflns.observed_criterion_sigma_F   1 
_reflns.observed_criterion_sigma_I   1 
_reflns.d_resolution_high            1.87 
_reflns.d_resolution_low             50 
_reflns.number_all                   14745 
_reflns.number_obs                   14745 
_reflns.percent_possible_obs         100 
_reflns.pdbx_Rmerge_I_obs            0.052 
_reflns.pdbx_Rsym_value              0.052 
_reflns.pdbx_netI_over_sigmaI        22.3 
_reflns.B_iso_Wilson_estimate        15 
_reflns.pdbx_redundancy              7.9 
_reflns.R_free_details               ? 
_reflns.limit_h_max                  ? 
_reflns.limit_h_min                  ? 
_reflns.limit_k_max                  ? 
_reflns.limit_k_min                  ? 
_reflns.limit_l_max                  ? 
_reflns.limit_l_min                  ? 
_reflns.observed_criterion_F_max     ? 
_reflns.observed_criterion_F_min     ? 
_reflns.pdbx_chi_squared             ? 
_reflns.pdbx_scaling_rejects         ? 
_reflns.pdbx_diffrn_id               1 
_reflns.pdbx_ordinal                 1 
# 
_reflns_shell.d_res_high             1.87 
_reflns_shell.d_res_low              1.94 
_reflns_shell.percent_possible_all   98.3 
_reflns_shell.Rmerge_I_obs           0.513 
_reflns_shell.pdbx_Rsym_value        0.513 
_reflns_shell.meanI_over_sigI_obs    2.0 
_reflns_shell.pdbx_redundancy        6.2 
_reflns_shell.percent_possible_obs   ? 
_reflns_shell.number_unique_all      1411 
_reflns_shell.number_measured_all    ? 
_reflns_shell.number_measured_obs    ? 
_reflns_shell.number_unique_obs      ? 
_reflns_shell.pdbx_chi_squared       ? 
_reflns_shell.pdbx_diffrn_id         ? 
_reflns_shell.pdbx_ordinal           1 
# 
_refine.entry_id                                 3DLV 
_refine.ls_number_reflns_obs                     13987 
_refine.ls_number_reflns_all                     ? 
_refine.pdbx_ls_sigma_I                          ? 
_refine.pdbx_ls_sigma_F                          0.850 
_refine.pdbx_data_cutoff_high_absF               ? 
_refine.pdbx_data_cutoff_low_absF                ? 
_refine.pdbx_data_cutoff_high_rms_absF           ? 
_refine.ls_d_res_low                             47.80 
_refine.ls_d_res_high                            1.87 
_refine.ls_percent_reflns_obs                    94.7 
_refine.ls_R_factor_obs                          0.205 
_refine.ls_R_factor_all                          ? 
_refine.ls_R_factor_R_work                       0.199 
_refine.ls_R_factor_R_free                       0.258 
_refine.ls_R_factor_R_free_error                 ? 
_refine.ls_R_factor_R_free_error_details         ? 
_refine.ls_percent_reflns_R_free                 10.000 
_refine.ls_number_reflns_R_free                  1399 
_refine.ls_number_parameters                     ? 
_refine.ls_number_restraints                     ? 
_refine.occupancy_min                            ? 
_refine.occupancy_max                            ? 
_refine.correlation_coeff_Fo_to_Fc               ? 
_refine.correlation_coeff_Fo_to_Fc_free          ? 
_refine.B_iso_mean                               22.00 
_refine.aniso_B[1][1]                            2.03130 
_refine.aniso_B[2][2]                            1.53720 
_refine.aniso_B[3][3]                            -3.56850 
_refine.aniso_B[1][2]                            0.00000 
_refine.aniso_B[1][3]                            0.00000 
_refine.aniso_B[2][3]                            0.00000 
_refine.solvent_model_details                    'FLAT BULK SOLVENT MODEL' 
_refine.solvent_model_param_ksol                 0.391 
_refine.solvent_model_param_bsol                 65.567 
_refine.pdbx_solvent_vdw_probe_radii             1.11 
_refine.pdbx_solvent_ion_probe_radii             ? 
_refine.pdbx_solvent_shrinkage_radii             0.90 
_refine.pdbx_ls_cross_valid_method               THROUGHOUT 
_refine.details                                  ? 
_refine.pdbx_starting_model                      'PDB ENTRY 3DUL' 
_refine.pdbx_method_to_determine_struct          'MOLECULAR REPLACEMENT' 
_refine.pdbx_isotropic_thermal_model             ? 
_refine.pdbx_stereochemistry_target_values       MLHL 
_refine.pdbx_stereochem_target_val_spec_case     ? 
_refine.pdbx_R_Free_selection_details            '10% OF THE NUMBER OF TOTAL REFLECTIONS' 
_refine.pdbx_overall_ESU_R                       ? 
_refine.pdbx_overall_ESU_R_Free                  ? 
_refine.overall_SU_ML                            0.29 
_refine.pdbx_overall_phase_error                 23.59 
_refine.overall_SU_B                             ? 
_refine.ls_redundancy_reflns_obs                 ? 
_refine.B_iso_min                                ? 
_refine.B_iso_max                                ? 
_refine.overall_SU_R_Cruickshank_DPI             ? 
_refine.overall_SU_R_free                        ? 
_refine.ls_wR_factor_R_free                      ? 
_refine.ls_wR_factor_R_work                      ? 
_refine.overall_FOM_free_R_set                   ? 
_refine.overall_FOM_work_R_set                   ? 
_refine.pdbx_refine_id                           'X-RAY DIFFRACTION' 
_refine.pdbx_diffrn_id                           1 
_refine.pdbx_TLS_residual_ADP_flag               ? 
_refine.pdbx_overall_SU_R_free_Cruickshank_DPI   ? 
_refine.pdbx_overall_SU_R_Blow_DPI               ? 
_refine.pdbx_overall_SU_R_free_Blow_DPI          ? 
# 
_refine_hist.pdbx_refine_id                   'X-RAY DIFFRACTION' 
_refine_hist.cycle_id                         LAST 
_refine_hist.pdbx_number_atoms_protein        1525 
_refine_hist.pdbx_number_atoms_nucleic_acid   0 
_refine_hist.pdbx_number_atoms_ligand         0 
_refine_hist.number_atoms_solvent             89 
_refine_hist.number_atoms_total               1614 
_refine_hist.d_res_high                       1.87 
_refine_hist.d_res_low                        47.80 
# 
loop_
_refine_ls_restr.type 
_refine_ls_restr.dev_ideal 
_refine_ls_restr.dev_ideal_target 
_refine_ls_restr.weight 
_refine_ls_restr.number 
_refine_ls_restr.pdbx_refine_id 
_refine_ls_restr.pdbx_restraint_function 
f_bond_d           0.004  ? ? 1553 'X-RAY DIFFRACTION' ? 
f_angle_d          0.812  ? ? 2079 'X-RAY DIFFRACTION' ? 
f_dihedral_angle_d 13.765 ? ? 613  'X-RAY DIFFRACTION' ? 
f_chiral_restr     0.054  ? ? 233  'X-RAY DIFFRACTION' ? 
f_plane_restr      0.004  ? ? 263  'X-RAY DIFFRACTION' ? 
# 
loop_
_refine_ls_shell.pdbx_total_number_of_bins_used 
_refine_ls_shell.d_res_low 
_refine_ls_shell.d_res_high 
_refine_ls_shell.number_reflns_R_work 
_refine_ls_shell.R_factor_R_work 
_refine_ls_shell.percent_reflns_obs 
_refine_ls_shell.R_factor_R_free 
_refine_ls_shell.R_factor_R_free_error 
_refine_ls_shell.percent_reflns_R_free 
_refine_ls_shell.number_reflns_R_free 
_refine_ls_shell.number_reflns_all 
_refine_ls_shell.R_factor_all 
_refine_ls_shell.number_reflns_obs 
_refine_ls_shell.redundancy_reflns_obs 
_refine_ls_shell.pdbx_refine_id 
10 1.9379  1.87   1014 0.2174 78 0.2757 . . 113 . . 1014 . 'X-RAY DIFFRACTION' 
10 2.0155  1.9379 .    0.2027 92 0.2955 . . 133 . . 1200 . 'X-RAY DIFFRACTION' 
10 2.1072  2.0155 .    0.18   97 0.2581 . . 141 . . 1273 . 'X-RAY DIFFRACTION' 
10 3.1991  2.7948 .    0.2094 98 0.2424 . . 147 . . 1324 . 'X-RAY DIFFRACTION' 
10 4.0303  3.1991 .    0.1812 99 0.2619 . . 149 . . 1334 . 'X-RAY DIFFRACTION' 
10 47.8421 4.0303 .    0.1903 98 0.2237 . . 156 . . 1409 . 'X-RAY DIFFRACTION' 
# 
_struct.entry_id                  3DLV 
_struct.title                     
;Structures of SRP54 and SRP19, the two proteins assembling the ribonucleic core of the Signal Recognition Particle from the archaeon Pyrococcus furiosus.
;
_struct.pdbx_model_details        ? 
_struct.pdbx_CASP_flag            ? 
_struct.pdbx_model_type_details   ? 
# 
_struct_keywords.entry_id        3DLV 
_struct_keywords.pdbx_keywords   'RNA BINDING PROTEIN' 
_struct_keywords.text            
'PROTEIN-RNA, SIGNAL RECOGNITION PARTICLE, Cytoplasm, Ribonucleoprotein, RNA-binding, RNA BINDING PROTEIN' 
# 
loop_
_struct_asym.id 
_struct_asym.pdbx_blank_PDB_chainid_flag 
_struct_asym.pdbx_modified 
_struct_asym.entity_id 
_struct_asym.details 
A N N 1 ? 
B N N 1 ? 
C N N 2 ? 
D N N 2 ? 
# 
_struct_biol.id        1 
_struct_biol.details   ? 
# 
loop_
_struct_conf.conf_type_id 
_struct_conf.id 
_struct_conf.pdbx_PDB_helix_id 
_struct_conf.beg_label_comp_id 
_struct_conf.beg_label_asym_id 
_struct_conf.beg_label_seq_id 
_struct_conf.pdbx_beg_PDB_ins_code 
_struct_conf.end_label_comp_id 
_struct_conf.end_label_asym_id 
_struct_conf.end_label_seq_id 
_struct_conf.pdbx_end_PDB_ins_code 
_struct_conf.beg_auth_comp_id 
_struct_conf.beg_auth_asym_id 
_struct_conf.beg_auth_seq_id 
_struct_conf.end_auth_comp_id 
_struct_conf.end_auth_asym_id 
_struct_conf.end_auth_seq_id 
_struct_conf.pdbx_PDB_helix_class 
_struct_conf.details 
_struct_conf.pdbx_PDB_helix_length 
HELX_P HELX_P1 1 TRP A 7  ? ASP A 12  ? TRP B 7  ASP B 12  5 ? 6  
HELX_P HELX_P2 2 ARG A 33 ? LEU A 44  ? ARG B 33 LEU B 44  1 ? 12 
HELX_P HELX_P3 3 GLY A 80 ? GLY A 101 ? GLY B 80 GLY B 101 1 ? 22 
HELX_P HELX_P4 4 TRP B 7  ? ASP B 12  ? TRP A 7  ASP A 12  5 ? 6  
HELX_P HELX_P5 5 SER B 16 ? GLY B 20  ? SER A 16 GLY A 20  5 ? 5  
HELX_P HELX_P6 6 ARG B 33 ? LEU B 44  ? ARG A 33 LEU A 44  1 ? 12 
HELX_P HELX_P7 7 GLY B 80 ? SER B 99  ? GLY A 80 SER A 99  1 ? 20 
# 
_struct_conf_type.id          HELX_P 
_struct_conf_type.criteria    ? 
_struct_conf_type.reference   ? 
# 
loop_
_struct_sheet.id 
_struct_sheet.type 
_struct_sheet.number_strands 
_struct_sheet.details 
A ? 3 ? 
B ? 3 ? 
# 
loop_
_struct_sheet_order.sheet_id 
_struct_sheet_order.range_id_1 
_struct_sheet_order.range_id_2 
_struct_sheet_order.offset 
_struct_sheet_order.sense 
A 1 2 ? anti-parallel 
A 2 3 ? anti-parallel 
B 1 2 ? anti-parallel 
B 2 3 ? anti-parallel 
# 
loop_
_struct_sheet_range.sheet_id 
_struct_sheet_range.id 
_struct_sheet_range.beg_label_comp_id 
_struct_sheet_range.beg_label_asym_id 
_struct_sheet_range.beg_label_seq_id 
_struct_sheet_range.pdbx_beg_PDB_ins_code 
_struct_sheet_range.end_label_comp_id 
_struct_sheet_range.end_label_asym_id 
_struct_sheet_range.end_label_seq_id 
_struct_sheet_range.pdbx_end_PDB_ins_code 
_struct_sheet_range.beg_auth_comp_id 
_struct_sheet_range.beg_auth_asym_id 
_struct_sheet_range.beg_auth_seq_id 
_struct_sheet_range.end_auth_comp_id 
_struct_sheet_range.end_auth_asym_id 
_struct_sheet_range.end_auth_seq_id 
A 1 ARG A 3  ? VAL A 6  ? ARG B 3  VAL B 6  
A 2 THR A 69 ? GLU A 76 ? THR B 69 GLU B 76 
A 3 LYS A 47 ? LYS A 55 ? LYS B 47 LYS B 55 
B 1 ARG B 3  ? VAL B 6  ? ARG A 3  VAL A 6  
B 2 ARG B 68 ? GLU B 76 ? ARG A 68 GLU A 76 
B 3 LYS B 47 ? LEU B 56 ? LYS A 47 LEU A 56 
# 
loop_
_pdbx_struct_sheet_hbond.sheet_id 
_pdbx_struct_sheet_hbond.range_id_1 
_pdbx_struct_sheet_hbond.range_id_2 
_pdbx_struct_sheet_hbond.range_1_label_atom_id 
_pdbx_struct_sheet_hbond.range_1_label_comp_id 
_pdbx_struct_sheet_hbond.range_1_label_asym_id 
_pdbx_struct_sheet_hbond.range_1_label_seq_id 
_pdbx_struct_sheet_hbond.range_1_PDB_ins_code 
_pdbx_struct_sheet_hbond.range_1_auth_atom_id 
_pdbx_struct_sheet_hbond.range_1_auth_comp_id 
_pdbx_struct_sheet_hbond.range_1_auth_asym_id 
_pdbx_struct_sheet_hbond.range_1_auth_seq_id 
_pdbx_struct_sheet_hbond.range_2_label_atom_id 
_pdbx_struct_sheet_hbond.range_2_label_comp_id 
_pdbx_struct_sheet_hbond.range_2_label_asym_id 
_pdbx_struct_sheet_hbond.range_2_label_seq_id 
_pdbx_struct_sheet_hbond.range_2_PDB_ins_code 
_pdbx_struct_sheet_hbond.range_2_auth_atom_id 
_pdbx_struct_sheet_hbond.range_2_auth_comp_id 
_pdbx_struct_sheet_hbond.range_2_auth_asym_id 
_pdbx_struct_sheet_hbond.range_2_auth_seq_id 
A 1 2 N VAL A 6  ? N VAL B 6  O ILE A 73 ? O ILE B 73 
A 2 3 O VAL A 74 ? O VAL B 74 N ARG A 50 ? N ARG B 50 
B 1 2 N PHE B 4  ? N PHE A 4  O LEU B 75 ? O LEU A 75 
B 2 3 O PHE B 70 ? O PHE A 70 N ASP B 54 ? N ASP A 54 
# 
_atom_sites.entry_id                    3DLV 
_atom_sites.fract_transf_matrix[1][1]   0.01654021 
_atom_sites.fract_transf_matrix[1][2]   0.00737458 
_atom_sites.fract_transf_matrix[1][3]   -0.02176770 
_atom_sites.fract_transf_matrix[2][1]   -0.00386255 
_atom_sites.fract_transf_matrix[2][2]   0.00769584 
_atom_sites.fract_transf_matrix[2][3]   -0.00032772 
_atom_sites.fract_transf_matrix[3][1]   0.00801164 
_atom_sites.fract_transf_matrix[3][2]   0.00434294 
_atom_sites.fract_transf_matrix[3][3]   0.00755898 
_atom_sites.fract_transf_vector[1]      -0.165463 
_atom_sites.fract_transf_vector[2]      0.121767 
_atom_sites.fract_transf_vector[3]      0.013283 
# 
loop_
_atom_type.symbol 
C 
N 
O 
S 
# 
loop_
_atom_site.group_PDB 
_atom_site.id 
_atom_site.type_symbol 
_atom_site.label_atom_id 
_atom_site.label_alt_id 
_atom_site.label_comp_id 
_atom_site.label_asym_id 
_atom_site.label_entity_id 
_atom_site.label_seq_id 
_atom_site.pdbx_PDB_ins_code 
_atom_site.Cartn_x 
_atom_site.Cartn_y 
_atom_site.Cartn_z 
_atom_site.occupancy 
_atom_site.B_iso_or_equiv 
_atom_site.pdbx_formal_charge 
_atom_site.auth_seq_id 
_atom_site.auth_comp_id 
_atom_site.auth_asym_id 
_atom_site.auth_atom_id 
_atom_site.pdbx_PDB_model_num 
ATOM   1    N N   . GLY A 1 2   ? 8.698   21.337  -4.179  1.00 34.14  ? 2   GLY B N   1 
ATOM   2    C CA  . GLY A 1 2   ? 10.112  21.044  -4.346  1.00 33.35  ? 2   GLY B CA  1 
ATOM   3    C C   . GLY A 1 2   ? 10.502  19.754  -3.651  1.00 25.51  ? 2   GLY B C   1 
ATOM   4    O O   . GLY A 1 2   ? 9.680   18.856  -3.488  1.00 23.35  ? 2   GLY B O   1 
ATOM   5    N N   . ARG A 1 3   ? 11.759  19.658  -3.239  1.00 24.19  ? 3   ARG B N   1 
ATOM   6    C CA  . ARG A 1 3   ? 12.230  18.474  -2.533  1.00 23.35  ? 3   ARG B CA  1 
ATOM   7    C C   . ARG A 1 3   ? 12.369  18.760  -1.045  1.00 19.70  ? 3   ARG B C   1 
ATOM   8    O O   . ARG A 1 3   ? 12.936  19.778  -0.647  1.00 19.47  ? 3   ARG B O   1 
ATOM   9    C CB  . ARG A 1 3   ? 13.560  17.992  -3.109  1.00 22.94  ? 3   ARG B CB  1 
ATOM   10   C CG  . ARG A 1 3   ? 14.183  16.845  -2.340  1.00 21.14  ? 3   ARG B CG  1 
ATOM   11   C CD  . ARG A 1 3   ? 15.472  16.373  -2.993  1.00 30.62  ? 3   ARG B CD  1 
ATOM   12   N NE  . ARG A 1 3   ? 15.237  15.816  -4.320  1.00 49.39  ? 3   ARG B NE  1 
ATOM   13   C CZ  . ARG A 1 3   ? 16.086  15.015  -4.957  1.00 45.93  ? 3   ARG B CZ  1 
ATOM   14   N NH1 . ARG A 1 3   ? 17.231  14.670  -4.383  1.00 54.18  ? 3   ARG B NH1 1 
ATOM   15   N NH2 . ARG A 1 3   ? 15.790  14.553  -6.163  1.00 53.03  ? 3   ARG B NH2 1 
ATOM   16   N N   . PHE A 1 4   ? 11.846  17.854  -0.226  1.00 18.84  ? 4   PHE B N   1 
ATOM   17   C CA  . PHE A 1 4   ? 11.886  18.010  1.219   1.00 11.70  ? 4   PHE B CA  1 
ATOM   18   C C   . PHE A 1 4   ? 11.747  16.650  1.882   1.00 16.66  ? 4   PHE B C   1 
ATOM   19   O O   . PHE A 1 4   ? 11.472  15.649  1.216   1.00 10.97  ? 4   PHE B O   1 
ATOM   20   C CB  . PHE A 1 4   ? 10.781  18.959  1.710   1.00 20.32  ? 4   PHE B CB  1 
ATOM   21   C CG  . PHE A 1 4   ? 9.413   18.622  1.191   1.00 22.02  ? 4   PHE B CG  1 
ATOM   22   C CD1 . PHE A 1 4   ? 8.870   19.326  0.127   1.00 25.64  ? 4   PHE B CD1 1 
ATOM   23   C CD2 . PHE A 1 4   ? 8.664   17.606  1.771   1.00 18.51  ? 4   PHE B CD2 1 
ATOM   24   C CE1 . PHE A 1 4   ? 7.608   19.019  -0.350  1.00 29.06  ? 4   PHE B CE1 1 
ATOM   25   C CE2 . PHE A 1 4   ? 7.412   17.290  1.300   1.00 18.17  ? 4   PHE B CE2 1 
ATOM   26   C CZ  . PHE A 1 4   ? 6.877   17.996  0.238   1.00 26.90  ? 4   PHE B CZ  1 
ATOM   27   N N   . VAL A 1 5   ? 11.951  16.612  3.190   1.00 21.36  ? 5   VAL B N   1 
ATOM   28   C CA  . VAL A 1 5   ? 11.830  15.363  3.930   1.00 16.94  ? 5   VAL B CA  1 
ATOM   29   C C   . VAL A 1 5   ? 10.507  15.329  4.677   1.00 14.36  ? 5   VAL B C   1 
ATOM   30   O O   . VAL A 1 5   ? 10.041  16.355  5.171   1.00 19.10  ? 5   VAL B O   1 
ATOM   31   C CB  . VAL A 1 5   ? 12.990  15.182  4.925   1.00 21.55  ? 5   VAL B CB  1 
ATOM   32   C CG1 . VAL A 1 5   ? 12.791  13.925  5.757   1.00 25.85  ? 5   VAL B CG1 1 
ATOM   33   C CG2 . VAL A 1 5   ? 14.316  15.117  4.185   1.00 23.82  ? 5   VAL B CG2 1 
ATOM   34   N N   . VAL A 1 6   ? 9.897   14.150  4.731   1.00 14.95  ? 6   VAL B N   1 
ATOM   35   C CA  . VAL A 1 6   ? 8.723   13.938  5.554   1.00 17.82  ? 6   VAL B CA  1 
ATOM   36   C C   . VAL A 1 6   ? 9.064   13.017  6.718   1.00 19.28  ? 6   VAL B C   1 
ATOM   37   O O   . VAL A 1 6   ? 9.616   11.928  6.542   1.00 19.73  ? 6   VAL B O   1 
ATOM   38   C CB  . VAL A 1 6   ? 7.528   13.377  4.764   1.00 17.74  ? 6   VAL B CB  1 
ATOM   39   C CG1 . VAL A 1 6   ? 6.364   13.128  5.711   1.00 18.00  ? 6   VAL B CG1 1 
ATOM   40   C CG2 . VAL A 1 6   ? 7.128   14.344  3.650   1.00 16.32  ? 6   VAL B CG2 1 
ATOM   41   N N   . TRP A 1 7   ? 8.740   13.498  7.908   1.00 15.74  ? 7   TRP B N   1 
ATOM   42   C CA  . TRP A 1 7   ? 8.980   12.811  9.160   1.00 25.54  ? 7   TRP B CA  1 
ATOM   43   C C   . TRP A 1 7   ? 7.591   12.527  9.733   1.00 19.64  ? 7   TRP B C   1 
ATOM   44   O O   . TRP A 1 7   ? 6.798   13.446  9.905   1.00 18.57  ? 7   TRP B O   1 
ATOM   45   C CB  . TRP A 1 7   ? 9.785   13.762  10.057  1.00 20.53  ? 7   TRP B CB  1 
ATOM   46   C CG  . TRP A 1 7   ? 10.188  13.242  11.396  1.00 23.25  ? 7   TRP B CG  1 
ATOM   47   C CD1 . TRP A 1 7   ? 10.678  12.000  11.690  1.00 35.56  ? 7   TRP B CD1 1 
ATOM   48   C CD2 . TRP A 1 7   ? 10.181  13.973  12.624  1.00 22.60  ? 7   TRP B CD2 1 
ATOM   49   N NE1 . TRP A 1 7   ? 10.956  11.909  13.034  1.00 25.39  ? 7   TRP B NE1 1 
ATOM   50   C CE2 . TRP A 1 7   ? 10.658  13.106  13.628  1.00 30.70  ? 7   TRP B CE2 1 
ATOM   51   C CE3 . TRP A 1 7   ? 9.808   15.274  12.974  1.00 25.14  ? 7   TRP B CE3 1 
ATOM   52   C CZ2 . TRP A 1 7   ? 10.769  13.501  14.964  1.00 31.39  ? 7   TRP B CZ2 1 
ATOM   53   C CZ3 . TRP A 1 7   ? 9.918   15.663  14.300  1.00 27.57  ? 7   TRP B CZ3 1 
ATOM   54   C CH2 . TRP A 1 7   ? 10.390  14.778  15.277  1.00 15.09  ? 7   TRP B CH2 1 
ATOM   55   N N   . PRO A 1 8   ? 7.277   11.250  10.001  1.00 18.08  ? 8   PRO B N   1 
ATOM   56   C CA  . PRO A 1 8   ? 5.923   10.886  10.429  1.00 16.99  ? 8   PRO B CA  1 
ATOM   57   C C   . PRO A 1 8   ? 5.380   11.735  11.578  1.00 17.05  ? 8   PRO B C   1 
ATOM   58   O O   . PRO A 1 8   ? 4.180   11.995  11.597  1.00 14.80  ? 8   PRO B O   1 
ATOM   59   C CB  . PRO A 1 8   ? 6.075   9.430   10.880  1.00 18.05  ? 8   PRO B CB  1 
ATOM   60   C CG  . PRO A 1 8   ? 7.233   8.922   10.091  1.00 20.83  ? 8   PRO B CG  1 
ATOM   61   C CD  . PRO A 1 8   ? 8.173   10.082  9.953   1.00 22.11  ? 8   PRO B CD  1 
ATOM   62   N N   . SER A 1 9   ? 6.235   12.156  12.507  1.00 16.94  ? 9   SER B N   1 
ATOM   63   C CA  . SER A 1 9   ? 5.778   12.963  13.637  1.00 16.01  ? 9   SER B CA  1 
ATOM   64   C C   . SER A 1 9   ? 5.122   14.266  13.190  1.00 15.91  ? 9   SER B C   1 
ATOM   65   O O   . SER A 1 9   ? 4.238   14.778  13.872  1.00 8.48   ? 9   SER B O   1 
ATOM   66   C CB  . SER A 1 9   ? 6.929   13.266  14.599  1.00 16.62  ? 9   SER B CB  1 
ATOM   67   O OG  . SER A 1 9   ? 7.307   12.100  15.301  1.00 20.09  ? 9   SER B OG  1 
ATOM   68   N N   . GLU A 1 10  ? 5.555   14.790  12.044  1.00 12.94  ? 10  GLU B N   1 
ATOM   69   C CA  . GLU A 1 10  ? 5.032   16.048  11.510  1.00 14.79  ? 10  GLU B CA  1 
ATOM   70   C C   . GLU A 1 10  ? 3.523   16.048  11.270  1.00 14.66  ? 10  GLU B C   1 
ATOM   71   O O   . GLU A 1 10  ? 2.892   17.102  11.296  1.00 18.08  ? 10  GLU B O   1 
ATOM   72   C CB  . GLU A 1 10  ? 5.764   16.431  10.211  1.00 12.80  ? 10  GLU B CB  1 
ATOM   73   C CG  . GLU A 1 10  ? 7.184   16.922  10.441  1.00 19.43  ? 10  GLU B CG  1 
ATOM   74   C CD  . GLU A 1 10  ? 8.024   16.948  9.174   1.00 28.83  ? 10  GLU B CD  1 
ATOM   75   O OE1 . GLU A 1 10  ? 7.669   16.249  8.201   1.00 18.23  ? 10  GLU B OE1 1 
ATOM   76   O OE2 . GLU A 1 10  ? 9.057   17.654  9.163   1.00 27.64  ? 10  GLU B OE2 1 
ATOM   77   N N   . LEU A 1 11  ? 2.940   14.879  11.031  1.00 12.64  ? 11  LEU B N   1 
ATOM   78   C CA  . LEU A 1 11  ? 1.501   14.822  10.764  1.00 14.97  ? 11  LEU B CA  1 
ATOM   79   C C   . LEU A 1 11  ? 0.768   13.886  11.725  1.00 16.56  ? 11  LEU B C   1 
ATOM   80   O O   . LEU A 1 11  ? -0.295  13.360  11.408  1.00 17.74  ? 11  LEU B O   1 
ATOM   81   C CB  . LEU A 1 11  ? 1.222   14.442  9.304   1.00 21.00  ? 11  LEU B CB  1 
ATOM   82   C CG  . LEU A 1 11  ? 1.788   13.139  8.748   1.00 14.83  ? 11  LEU B CG  1 
ATOM   83   C CD1 . LEU A 1 11  ? 0.803   12.511  7.764   1.00 33.56  ? 11  LEU B CD1 1 
ATOM   84   C CD2 . LEU A 1 11  ? 3.144   13.351  8.085   1.00 16.26  ? 11  LEU B CD2 1 
ATOM   85   N N   . ASP A 1 12  ? 1.344   13.697  12.908  1.00 9.61   ? 12  ASP B N   1 
ATOM   86   C CA  . ASP A 1 12  ? 0.812   12.757  13.885  1.00 8.60   ? 12  ASP B CA  1 
ATOM   87   C C   . ASP A 1 12  ? -0.050  13.485  14.919  1.00 12.48  ? 12  ASP B C   1 
ATOM   88   O O   . ASP A 1 12  ? 0.449   14.309  15.698  1.00 14.58  ? 12  ASP B O   1 
ATOM   89   C CB  . ASP A 1 12  ? 1.962   12.001  14.559  1.00 11.28  ? 12  ASP B CB  1 
ATOM   90   C CG  . ASP A 1 12  ? 1.481   10.872  15.467  1.00 20.02  ? 12  ASP B CG  1 
ATOM   91   O OD1 . ASP A 1 12  ? 0.261   10.775  15.730  1.00 16.26  ? 12  ASP B OD1 1 
ATOM   92   O OD2 . ASP A 1 12  ? 2.332   10.078  15.919  1.00 21.54  ? 12  ASP B OD2 1 
ATOM   93   N N   . SER A 1 13  ? -1.346  13.173  14.915  1.00 15.04  ? 13  SER B N   1 
ATOM   94   C CA  . SER A 1 13  ? -2.322  13.882  15.739  1.00 18.92  ? 13  SER B CA  1 
ATOM   95   C C   . SER A 1 13  ? -2.170  13.575  17.222  1.00 15.88  ? 13  SER B C   1 
ATOM   96   O O   . SER A 1 13  ? -2.740  14.270  18.061  1.00 16.19  ? 13  SER B O   1 
ATOM   97   C CB  . SER A 1 13  ? -3.752  13.559  15.287  1.00 12.70  ? 13  SER B CB  1 
ATOM   98   O OG  . SER A 1 13  ? -3.998  12.166  15.345  1.00 15.06  ? 13  SER B OG  1 
ATOM   99   N N   . ARG A 1 14  ? -1.395  12.543  17.542  1.00 12.16  ? 14  ARG B N   1 
ATOM   100  C CA  . ARG A 1 14  ? -1.145  12.191  18.930  1.00 14.64  ? 14  ARG B CA  1 
ATOM   101  C C   . ARG A 1 14  ? -0.186  13.172  19.579  1.00 12.24  ? 14  ARG B C   1 
ATOM   102  O O   . ARG A 1 14  ? -0.119  13.248  20.802  1.00 12.66  ? 14  ARG B O   1 
ATOM   103  C CB  . ARG A 1 14  ? -0.537  10.796  19.038  1.00 23.44  ? 14  ARG B CB  1 
ATOM   104  C CG  . ARG A 1 14  ? -1.338  9.701   18.375  1.00 31.00  ? 14  ARG B CG  1 
ATOM   105  C CD  . ARG A 1 14  ? -0.399  8.624   17.872  1.00 41.29  ? 14  ARG B CD  1 
ATOM   106  N NE  . ARG A 1 14  ? 0.583   8.250   18.881  1.00 48.17  ? 14  ARG B NE  1 
ATOM   107  C CZ  . ARG A 1 14  ? 1.822   7.855   18.608  1.00 56.26  ? 14  ARG B CZ  1 
ATOM   108  N NH1 . ARG A 1 14  ? 2.239   7.797   17.352  1.00 44.93  ? 14  ARG B NH1 1 
ATOM   109  N NH2 . ARG A 1 14  ? 2.650   7.532   19.593  1.00 86.31  ? 14  ARG B NH2 1 
ATOM   110  N N   . LEU A 1 15  ? 0.565   13.908  18.760  1.00 13.22  ? 15  LEU B N   1 
ATOM   111  C CA  . LEU A 1 15  ? 1.645   14.751  19.262  1.00 10.59  ? 15  LEU B CA  1 
ATOM   112  C C   . LEU A 1 15  ? 1.282   16.214  19.392  1.00 9.58   ? 15  LEU B C   1 
ATOM   113  O O   . LEU A 1 15  ? 0.391   16.712  18.708  1.00 11.86  ? 15  LEU B O   1 
ATOM   114  C CB  . LEU A 1 15  ? 2.873   14.639  18.354  1.00 11.33  ? 15  LEU B CB  1 
ATOM   115  C CG  . LEU A 1 15  ? 3.455   13.235  18.216  1.00 18.05  ? 15  LEU B CG  1 
ATOM   116  C CD1 . LEU A 1 15  ? 4.680   13.252  17.303  1.00 17.29  ? 15  LEU B CD1 1 
ATOM   117  C CD2 . LEU A 1 15  ? 3.796   12.670  19.585  1.00 14.81  ? 15  LEU B CD2 1 
ATOM   118  N N   . SER A 1 16  ? 2.018   16.903  20.257  1.00 12.53  ? 16  SER B N   1 
ATOM   119  C CA  . SER A 1 16  ? 1.921   18.350  20.395  1.00 12.08  ? 16  SER B CA  1 
ATOM   120  C C   . SER A 1 16  ? 2.805   19.008  19.345  1.00 15.47  ? 16  SER B C   1 
ATOM   121  O O   . SER A 1 16  ? 3.639   18.339  18.739  1.00 10.31  ? 16  SER B O   1 
ATOM   122  C CB  . SER A 1 16  ? 2.384   18.770  21.785  1.00 15.00  ? 16  SER B CB  1 
ATOM   123  O OG  . SER A 1 16  ? 3.761   18.462  21.969  1.00 17.51  ? 16  SER B OG  1 
ATOM   124  N N   . ARG A 1 17  ? 2.622   20.310  19.129  1.00 12.78  ? 17  ARG B N   1 
ATOM   125  C CA  . ARG A 1 17  ? 3.452   21.036  18.173  1.00 14.06  ? 17  ARG B CA  1 
ATOM   126  C C   . ARG A 1 17  ? 4.897   21.099  18.658  1.00 17.94  ? 17  ARG B C   1 
ATOM   127  O O   . ARG A 1 17  ? 5.830   20.967  17.865  1.00 25.00  ? 17  ARG B O   1 
ATOM   128  C CB  . ARG A 1 17  ? 2.889   22.435  17.899  1.00 16.74  ? 17  ARG B CB  1 
ATOM   129  C CG  . ARG A 1 17  ? 1.467   22.410  17.339  1.00 24.70  ? 17  ARG B CG  1 
ATOM   130  C CD  . ARG A 1 17  ? 1.049   23.755  16.758  1.00 39.53  ? 17  ARG B CD  1 
ATOM   131  N NE  . ARG A 1 17  ? 1.787   24.072  15.538  1.00 76.33  ? 17  ARG B NE  1 
ATOM   132  C CZ  . ARG A 1 17  ? 1.354   23.811  14.307  1.00 37.16  ? 17  ARG B CZ  1 
ATOM   133  N NH1 . ARG A 1 17  ? 0.176   23.229  14.122  1.00 36.36  ? 17  ARG B NH1 1 
ATOM   134  N NH2 . ARG A 1 17  ? 2.099   24.135  13.260  1.00 47.64  ? 17  ARG B NH2 1 
ATOM   135  N N   . LYS A 1 18  ? 5.088   21.264  19.963  1.00 17.76  ? 18  LYS B N   1 
ATOM   136  C CA  . LYS A 1 18  ? 6.437   21.360  20.523  1.00 17.46  ? 18  LYS B CA  1 
ATOM   137  C C   . LYS A 1 18  ? 7.229   20.093  20.230  1.00 18.21  ? 18  LYS B C   1 
ATOM   138  O O   . LYS A 1 18  ? 8.463   20.120  20.099  1.00 20.35  ? 18  LYS B O   1 
ATOM   139  C CB  . LYS A 1 18  ? 6.387   21.594  22.041  1.00 23.68  ? 18  LYS B CB  1 
ATOM   140  C CG  . LYS A 1 18  ? 7.759   21.552  22.716  1.00 35.02  ? 18  LYS B CG  1 
ATOM   141  C CD  . LYS A 1 18  ? 7.653   21.347  24.227  1.00 25.16  ? 18  LYS B CD  1 
ATOM   142  C CE  . LYS A 1 18  ? 7.446   22.657  24.968  1.00 42.48  ? 18  LYS B CE  1 
ATOM   143  N NZ  . LYS A 1 18  ? 8.745   23.319  25.280  1.00 48.29  ? 18  LYS B NZ  1 
ATOM   144  N N   . TYR A 1 19  ? 6.514   18.977  20.130  1.00 13.37  ? 19  TYR B N   1 
ATOM   145  C CA  . TYR A 1 19  ? 7.149   17.679  19.968  1.00 15.24  ? 19  TYR B CA  1 
ATOM   146  C C   . TYR A 1 19  ? 7.236   17.274  18.499  1.00 16.97  ? 19  TYR B C   1 
ATOM   147  O O   . TYR A 1 19  ? 7.706   16.188  18.171  1.00 20.48  ? 19  TYR B O   1 
ATOM   148  C CB  . TYR A 1 19  ? 6.406   16.630  20.792  1.00 17.44  ? 19  TYR B CB  1 
ATOM   149  C CG  . TYR A 1 19  ? 7.170   15.345  20.999  1.00 27.48  ? 19  TYR B CG  1 
ATOM   150  C CD1 . TYR A 1 19  ? 8.311   15.309  21.789  1.00 43.57  ? 19  TYR B CD1 1 
ATOM   151  C CD2 . TYR A 1 19  ? 6.743   14.165  20.408  1.00 36.60  ? 19  TYR B CD2 1 
ATOM   152  C CE1 . TYR A 1 19  ? 9.008   14.128  21.976  1.00 48.12  ? 19  TYR B CE1 1 
ATOM   153  C CE2 . TYR A 1 19  ? 7.430   12.984  20.593  1.00 48.14  ? 19  TYR B CE2 1 
ATOM   154  C CZ  . TYR A 1 19  ? 8.558   12.970  21.376  1.00 42.10  ? 19  TYR B CZ  1 
ATOM   155  O OH  . TYR A 1 19  ? 9.235   11.789  21.551  1.00 65.73  ? 19  TYR B OH  1 
ATOM   156  N N   . GLY A 1 20  ? 6.770   18.146  17.616  1.00 13.79  ? 20  GLY B N   1 
ATOM   157  C CA  . GLY A 1 20  ? 7.057   17.982  16.201  1.00 21.09  ? 20  GLY B CA  1 
ATOM   158  C C   . GLY A 1 20  ? 5.915   18.073  15.215  1.00 15.60  ? 20  GLY B C   1 
ATOM   159  O O   . GLY A 1 20  ? 6.153   18.182  14.015  1.00 13.70  ? 20  GLY B O   1 
ATOM   160  N N   . ARG A 1 21  ? 4.676   18.015  15.692  1.00 13.67  ? 21  ARG B N   1 
ATOM   161  C CA  . ARG A 1 21  ? 3.552   18.086  14.770  1.00 14.14  ? 21  ARG B CA  1 
ATOM   162  C C   . ARG A 1 21  ? 3.507   19.453  14.089  1.00 17.96  ? 21  ARG B C   1 
ATOM   163  O O   . ARG A 1 21  ? 3.594   20.487  14.755  1.00 18.63  ? 21  ARG B O   1 
ATOM   164  C CB  . ARG A 1 21  ? 2.223   17.772  15.476  1.00 9.75   ? 21  ARG B CB  1 
ATOM   165  C CG  . ARG A 1 21  ? 1.003   17.917  14.564  1.00 12.83  ? 21  ARG B CG  1 
ATOM   166  C CD  . ARG A 1 21  ? -0.271  17.433  15.227  1.00 14.65  ? 21  ARG B CD  1 
ATOM   167  N NE  . ARG A 1 21  ? -0.479  18.042  16.535  1.00 16.99  ? 21  ARG B NE  1 
ATOM   168  C CZ  . ARG A 1 21  ? -1.013  19.238  16.735  1.00 20.01  ? 21  ARG B CZ  1 
ATOM   169  N NH1 . ARG A 1 21  ? -1.407  19.973  15.705  1.00 23.00  ? 21  ARG B NH1 1 
ATOM   170  N NH2 . ARG A 1 21  ? -1.153  19.702  17.971  1.00 29.45  ? 21  ARG B NH2 1 
ATOM   171  N N   . ILE A 1 22  ? 3.385   19.439  12.760  1.00 13.88  ? 22  ILE B N   1 
ATOM   172  C CA  . ILE A 1 22  ? 3.268   20.644  11.946  1.00 20.14  ? 22  ILE B CA  1 
ATOM   173  C C   . ILE A 1 22  ? 1.829   20.837  11.463  1.00 22.56  ? 22  ILE B C   1 
ATOM   174  O O   . ILE A 1 22  ? 1.328   21.958  11.399  1.00 34.82  ? 22  ILE B O   1 
ATOM   175  C CB  . ILE A 1 22  ? 4.153   20.533  10.686  1.00 24.35  ? 22  ILE B CB  1 
ATOM   176  C CG1 . ILE A 1 22  ? 5.635   20.555  11.053  1.00 31.41  ? 22  ILE B CG1 1 
ATOM   177  C CG2 . ILE A 1 22  ? 3.823   21.636  9.692   1.00 46.16  ? 22  ILE B CG2 1 
ATOM   178  C CD1 . ILE A 1 22  ? 6.549   20.444  9.838   1.00 24.13  ? 22  ILE B CD1 1 
ATOM   179  N N   . VAL A 1 23  ? 1.178   19.731  11.119  1.00 16.86  ? 23  VAL B N   1 
ATOM   180  C CA  . VAL A 1 23  ? -0.153  19.745  10.512  1.00 20.27  ? 23  VAL B CA  1 
ATOM   181  C C   . VAL A 1 23  ? -1.232  20.067  11.549  1.00 26.88  ? 23  VAL B C   1 
ATOM   182  O O   . VAL A 1 23  ? -1.169  19.592  12.682  1.00 19.42  ? 23  VAL B O   1 
ATOM   183  C CB  . VAL A 1 23  ? -0.454  18.385  9.844   1.00 22.94  ? 23  VAL B CB  1 
ATOM   184  C CG1 . VAL A 1 23  ? -1.861  18.344  9.293   1.00 19.51  ? 23  VAL B CG1 1 
ATOM   185  C CG2 . VAL A 1 23  ? 0.557   18.104  8.741   1.00 31.35  ? 23  VAL B CG2 1 
ATOM   186  N N   . PRO A 1 24  ? -2.224  20.895  11.169  1.00 23.88  ? 24  PRO B N   1 
ATOM   187  C CA  . PRO A 1 24  ? -3.303  21.250  12.102  1.00 23.93  ? 24  PRO B CA  1 
ATOM   188  C C   . PRO A 1 24  ? -3.923  20.012  12.741  1.00 18.67  ? 24  PRO B C   1 
ATOM   189  O O   . PRO A 1 24  ? -4.071  18.996  12.075  1.00 21.57  ? 24  PRO B O   1 
ATOM   190  C CB  . PRO A 1 24  ? -4.326  21.942  11.196  1.00 24.34  ? 24  PRO B CB  1 
ATOM   191  C CG  . PRO A 1 24  ? -3.502  22.545  10.108  1.00 27.13  ? 24  PRO B CG  1 
ATOM   192  C CD  . PRO A 1 24  ? -2.362  21.584  9.873   1.00 21.38  ? 24  PRO B CD  1 
ATOM   193  N N   . ARG A 1 25  ? -4.303  20.108  14.013  1.00 16.51  ? 25  ARG B N   1 
ATOM   194  C CA  . ARG A 1 25  ? -4.776  18.950  14.767  1.00 17.23  ? 25  ARG B CA  1 
ATOM   195  C C   . ARG A 1 25  ? -5.890  18.156  14.078  1.00 23.06  ? 25  ARG B C   1 
ATOM   196  O O   . ARG A 1 25  ? -5.885  16.926  14.097  1.00 25.90  ? 25  ARG B O   1 
ATOM   197  C CB  . ARG A 1 25  ? -5.220  19.374  16.172  1.00 35.55  ? 25  ARG B CB  1 
ATOM   198  C CG  . ARG A 1 25  ? -6.406  20.328  16.184  1.00 50.83  ? 25  ARG B CG  1 
ATOM   199  C CD  . ARG A 1 25  ? -6.794  20.719  17.601  1.00 78.27  ? 25  ARG B CD  1 
ATOM   200  N NE  . ARG A 1 25  ? -5.794  21.580  18.223  1.00 56.28  ? 25  ARG B NE  1 
ATOM   201  C CZ  . ARG A 1 25  ? -5.917  22.896  18.357  1.00 87.21  ? 25  ARG B CZ  1 
ATOM   202  N NH1 . ARG A 1 25  ? -7.007  23.513  17.917  1.00 67.19  ? 25  ARG B NH1 1 
ATOM   203  N NH2 . ARG A 1 25  ? -4.953  23.598  18.937  1.00 86.34  ? 25  ARG B NH2 1 
ATOM   204  N N   . SER A 1 26  ? -6.834  18.860  13.464  1.00 22.48  ? 26  SER B N   1 
ATOM   205  C CA  . SER A 1 26  ? -8.005  18.211  12.889  1.00 27.17  ? 26  SER B CA  1 
ATOM   206  C C   . SER A 1 26  ? -7.694  17.477  11.587  1.00 32.28  ? 26  SER B C   1 
ATOM   207  O O   . SER A 1 26  ? -8.460  16.615  11.161  1.00 30.44  ? 26  SER B O   1 
ATOM   208  C CB  . SER A 1 26  ? -9.124  19.229  12.668  1.00 27.23  ? 26  SER B CB  1 
ATOM   209  O OG  . SER A 1 26  ? -8.706  20.264  11.795  1.00 30.59  ? 26  SER B OG  1 
ATOM   210  N N   . ILE A 1 27  ? -6.572  17.824  10.962  1.00 24.58  ? 27  ILE B N   1 
ATOM   211  C CA  . ILE A 1 27  ? -6.169  17.205  9.700   1.00 21.99  ? 27  ILE B CA  1 
ATOM   212  C C   . ILE A 1 27  ? -5.219  16.033  9.957   1.00 15.39  ? 27  ILE B C   1 
ATOM   213  O O   . ILE A 1 27  ? -5.249  15.028  9.252   1.00 15.88  ? 27  ILE B O   1 
ATOM   214  C CB  . ILE A 1 27  ? -5.505  18.241  8.766   1.00 25.72  ? 27  ILE B CB  1 
ATOM   215  C CG1 . ILE A 1 27  ? -6.501  19.354  8.419   1.00 15.84  ? 27  ILE B CG1 1 
ATOM   216  C CG2 . ILE A 1 27  ? -4.974  17.578  7.501   1.00 21.36  ? 27  ILE B CG2 1 
ATOM   217  C CD1 . ILE A 1 27  ? -5.851  20.549  7.766   1.00 33.05  ? 27  ILE B CD1 1 
ATOM   218  N N   . ALA A 1 28  ? -4.411  16.155  11.004  1.00 21.90  ? 28  ALA B N   1 
ATOM   219  C CA  . ALA A 1 28  ? -3.442  15.121  11.370  1.00 19.72  ? 28  ALA B CA  1 
ATOM   220  C C   . ALA A 1 28  ? -4.087  13.761  11.662  1.00 16.76  ? 28  ALA B C   1 
ATOM   221  O O   . ALA A 1 28  ? -5.240  13.680  12.088  1.00 20.36  ? 28  ALA B O   1 
ATOM   222  C CB  . ALA A 1 28  ? -2.607  15.588  12.564  1.00 14.44  ? 28  ALA B CB  1 
ATOM   223  N N   . VAL A 1 29  ? -3.332  12.691  11.441  1.00 19.87  ? 29  VAL B N   1 
ATOM   224  C CA  . VAL A 1 29  ? -3.827  11.345  11.720  1.00 17.27  ? 29  VAL B CA  1 
ATOM   225  C C   . VAL A 1 29  ? -3.025  10.689  12.841  1.00 16.79  ? 29  VAL B C   1 
ATOM   226  O O   . VAL A 1 29  ? -1.856  11.025  13.070  1.00 16.33  ? 29  VAL B O   1 
ATOM   227  C CB  . VAL A 1 29  ? -3.786  10.439  10.468  1.00 23.29  ? 29  VAL B CB  1 
ATOM   228  C CG1 . VAL A 1 29  ? -4.798  10.904  9.420   1.00 19.94  ? 29  VAL B CG1 1 
ATOM   229  C CG2 . VAL A 1 29  ? -2.381  10.400  9.884   1.00 17.08  ? 29  VAL B CG2 1 
ATOM   230  N N   . GLU A 1 30  ? -3.658  9.755   13.540  1.00 18.01  ? 30  GLU B N   1 
ATOM   231  C CA  . GLU A 1 30  ? -2.997  9.045   14.627  1.00 19.77  ? 30  GLU B CA  1 
ATOM   232  C C   . GLU A 1 30  ? -1.983  8.017   14.122  1.00 14.64  ? 30  GLU B C   1 
ATOM   233  O O   . GLU A 1 30  ? -2.308  7.172   13.286  1.00 21.46  ? 30  GLU B O   1 
ATOM   234  C CB  . GLU A 1 30  ? -4.032  8.355   15.516  1.00 26.64  ? 30  GLU B CB  1 
ATOM   235  C CG  . GLU A 1 30  ? -3.408  7.515   16.617  1.00 33.12  ? 30  GLU B CG  1 
ATOM   236  C CD  . GLU A 1 30  ? -4.433  6.881   17.527  1.00 61.39  ? 30  GLU B CD  1 
ATOM   237  O OE1 . GLU A 1 30  ? -5.644  7.082   17.295  1.00 50.32  ? 30  GLU B OE1 1 
ATOM   238  O OE2 . GLU A 1 30  ? -4.023  6.179   18.475  1.00 59.53  ? 30  GLU B OE2 1 
ATOM   239  N N   . SER A 1 31  ? -0.765  8.092   14.649  1.00 23.49  ? 31  SER B N   1 
ATOM   240  C CA  . SER A 1 31  ? 0.317   7.154   14.325  1.00 22.76  ? 31  SER B CA  1 
ATOM   241  C C   . SER A 1 31  ? 0.500   6.879   12.833  1.00 12.84  ? 31  SER B C   1 
ATOM   242  O O   . SER A 1 31  ? 0.323   5.745   12.389  1.00 17.57  ? 31  SER B O   1 
ATOM   243  C CB  . SER A 1 31  ? 0.123   5.818   15.059  1.00 22.93  ? 31  SER B CB  1 
ATOM   244  O OG  . SER A 1 31  ? 0.250   5.967   16.461  1.00 43.66  ? 31  SER B OG  1 
ATOM   245  N N   . PRO A 1 32  ? 0.876   7.905   12.053  1.00 19.55  ? 32  PRO B N   1 
ATOM   246  C CA  . PRO A 1 32  ? 1.116   7.669   10.622  1.00 18.30  ? 32  PRO B CA  1 
ATOM   247  C C   . PRO A 1 32  ? 2.321   6.750   10.434  1.00 15.94  ? 32  PRO B C   1 
ATOM   248  O O   . PRO A 1 32  ? 3.392   7.029   10.973  1.00 16.66  ? 32  PRO B O   1 
ATOM   249  C CB  . PRO A 1 32  ? 1.444   9.065   10.068  1.00 23.55  ? 32  PRO B CB  1 
ATOM   250  C CG  . PRO A 1 32  ? 1.215   10.041  11.199  1.00 23.63  ? 32  PRO B CG  1 
ATOM   251  C CD  . PRO A 1 32  ? 1.223   9.273   12.475  1.00 15.77  ? 32  PRO B CD  1 
ATOM   252  N N   . ARG A 1 33  ? 2.155   5.669   9.679   1.00 12.31  ? 33  ARG B N   1 
ATOM   253  C CA  . ARG A 1 33  ? 3.269   4.756   9.432   1.00 17.61  ? 33  ARG B CA  1 
ATOM   254  C C   . ARG A 1 33  ? 4.033   5.172   8.181   1.00 16.85  ? 33  ARG B C   1 
ATOM   255  O O   . ARG A 1 33  ? 3.462   5.762   7.271   1.00 12.04  ? 33  ARG B O   1 
ATOM   256  C CB  . ARG A 1 33  ? 2.756   3.328   9.263   1.00 18.84  ? 33  ARG B CB  1 
ATOM   257  C CG  . ARG A 1 33  ? 2.163   2.708   10.517  1.00 27.42  ? 33  ARG B CG  1 
ATOM   258  C CD  . ARG A 1 33  ? 1.194   1.612   10.122  1.00 47.50  ? 33  ARG B CD  1 
ATOM   259  N NE  . ARG A 1 33  ? 1.596   1.006   8.856   1.00 66.22  ? 33  ARG B NE  1 
ATOM   260  C CZ  . ARG A 1 33  ? 0.773   0.364   8.034   1.00 76.25  ? 33  ARG B CZ  1 
ATOM   261  N NH1 . ARG A 1 33  ? -0.510  0.238   8.343   1.00 77.79  ? 33  ARG B NH1 1 
ATOM   262  N NH2 . ARG A 1 33  ? 1.236   -0.147  6.901   1.00 49.15  ? 33  ARG B NH2 1 
ATOM   263  N N   . VAL A 1 34  ? 5.325   4.862   8.133   1.00 14.58  ? 34  VAL B N   1 
ATOM   264  C CA  . VAL A 1 34  ? 6.126   5.187   6.957   1.00 13.31  ? 34  VAL B CA  1 
ATOM   265  C C   . VAL A 1 34  ? 5.505   4.641   5.674   1.00 16.46  ? 34  VAL B C   1 
ATOM   266  O O   . VAL A 1 34  ? 5.437   5.334   4.664   1.00 14.51  ? 34  VAL B O   1 
ATOM   267  C CB  . VAL A 1 34  ? 7.562   4.651   7.079   1.00 15.16  ? 34  VAL B CB  1 
ATOM   268  C CG1 . VAL A 1 34  ? 8.278   4.778   5.743   1.00 16.59  ? 34  VAL B CG1 1 
ATOM   269  C CG2 . VAL A 1 34  ? 8.311   5.394   8.173   1.00 15.74  ? 34  VAL B CG2 1 
ATOM   270  N N   . GLU A 1 35  ? 5.049   3.392   5.723   1.00 16.99  ? 35  GLU B N   1 
ATOM   271  C CA  . GLU A 1 35  ? 4.474   2.751   4.551   1.00 17.14  ? 35  GLU B CA  1 
ATOM   272  C C   . GLU A 1 35  ? 3.190   3.450   4.109   1.00 12.74  ? 35  GLU B C   1 
ATOM   273  O O   . GLU A 1 35  ? 2.880   3.497   2.917   1.00 14.81  ? 35  GLU B O   1 
ATOM   274  C CB  . GLU A 1 35  ? 4.200   1.272   4.837   1.00 26.88  ? 35  GLU B CB  1 
ATOM   275  N N   . GLU A 1 36  ? 2.448   3.991   5.070   1.00 15.20  ? 36  GLU B N   1 
ATOM   276  C CA  . GLU A 1 36  ? 1.221   4.720   4.777   1.00 14.26  ? 36  GLU B CA  1 
ATOM   277  C C   . GLU A 1 36  ? 1.526   6.034   4.072   1.00 12.13  ? 36  GLU B C   1 
ATOM   278  O O   . GLU A 1 36  ? 0.831   6.411   3.132   1.00 16.41  ? 36  GLU B O   1 
ATOM   279  C CB  . GLU A 1 36  ? 0.451   5.016   6.062   1.00 13.90  ? 36  GLU B CB  1 
ATOM   280  C CG  . GLU A 1 36  ? -0.273  3.830   6.653   1.00 26.20  ? 36  GLU B CG  1 
ATOM   281  C CD  . GLU A 1 36  ? -1.139  4.231   7.833   1.00 28.34  ? 36  GLU B CD  1 
ATOM   282  O OE1 . GLU A 1 36  ? -0.651  4.985   8.704   1.00 24.82  ? 36  GLU B OE1 1 
ATOM   283  O OE2 . GLU A 1 36  ? -2.309  3.807   7.885   1.00 23.59  ? 36  GLU B OE2 1 
ATOM   284  N N   . ILE A 1 37  ? 2.568   6.719   4.543   1.00 10.89  ? 37  ILE B N   1 
ATOM   285  C CA  . ILE A 1 37  ? 3.004   7.992   3.980   1.00 12.11  ? 37  ILE B CA  1 
ATOM   286  C C   . ILE A 1 37  ? 3.507   7.800   2.546   1.00 12.38  ? 37  ILE B C   1 
ATOM   287  O O   . ILE A 1 37  ? 3.203   8.598   1.656   1.00 13.49  ? 37  ILE B O   1 
ATOM   288  C CB  . ILE A 1 37  ? 4.101   8.649   4.876   1.00 11.64  ? 37  ILE B CB  1 
ATOM   289  C CG1 . ILE A 1 37  ? 3.495   9.078   6.216   1.00 19.94  ? 37  ILE B CG1 1 
ATOM   290  C CG2 . ILE A 1 37  ? 4.752   9.842   4.182   1.00 10.47  ? 37  ILE B CG2 1 
ATOM   291  C CD1 . ILE A 1 37  ? 4.527   9.535   7.236   1.00 19.44  ? 37  ILE B CD1 1 
ATOM   292  N N   . VAL A 1 38  ? 4.256   6.727   2.328   1.00 9.72   ? 38  VAL B N   1 
ATOM   293  C CA  . VAL A 1 38  ? 4.752   6.390   0.994   1.00 11.34  ? 38  VAL B CA  1 
ATOM   294  C C   . VAL A 1 38  ? 3.585   6.140   0.037   1.00 14.33  ? 38  VAL B C   1 
ATOM   295  O O   . VAL A 1 38  ? 3.546   6.690   -1.067  1.00 14.65  ? 38  VAL B O   1 
ATOM   296  C CB  . VAL A 1 38  ? 5.698   5.159   1.028   1.00 17.72  ? 38  VAL B CB  1 
ATOM   297  C CG1 . VAL A 1 38  ? 6.134   4.756   -0.381  1.00 17.48  ? 38  VAL B CG1 1 
ATOM   298  C CG2 . VAL A 1 38  ? 6.916   5.444   1.890   1.00 15.83  ? 38  VAL B CG2 1 
ATOM   299  N N   . ARG A 1 39  ? 2.621   5.328   0.464   1.00 11.66  ? 39  ARG B N   1 
ATOM   300  C CA  . ARG A 1 39  ? 1.470   5.032   -0.388  1.00 11.56  ? 39  ARG B CA  1 
ATOM   301  C C   . ARG A 1 39  ? 0.650   6.281   -0.670  1.00 12.06  ? 39  ARG B C   1 
ATOM   302  O O   . ARG A 1 39  ? 0.191   6.483   -1.792  1.00 12.85  ? 39  ARG B O   1 
ATOM   303  C CB  . ARG A 1 39  ? 0.590   3.953   0.236   1.00 16.43  ? 39  ARG B CB  1 
ATOM   304  C CG  . ARG A 1 39  ? 1.261   2.583   0.285   1.00 16.69  ? 39  ARG B CG  1 
ATOM   305  C CD  . ARG A 1 39  ? 0.431   1.602   1.099   1.00 35.06  ? 39  ARG B CD  1 
ATOM   306  N NE  . ARG A 1 39  ? -0.971  1.609   0.688   1.00 42.35  ? 39  ARG B NE  1 
ATOM   307  C CZ  . ARG A 1 39  ? -1.986  1.320   1.497   1.00 60.16  ? 39  ARG B CZ  1 
ATOM   308  N NH1 . ARG A 1 39  ? -1.754  1.013   2.768   1.00 60.14  ? 39  ARG B NH1 1 
ATOM   309  N NH2 . ARG A 1 39  ? -3.231  1.350   1.040   1.00 55.03  ? 39  ARG B NH2 1 
ATOM   310  N N   . ALA A 1 40  ? 0.468   7.121   0.344   1.00 12.38  ? 40  ALA B N   1 
ATOM   311  C CA  . ALA A 1 40  ? -0.256  8.378   0.153   1.00 13.14  ? 40  ALA B CA  1 
ATOM   312  C C   . ALA A 1 40  ? 0.467   9.266   -0.855  1.00 16.81  ? 40  ALA B C   1 
ATOM   313  O O   . ALA A 1 40  ? -0.154  9.817   -1.770  1.00 13.10  ? 40  ALA B O   1 
ATOM   314  C CB  . ALA A 1 40  ? -0.427  9.105   1.477   1.00 12.74  ? 40  ALA B CB  1 
ATOM   315  N N   . ALA A 1 41  ? 1.781   9.404   -0.685  1.00 12.15  ? 41  ALA B N   1 
ATOM   316  C CA  . ALA A 1 41  ? 2.575   10.232  -1.578  1.00 12.79  ? 41  ALA B CA  1 
ATOM   317  C C   . ALA A 1 41  ? 2.434   9.722   -3.001  1.00 15.08  ? 41  ALA B C   1 
ATOM   318  O O   . ALA A 1 41  ? 2.282   10.500  -3.940  1.00 14.01  ? 41  ALA B O   1 
ATOM   319  C CB  . ALA A 1 41  ? 4.044   10.238  -1.154  1.00 9.91   ? 41  ALA B CB  1 
ATOM   320  N N   . GLU A 1 42  ? 2.481   8.404   -3.151  1.00 9.40   ? 42  GLU B N   1 
ATOM   321  C CA  . GLU A 1 42  ? 2.372   7.783   -4.468  1.00 15.90  ? 42  GLU B CA  1 
ATOM   322  C C   . GLU A 1 42  ? 0.998   8.042   -5.085  1.00 18.14  ? 42  GLU B C   1 
ATOM   323  O O   . GLU A 1 42  ? 0.893   8.321   -6.275  1.00 14.18  ? 42  GLU B O   1 
ATOM   324  C CB  . GLU A 1 42  ? 2.655   6.278   -4.389  1.00 17.17  ? 42  GLU B CB  1 
ATOM   325  C CG  . GLU A 1 42  ? 4.128   5.939   -4.154  1.00 18.19  ? 42  GLU B CG  1 
ATOM   326  C CD  . GLU A 1 42  ? 4.355   4.489   -3.765  1.00 32.95  ? 42  GLU B CD  1 
ATOM   327  O OE1 . GLU A 1 42  ? 3.399   3.846   -3.278  1.00 23.20  ? 42  GLU B OE1 1 
ATOM   328  O OE2 . GLU A 1 42  ? 5.493   3.991   -3.933  1.00 23.22  ? 42  GLU B OE2 1 
ATOM   329  N N   . GLU A 1 43  ? -0.052  7.966   -4.275  1.00 11.98  ? 43  GLU B N   1 
ATOM   330  C CA  . GLU A 1 43  ? -1.393  8.197   -4.793  1.00 12.76  ? 43  GLU B CA  1 
ATOM   331  C C   . GLU A 1 43  ? -1.551  9.654   -5.234  1.00 20.78  ? 43  GLU B C   1 
ATOM   332  O O   . GLU A 1 43  ? -2.285  9.944   -6.176  1.00 19.71  ? 43  GLU B O   1 
ATOM   333  C CB  . GLU A 1 43  ? -2.457  7.830   -3.755  1.00 18.31  ? 43  GLU B CB  1 
ATOM   334  C CG  . GLU A 1 43  ? -3.883  7.939   -4.290  1.00 40.61  ? 43  GLU B CG  1 
ATOM   335  C CD  . GLU A 1 43  ? -4.929  7.553   -3.263  1.00 65.10  ? 43  GLU B CD  1 
ATOM   336  O OE1 . GLU A 1 43  ? -4.540  7.150   -2.149  1.00 52.03  ? 43  GLU B OE1 1 
ATOM   337  O OE2 . GLU A 1 43  ? -6.138  7.655   -3.566  1.00 49.99  ? 43  GLU B OE2 1 
ATOM   338  N N   . LEU A 1 44  ? -0.852  10.561  -4.549  1.00 15.16  ? 44  LEU B N   1 
ATOM   339  C CA  . LEU A 1 44  ? -0.873  11.986  -4.885  1.00 16.34  ? 44  LEU B CA  1 
ATOM   340  C C   . LEU A 1 44  ? 0.096   12.325  -6.017  1.00 12.39  ? 44  LEU B C   1 
ATOM   341  O O   . LEU A 1 44  ? 0.230   13.486  -6.410  1.00 22.26  ? 44  LEU B O   1 
ATOM   342  C CB  . LEU A 1 44  ? -0.559  12.836  -3.650  1.00 10.49  ? 44  LEU B CB  1 
ATOM   343  C CG  . LEU A 1 44  ? -1.582  12.800  -2.510  1.00 12.13  ? 44  LEU B CG  1 
ATOM   344  C CD1 . LEU A 1 44  ? -0.962  13.229  -1.184  1.00 11.74  ? 44  LEU B CD1 1 
ATOM   345  C CD2 . LEU A 1 44  ? -2.804  13.648  -2.841  1.00 15.34  ? 44  LEU B CD2 1 
ATOM   346  N N   . LYS A 1 45  ? 0.774   11.308  -6.536  1.00 16.21  ? 45  LYS B N   1 
ATOM   347  C CA  . LYS A 1 45  ? 1.692   11.480  -7.656  1.00 24.71  ? 45  LYS B CA  1 
ATOM   348  C C   . LYS A 1 45  ? 2.928   12.293  -7.284  1.00 17.86  ? 45  LYS B C   1 
ATOM   349  O O   . LYS A 1 45  ? 3.557   12.909  -8.141  1.00 21.66  ? 45  LYS B O   1 
ATOM   350  C CB  . LYS A 1 45  ? 0.980   12.108  -8.863  1.00 28.74  ? 45  LYS B CB  1 
ATOM   351  C CG  . LYS A 1 45  ? -0.275  11.368  -9.297  1.00 24.66  ? 45  LYS B CG  1 
ATOM   352  C CD  . LYS A 1 45  ? -0.065  9.863   -9.283  1.00 25.28  ? 45  LYS B CD  1 
ATOM   353  C CE  . LYS A 1 45  ? -1.387  9.128   -9.411  1.00 41.10  ? 45  LYS B CE  1 
ATOM   354  N NZ  . LYS A 1 45  ? -1.258  7.696   -9.025  1.00 55.99  ? 45  LYS B NZ  1 
ATOM   355  N N   . PHE A 1 46  ? 3.273   12.300  -6.001  1.00 13.13  ? 46  PHE B N   1 
ATOM   356  C CA  . PHE A 1 46  ? 4.552   12.860  -5.585  1.00 14.06  ? 46  PHE B CA  1 
ATOM   357  C C   . PHE A 1 46  ? 5.629   11.863  -5.978  1.00 19.43  ? 46  PHE B C   1 
ATOM   358  O O   . PHE A 1 46  ? 5.358   10.668  -6.092  1.00 21.74  ? 46  PHE B O   1 
ATOM   359  C CB  . PHE A 1 46  ? 4.597   13.098  -4.073  1.00 12.99  ? 46  PHE B CB  1 
ATOM   360  C CG  . PHE A 1 46  ? 3.560   14.074  -3.571  1.00 17.26  ? 46  PHE B CG  1 
ATOM   361  C CD1 . PHE A 1 46  ? 2.932   14.947  -4.436  1.00 14.58  ? 46  PHE B CD1 1 
ATOM   362  C CD2 . PHE A 1 46  ? 3.242   14.129  -2.220  1.00 9.23   ? 46  PHE B CD2 1 
ATOM   363  C CE1 . PHE A 1 46  ? 1.984   15.852  -3.970  1.00 14.11  ? 46  PHE B CE1 1 
ATOM   364  C CE2 . PHE A 1 46  ? 2.306   15.035  -1.737  1.00 15.95  ? 46  PHE B CE2 1 
ATOM   365  C CZ  . PHE A 1 46  ? 1.673   15.901  -2.618  1.00 17.79  ? 46  PHE B CZ  1 
ATOM   366  N N   . LYS A 1 47  ? 6.848   12.343  -6.197  1.00 10.79  ? 47  LYS B N   1 
ATOM   367  C CA  . LYS A 1 47  ? 7.949   11.439  -6.485  1.00 17.98  ? 47  LYS B CA  1 
ATOM   368  C C   . LYS A 1 47  ? 8.647   11.042  -5.186  1.00 15.49  ? 47  LYS B C   1 
ATOM   369  O O   . LYS A 1 47  ? 9.134   11.899  -4.454  1.00 15.42  ? 47  LYS B O   1 
ATOM   370  C CB  . LYS A 1 47  ? 8.942   12.091  -7.447  1.00 19.51  ? 47  LYS B CB  1 
ATOM   371  C CG  . LYS A 1 47  ? 10.081  11.178  -7.878  1.00 32.86  ? 47  LYS B CG  1 
ATOM   372  C CD  . LYS A 1 47  ? 11.133  11.954  -8.665  1.00 53.29  ? 47  LYS B CD  1 
ATOM   373  C CE  . LYS A 1 47  ? 12.358  11.098  -8.953  1.00 77.70  ? 47  LYS B CE  1 
ATOM   374  N NZ  . LYS A 1 47  ? 13.512  11.910  -9.433  1.00 73.31  ? 47  LYS B NZ  1 
ATOM   375  N N   . VAL A 1 48  ? 8.689   9.746   -4.893  1.00 16.69  ? 48  VAL B N   1 
ATOM   376  C CA  . VAL A 1 48  ? 9.390   9.287   -3.701  1.00 14.28  ? 48  VAL B CA  1 
ATOM   377  C C   . VAL A 1 48  ? 10.864  9.039   -4.017  1.00 16.05  ? 48  VAL B C   1 
ATOM   378  O O   . VAL A 1 48  ? 11.194  8.170   -4.827  1.00 19.03  ? 48  VAL B O   1 
ATOM   379  C CB  . VAL A 1 48  ? 8.759   8.021   -3.125  1.00 14.46  ? 48  VAL B CB  1 
ATOM   380  C CG1 . VAL A 1 48  ? 9.503   7.596   -1.858  1.00 19.35  ? 48  VAL B CG1 1 
ATOM   381  C CG2 . VAL A 1 48  ? 7.285   8.263   -2.836  1.00 20.56  ? 48  VAL B CG2 1 
ATOM   382  N N   . ILE A 1 49  ? 11.741  9.811   -3.374  1.00 11.93  ? 49  ILE B N   1 
ATOM   383  C CA  . ILE A 1 49  ? 13.175  9.768   -3.661  1.00 20.05  ? 49  ILE B CA  1 
ATOM   384  C C   . ILE A 1 49  ? 13.860  8.680   -2.843  1.00 22.84  ? 49  ILE B C   1 
ATOM   385  O O   . ILE A 1 49  ? 14.620  7.862   -3.365  1.00 17.74  ? 49  ILE B O   1 
ATOM   386  C CB  . ILE A 1 49  ? 13.863  11.104  -3.310  1.00 24.83  ? 49  ILE B CB  1 
ATOM   387  C CG1 . ILE A 1 49  ? 13.124  12.298  -3.929  1.00 23.11  ? 49  ILE B CG1 1 
ATOM   388  C CG2 . ILE A 1 49  ? 15.328  11.076  -3.738  1.00 27.98  ? 49  ILE B CG2 1 
ATOM   389  C CD1 . ILE A 1 49  ? 13.136  12.314  -5.430  1.00 29.62  ? 49  ILE B CD1 1 
ATOM   390  N N   . ARG A 1 50  ? 13.588  8.688   -1.545  1.00 13.36  ? 50  ARG B N   1 
ATOM   391  C CA  . ARG A 1 50  ? 14.230  7.752   -0.636  1.00 14.52  ? 50  ARG B CA  1 
ATOM   392  C C   . ARG A 1 50  ? 13.333  7.521   0.560   1.00 22.14  ? 50  ARG B C   1 
ATOM   393  O O   . ARG A 1 50  ? 12.649  8.436   1.015   1.00 13.67  ? 50  ARG B O   1 
ATOM   394  C CB  . ARG A 1 50  ? 15.566  8.315   -0.171  1.00 16.70  ? 50  ARG B CB  1 
ATOM   395  C CG  . ARG A 1 50  ? 16.232  7.501   0.921   1.00 32.91  ? 50  ARG B CG  1 
ATOM   396  C CD  . ARG A 1 50  ? 17.708  7.827   1.002   1.00 30.21  ? 50  ARG B CD  1 
ATOM   397  N NE  . ARG A 1 50  ? 18.459  6.749   1.634   1.00 25.59  ? 50  ARG B NE  1 
ATOM   398  C CZ  . ARG A 1 50  ? 19.733  6.472   1.373   1.00 36.21  ? 50  ARG B CZ  1 
ATOM   399  N NH1 . ARG A 1 50  ? 20.404  7.195   0.484   1.00 32.11  ? 50  ARG B NH1 1 
ATOM   400  N NH2 . ARG A 1 50  ? 20.333  5.470   1.999   1.00 40.30  ? 50  ARG B NH2 1 
ATOM   401  N N   . VAL A 1 51  ? 13.323  6.286   1.045   1.00 17.57  ? 51  VAL B N   1 
ATOM   402  C CA  . VAL A 1 51  ? 12.601  5.943   2.257   1.00 19.73  ? 51  VAL B CA  1 
ATOM   403  C C   . VAL A 1 51  ? 13.581  5.257   3.189   1.00 19.27  ? 51  VAL B C   1 
ATOM   404  O O   . VAL A 1 51  ? 14.292  4.343   2.777   1.00 21.31  ? 51  VAL B O   1 
ATOM   405  C CB  . VAL A 1 51  ? 11.452  4.972   1.970   1.00 17.74  ? 51  VAL B CB  1 
ATOM   406  C CG1 . VAL A 1 51  ? 10.717  4.628   3.266   1.00 16.89  ? 51  VAL B CG1 1 
ATOM   407  C CG2 . VAL A 1 51  ? 10.490  5.556   0.922   1.00 14.69  ? 51  VAL B CG2 1 
ATOM   408  N N   . GLU A 1 52  ? 13.629  5.702   4.440   1.00 13.67  ? 52  GLU B N   1 
ATOM   409  C CA  . GLU A 1 52  ? 14.478  5.066   5.439   1.00 23.54  ? 52  GLU B CA  1 
ATOM   410  C C   . GLU A 1 52  ? 13.607  4.647   6.604   1.00 24.02  ? 52  GLU B C   1 
ATOM   411  O O   . GLU A 1 52  ? 12.794  5.432   7.089   1.00 21.20  ? 52  GLU B O   1 
ATOM   412  C CB  . GLU A 1 52  ? 15.554  6.036   5.932   1.00 26.58  ? 52  GLU B CB  1 
ATOM   413  C CG  . GLU A 1 52  ? 16.614  6.382   4.901   1.00 34.42  ? 52  GLU B CG  1 
ATOM   414  C CD  . GLU A 1 52  ? 17.752  5.380   4.877   1.00 45.78  ? 52  GLU B CD  1 
ATOM   415  O OE1 . GLU A 1 52  ? 18.384  5.171   5.934   1.00 52.56  ? 52  GLU B OE1 1 
ATOM   416  O OE2 . GLU A 1 52  ? 18.018  4.806   3.800   1.00 37.02  ? 52  GLU B OE2 1 
ATOM   417  N N   . GLU A 1 53  ? 13.753  3.404   7.037   1.00 14.36  ? 53  GLU B N   1 
ATOM   418  C CA  . GLU A 1 53  ? 13.071  2.961   8.242   1.00 21.99  ? 53  GLU B CA  1 
ATOM   419  C C   . GLU A 1 53  ? 13.976  2.048   9.052   1.00 26.59  ? 53  GLU B C   1 
ATOM   420  O O   . GLU A 1 53  ? 14.472  1.038   8.551   1.00 29.31  ? 53  GLU B O   1 
ATOM   421  C CB  . GLU A 1 53  ? 11.744  2.276   7.917   1.00 23.00  ? 53  GLU B CB  1 
ATOM   422  C CG  . GLU A 1 53  ? 10.924  1.953   9.158   1.00 39.52  ? 53  GLU B CG  1 
ATOM   423  C CD  . GLU A 1 53  ? 9.548   1.414   8.833   1.00 71.15  ? 53  GLU B CD  1 
ATOM   424  O OE1 . GLU A 1 53  ? 9.227   1.285   7.632   1.00 70.38  ? 53  GLU B OE1 1 
ATOM   425  O OE2 . GLU A 1 53  ? 8.788   1.122   9.781   1.00 80.60  ? 53  GLU B OE2 1 
ATOM   426  N N   . ASP A 1 54  ? 14.197  2.425   10.305  1.00 20.25  ? 54  ASP B N   1 
ATOM   427  C CA  . ASP A 1 54  ? 15.087  1.687   11.196  1.00 25.85  ? 54  ASP B CA  1 
ATOM   428  C C   . ASP A 1 54  ? 14.347  1.328   12.481  1.00 31.44  ? 54  ASP B C   1 
ATOM   429  O O   . ASP A 1 54  ? 13.844  2.207   13.181  1.00 32.70  ? 54  ASP B O   1 
ATOM   430  C CB  . ASP A 1 54  ? 16.310  2.546   11.517  1.00 30.44  ? 54  ASP B CB  1 
ATOM   431  C CG  . ASP A 1 54  ? 17.348  1.809   12.338  1.00 56.34  ? 54  ASP B CG  1 
ATOM   432  O OD1 . ASP A 1 54  ? 17.179  0.594   12.573  1.00 43.74  ? 54  ASP B OD1 1 
ATOM   433  O OD2 . ASP A 1 54  ? 18.341  2.451   12.746  1.00 56.05  ? 54  ASP B OD2 1 
ATOM   434  N N   . LYS A 1 55  ? 14.265  0.038   12.784  1.00 17.94  ? 55  LYS B N   1 
ATOM   435  C CA  . LYS A 1 55  ? 13.604  -0.408  14.003  1.00 30.76  ? 55  LYS B CA  1 
ATOM   436  C C   . LYS A 1 55  ? 14.623  -1.104  14.894  1.00 28.97  ? 55  LYS B C   1 
ATOM   437  O O   . LYS A 1 55  ? 15.267  -2.060  14.475  1.00 22.25  ? 55  LYS B O   1 
ATOM   438  C CB  . LYS A 1 55  ? 12.439  -1.343  13.675  1.00 28.49  ? 55  LYS B CB  1 
ATOM   439  C CG  . LYS A 1 55  ? 11.310  -0.667  12.901  1.00 50.32  ? 55  LYS B CG  1 
ATOM   440  C CD  . LYS A 1 55  ? 10.197  -1.647  12.557  1.00 64.38  ? 55  LYS B CD  1 
ATOM   441  C CE  . LYS A 1 55  ? 10.639  -2.652  11.500  1.00 72.60  ? 55  LYS B CE  1 
ATOM   442  N NZ  . LYS A 1 55  ? 10.861  -2.016  10.168  1.00 62.89  ? 55  LYS B NZ  1 
ATOM   443  N N   . LEU A 1 56  ? 14.776  -0.613  16.116  1.00 30.32  ? 56  LEU B N   1 
ATOM   444  C CA  . LEU A 1 56  ? 15.832  -1.099  16.993  1.00 35.22  ? 56  LEU B CA  1 
ATOM   445  C C   . LEU A 1 56  ? 15.263  -1.652  18.296  1.00 46.55  ? 56  LEU B C   1 
ATOM   446  O O   . LEU A 1 56  ? 14.442  -1.006  18.947  1.00 54.57  ? 56  LEU B O   1 
ATOM   447  C CB  . LEU A 1 56  ? 16.825  0.026   17.282  1.00 36.79  ? 56  LEU B CB  1 
ATOM   448  C CG  . LEU A 1 56  ? 18.294  -0.387  17.358  1.00 52.62  ? 56  LEU B CG  1 
ATOM   449  C CD1 . LEU A 1 56  ? 19.182  0.840   17.489  1.00 70.72  ? 56  LEU B CD1 1 
ATOM   450  C CD2 . LEU A 1 56  ? 18.532  -1.362  18.504  1.00 65.70  ? 56  LEU B CD2 1 
ATOM   451  N N   . ASN A 1 57  ? 15.701  -2.852  18.663  1.00 33.26  ? 57  ASN B N   1 
ATOM   452  C CA  . ASN A 1 57  ? 15.263  -3.485  19.900  1.00 56.67  ? 57  ASN B CA  1 
ATOM   453  C C   . ASN A 1 57  ? 15.579  -2.606  21.107  1.00 39.55  ? 57  ASN B C   1 
ATOM   454  O O   . ASN A 1 57  ? 16.727  -2.531  21.543  1.00 39.08  ? 57  ASN B O   1 
ATOM   455  C CB  . ASN A 1 57  ? 15.913  -4.853  20.053  1.00 54.71  ? 57  ASN B CB  1 
ATOM   456  N N   . PRO A 1 58  ? 14.553  -1.945  21.634  1.00 48.10  ? 58  PRO B N   1 
ATOM   457  C CA  . PRO A 1 58  ? 14.696  -1.064  22.786  1.00 69.91  ? 58  PRO B CA  1 
ATOM   458  C C   . PRO A 1 58  ? 13.355  -0.431  23.139  1.00 73.35  ? 58  PRO B C   1 
ATOM   459  O O   . PRO A 1 58  ? 12.732  0.231   22.308  1.00 62.12  ? 58  PRO B O   1 
ATOM   460  C CB  . PRO A 1 58  ? 15.735  0.015   22.513  1.00 78.49  ? 58  PRO B CB  1 
ATOM   461  N N   . GLU A 1 65  ? 13.161  4.681   24.237  1.00 54.04  ? 65  GLU B N   1 
ATOM   462  C CA  . GLU A 1 65  ? 11.794  4.207   24.055  1.00 57.68  ? 65  GLU B CA  1 
ATOM   463  C C   . GLU A 1 65  ? 11.170  4.816   22.802  1.00 70.15  ? 65  GLU B C   1 
ATOM   464  O O   . GLU A 1 65  ? 10.855  4.110   21.843  1.00 55.24  ? 65  GLU B O   1 
ATOM   465  C CB  . GLU A 1 65  ? 10.952  4.534   25.281  1.00 46.56  ? 65  GLU B CB  1 
ATOM   466  N N   . GLU A 1 66  ? 10.992  6.133   22.820  1.00 88.25  ? 66  GLU B N   1 
ATOM   467  C CA  . GLU A 1 66  ? 10.465  6.862   21.671  1.00 70.82  ? 66  GLU B CA  1 
ATOM   468  C C   . GLU A 1 66  ? 11.416  6.777   20.479  1.00 56.88  ? 66  GLU B C   1 
ATOM   469  O O   . GLU A 1 66  ? 11.077  7.186   19.367  1.00 52.50  ? 66  GLU B O   1 
ATOM   470  C CB  . GLU A 1 66  ? 10.211  8.321   22.051  1.00 63.82  ? 66  GLU B CB  1 
ATOM   471  C CG  . GLU A 1 66  ? 11.053  8.791   23.230  1.00 66.82  ? 66  GLU B CG  1 
ATOM   472  C CD  . GLU A 1 66  ? 10.954  10.283  23.476  1.00 84.55  ? 66  GLU B CD  1 
ATOM   473  O OE1 . GLU A 1 66  ? 11.369  11.060  22.592  1.00 88.81  ? 66  GLU B OE1 1 
ATOM   474  O OE2 . GLU A 1 66  ? 10.478  10.679  24.562  1.00 73.17  ? 66  GLU B OE2 1 
ATOM   475  N N   . LEU A 1 67  ? 12.610  6.241   20.722  1.00 47.88  ? 67  LEU B N   1 
ATOM   476  C CA  . LEU A 1 67  ? 13.608  6.068   19.673  1.00 48.29  ? 67  LEU B CA  1 
ATOM   477  C C   . LEU A 1 67  ? 13.646  4.630   19.152  1.00 52.32  ? 67  LEU B C   1 
ATOM   478  O O   . LEU A 1 67  ? 14.575  4.243   18.443  1.00 43.13  ? 67  LEU B O   1 
ATOM   479  C CB  . LEU A 1 67  ? 14.984  6.491   20.173  1.00 51.75  ? 67  LEU B CB  1 
ATOM   480  N N   . ARG A 1 68  ? 12.632  3.843   19.503  1.00 40.40  ? 68  ARG B N   1 
ATOM   481  C CA  . ARG A 1 68  ? 12.547  2.461   19.041  1.00 29.42  ? 68  ARG B CA  1 
ATOM   482  C C   . ARG A 1 68  ? 12.371  2.402   17.526  1.00 47.85  ? 68  ARG B C   1 
ATOM   483  O O   . ARG A 1 68  ? 12.851  1.476   16.868  1.00 32.34  ? 68  ARG B O   1 
ATOM   484  C CB  . ARG A 1 68  ? 11.395  1.727   19.733  1.00 39.39  ? 68  ARG B CB  1 
ATOM   485  N N   . THR A 1 69  ? 11.679  3.396   16.979  1.00 31.40  ? 69  THR B N   1 
ATOM   486  C CA  . THR A 1 69  ? 11.419  3.445   15.547  1.00 31.29  ? 69  THR B CA  1 
ATOM   487  C C   . THR A 1 69  ? 11.895  4.758   14.935  1.00 34.84  ? 69  THR B C   1 
ATOM   488  O O   . THR A 1 69  ? 11.706  5.832   15.510  1.00 33.61  ? 69  THR B O   1 
ATOM   489  C CB  . THR A 1 69  ? 9.921   3.263   15.247  1.00 43.19  ? 69  THR B CB  1 
ATOM   490  O OG1 . THR A 1 69  ? 9.503   1.963   15.683  1.00 59.86  ? 69  THR B OG1 1 
ATOM   491  C CG2 . THR A 1 69  ? 9.654   3.401   13.754  1.00 47.86  ? 69  THR B CG2 1 
ATOM   492  N N   . PHE A 1 70  ? 12.523  4.666   13.769  1.00 20.35  ? 70  PHE B N   1 
ATOM   493  C CA  . PHE A 1 70  ? 12.940  5.852   13.039  1.00 21.61  ? 70  PHE B CA  1 
ATOM   494  C C   . PHE A 1 70  ? 12.489  5.706   11.597  1.00 22.60  ? 70  PHE B C   1 
ATOM   495  O O   . PHE A 1 70  ? 12.651  4.650   11.005  1.00 17.96  ? 70  PHE B O   1 
ATOM   496  C CB  . PHE A 1 70  ? 14.458  6.011   13.114  1.00 29.54  ? 70  PHE B CB  1 
ATOM   497  C CG  . PHE A 1 70  ? 14.998  7.111   12.248  1.00 33.44  ? 70  PHE B CG  1 
ATOM   498  C CD1 . PHE A 1 70  ? 15.013  8.421   12.701  1.00 28.52  ? 70  PHE B CD1 1 
ATOM   499  C CD2 . PHE A 1 70  ? 15.494  6.835   10.982  1.00 30.74  ? 70  PHE B CD2 1 
ATOM   500  C CE1 . PHE A 1 70  ? 15.514  9.438   11.906  1.00 43.05  ? 70  PHE B CE1 1 
ATOM   501  C CE2 . PHE A 1 70  ? 15.995  7.847   10.182  1.00 36.85  ? 70  PHE B CE2 1 
ATOM   502  C CZ  . PHE A 1 70  ? 16.007  9.151   10.649  1.00 34.17  ? 70  PHE B CZ  1 
ATOM   503  N N   . GLY A 1 71  ? 11.913  6.759   11.033  1.00 16.39  ? 71  GLY B N   1 
ATOM   504  C CA  . GLY A 1 71  ? 11.444  6.702   9.658   1.00 17.02  ? 71  GLY B CA  1 
ATOM   505  C C   . GLY A 1 71  ? 11.479  8.069   9.007   1.00 18.44  ? 71  GLY B C   1 
ATOM   506  O O   . GLY A 1 71  ? 11.135  9.066   9.640   1.00 22.01  ? 71  GLY B O   1 
ATOM   507  N N   . MET A 1 72  ? 11.919  8.114   7.753   1.00 19.22  ? 72  MET B N   1 
ATOM   508  C CA  . MET A 1 72  ? 12.000  9.360   6.994   1.00 19.15  ? 72  MET B CA  1 
ATOM   509  C C   . MET A 1 72  ? 11.724  9.069   5.524   1.00 13.24  ? 72  MET B C   1 
ATOM   510  O O   . MET A 1 72  ? 12.133  8.032   5.001   1.00 14.91  ? 72  MET B O   1 
ATOM   511  C CB  . MET A 1 72  ? 13.391  9.981   7.112   1.00 23.52  ? 72  MET B CB  1 
ATOM   512  C CG  . MET A 1 72  ? 14.031  9.886   8.487   1.00 37.39  ? 72  MET B CG  1 
ATOM   513  S SD  . MET A 1 72  ? 13.335  11.007  9.720   1.00 50.79  ? 72  MET B SD  1 
ATOM   514  C CE  . MET A 1 72  ? 12.972  12.405  8.697   1.00 3.75   ? 72  MET B CE  1 
ATOM   515  N N   . ILE A 1 73  ? 11.029  9.984   4.860   1.00 13.45  ? 73  ILE B N   1 
ATOM   516  C CA  . ILE A 1 73  ? 10.765  9.860   3.428   1.00 11.71  ? 73  ILE B CA  1 
ATOM   517  C C   . ILE A 1 73  ? 11.215  11.140  2.733   1.00 18.22  ? 73  ILE B C   1 
ATOM   518  O O   . ILE A 1 73  ? 10.777  12.229  3.100   1.00 19.28  ? 73  ILE B O   1 
ATOM   519  C CB  . ILE A 1 73  ? 9.264   9.649   3.144   1.00 21.04  ? 73  ILE B CB  1 
ATOM   520  C CG1 . ILE A 1 73  ? 8.738   8.397   3.857   1.00 15.02  ? 73  ILE B CG1 1 
ATOM   521  C CG2 . ILE A 1 73  ? 9.001   9.541   1.644   1.00 16.54  ? 73  ILE B CG2 1 
ATOM   522  C CD1 . ILE A 1 73  ? 8.087   8.681   5.186   1.00 16.53  ? 73  ILE B CD1 1 
ATOM   523  N N   . VAL A 1 74  ? 12.100  11.018  1.748   1.00 14.65  ? 74  VAL B N   1 
ATOM   524  C CA  . VAL A 1 74  ? 12.465  12.167  0.925   1.00 14.32  ? 74  VAL B CA  1 
ATOM   525  C C   . VAL A 1 74  ? 11.564  12.173  -0.306  1.00 12.43  ? 74  VAL B C   1 
ATOM   526  O O   . VAL A 1 74  ? 11.504  11.195  -1.049  1.00 17.36  ? 74  VAL B O   1 
ATOM   527  C CB  . VAL A 1 74  ? 13.940  12.145  0.496   1.00 16.07  ? 74  VAL B CB  1 
ATOM   528  C CG1 . VAL A 1 74  ? 14.317  13.468  -0.181  1.00 14.53  ? 74  VAL B CG1 1 
ATOM   529  C CG2 . VAL A 1 74  ? 14.833  11.885  1.701   1.00 22.60  ? 74  VAL B CG2 1 
ATOM   530  N N   . LEU A 1 75  ? 10.854  13.279  -0.493  1.00 15.96  ? 75  LEU B N   1 
ATOM   531  C CA  . LEU A 1 75  ? 9.856   13.406  -1.545  1.00 16.71  ? 75  LEU B CA  1 
ATOM   532  C C   . LEU A 1 75  ? 10.134  14.614  -2.427  1.00 16.42  ? 75  LEU B C   1 
ATOM   533  O O   . LEU A 1 75  ? 10.757  15.586  -2.000  1.00 14.93  ? 75  LEU B O   1 
ATOM   534  C CB  . LEU A 1 75  ? 8.472   13.610  -0.924  1.00 19.23  ? 75  LEU B CB  1 
ATOM   535  C CG  . LEU A 1 75  ? 7.873   12.494  -0.083  1.00 22.96  ? 75  LEU B CG  1 
ATOM   536  C CD1 . LEU A 1 75  ? 6.527   12.924  0.437   1.00 14.04  ? 75  LEU B CD1 1 
ATOM   537  C CD2 . LEU A 1 75  ? 7.751   11.237  -0.926  1.00 30.15  ? 75  LEU B CD2 1 
ATOM   538  N N   . GLU A 1 76  ? 9.647   14.552  -3.659  1.00 19.45  ? 76  GLU B N   1 
ATOM   539  C CA  . GLU A 1 76  ? 9.540   15.743  -4.484  1.00 19.79  ? 76  GLU B CA  1 
ATOM   540  C C   . GLU A 1 76  ? 8.078   15.979  -4.811  1.00 18.60  ? 76  GLU B C   1 
ATOM   541  O O   . GLU A 1 76  ? 7.407   15.091  -5.325  1.00 19.13  ? 76  GLU B O   1 
ATOM   542  C CB  . GLU A 1 76  ? 10.358  15.600  -5.764  1.00 20.89  ? 76  GLU B CB  1 
ATOM   543  C CG  . GLU A 1 76  ? 11.820  15.930  -5.575  1.00 33.67  ? 76  GLU B CG  1 
ATOM   544  C CD  . GLU A 1 76  ? 12.554  16.073  -6.886  1.00 41.95  ? 76  GLU B CD  1 
ATOM   545  O OE1 . GLU A 1 76  ? 12.174  15.389  -7.862  1.00 42.07  ? 76  GLU B OE1 1 
ATOM   546  O OE2 . GLU A 1 76  ? 13.513  16.868  -6.936  1.00 44.23  ? 76  GLU B OE2 1 
ATOM   547  N N   . SER A 1 77  ? 7.582   17.171  -4.494  1.00 17.03  ? 77  SER B N   1 
ATOM   548  C CA  . SER A 1 77  ? 6.178   17.498  -4.744  1.00 18.32  ? 77  SER B CA  1 
ATOM   549  C C   . SER A 1 77  ? 6.051   18.790  -5.537  1.00 24.90  ? 77  SER B C   1 
ATOM   550  O O   . SER A 1 77  ? 6.888   19.682  -5.405  1.00 18.03  ? 77  SER B O   1 
ATOM   551  C CB  . SER A 1 77  ? 5.428   17.645  -3.419  1.00 15.52  ? 77  SER B CB  1 
ATOM   552  O OG  . SER A 1 77  ? 4.259   18.425  -3.570  1.00 20.19  ? 77  SER B OG  1 
ATOM   553  N N   . PRO A 1 78  ? 4.991   18.903  -6.356  1.00 22.18  ? 78  PRO B N   1 
ATOM   554  C CA  . PRO A 1 78  ? 4.704   20.153  -7.063  1.00 26.36  ? 78  PRO B CA  1 
ATOM   555  C C   . PRO A 1 78  ? 4.292   21.252  -6.095  1.00 27.54  ? 78  PRO B C   1 
ATOM   556  O O   . PRO A 1 78  ? 4.277   22.419  -6.480  1.00 30.04  ? 78  PRO B O   1 
ATOM   557  C CB  . PRO A 1 78  ? 3.508   19.790  -7.960  1.00 23.58  ? 78  PRO B CB  1 
ATOM   558  C CG  . PRO A 1 78  ? 3.430   18.311  -7.958  1.00 31.50  ? 78  PRO B CG  1 
ATOM   559  C CD  . PRO A 1 78  ? 4.003   17.856  -6.662  1.00 21.83  ? 78  PRO B CD  1 
ATOM   560  N N   . TYR A 1 79  ? 3.954   20.878  -4.863  1.00 18.76  ? 79  TYR B N   1 
ATOM   561  C CA  . TYR A 1 79  ? 3.442   21.831  -3.876  1.00 14.44  ? 79  TYR B CA  1 
ATOM   562  C C   . TYR A 1 79  ? 4.420   22.056  -2.722  1.00 22.81  ? 79  TYR B C   1 
ATOM   563  O O   . TYR A 1 79  ? 5.361   21.282  -2.534  1.00 22.38  ? 79  TYR B O   1 
ATOM   564  C CB  . TYR A 1 79  ? 2.094   21.355  -3.320  1.00 21.56  ? 79  TYR B CB  1 
ATOM   565  C CG  . TYR A 1 79  ? 1.171   20.761  -4.363  1.00 24.77  ? 79  TYR B CG  1 
ATOM   566  C CD1 . TYR A 1 79  ? 0.675   21.535  -5.400  1.00 24.31  ? 79  TYR B CD1 1 
ATOM   567  C CD2 . TYR A 1 79  ? 0.791   19.427  -4.306  1.00 18.98  ? 79  TYR B CD2 1 
ATOM   568  C CE1 . TYR A 1 79  ? -0.163  21.000  -6.354  1.00 19.90  ? 79  TYR B CE1 1 
ATOM   569  C CE2 . TYR A 1 79  ? -0.050  18.885  -5.257  1.00 26.67  ? 79  TYR B CE2 1 
ATOM   570  C CZ  . TYR A 1 79  ? -0.525  19.679  -6.278  1.00 22.07  ? 79  TYR B CZ  1 
ATOM   571  O OH  . TYR A 1 79  ? -1.356  19.138  -7.232  1.00 26.03  ? 79  TYR B OH  1 
ATOM   572  N N   . GLY A 1 80  ? 4.190   23.121  -1.953  1.00 24.10  ? 80  GLY B N   1 
ATOM   573  C CA  . GLY A 1 80  ? 5.002   23.410  -0.781  1.00 22.73  ? 80  GLY B CA  1 
ATOM   574  C C   . GLY A 1 80  ? 4.866   22.310  0.262   1.00 31.84  ? 80  GLY B C   1 
ATOM   575  O O   . GLY A 1 80  ? 3.970   21.474  0.164   1.00 19.55  ? 80  GLY B O   1 
ATOM   576  N N   . LYS A 1 81  ? 5.742   22.300  1.261   1.00 22.21  ? 81  LYS B N   1 
ATOM   577  C CA  . LYS A 1 81  ? 5.737   21.209  2.234   1.00 26.45  ? 81  LYS B CA  1 
ATOM   578  C C   . LYS A 1 81  ? 4.471   21.179  3.084   1.00 22.29  ? 81  LYS B C   1 
ATOM   579  O O   . LYS A 1 81  ? 3.898   20.114  3.314   1.00 19.74  ? 81  LYS B O   1 
ATOM   580  C CB  . LYS A 1 81  ? 6.976   21.249  3.135   1.00 22.01  ? 81  LYS B CB  1 
ATOM   581  C CG  . LYS A 1 81  ? 7.020   20.108  4.145   1.00 22.94  ? 81  LYS B CG  1 
ATOM   582  C CD  . LYS A 1 81  ? 8.330   20.072  4.931   1.00 30.31  ? 81  LYS B CD  1 
ATOM   583  C CE  . LYS A 1 81  ? 8.280   19.005  6.016   1.00 18.99  ? 81  LYS B CE  1 
ATOM   584  N NZ  . LYS A 1 81  ? 9.614   18.719  6.639   1.00 17.13  ? 81  LYS B NZ  1 
ATOM   585  N N   . SER A 1 82  ? 4.042   22.346  3.555   1.00 21.17  ? 82  SER B N   1 
ATOM   586  C CA  . SER A 1 82  ? 2.870   22.436  4.418   1.00 23.08  ? 82  SER B CA  1 
ATOM   587  C C   . SER A 1 82  ? 1.612   21.891  3.739   1.00 25.28  ? 82  SER B C   1 
ATOM   588  O O   . SER A 1 82  ? 0.855   21.130  4.346   1.00 16.24  ? 82  SER B O   1 
ATOM   589  C CB  . SER A 1 82  ? 2.646   23.880  4.870   1.00 34.12  ? 82  SER B CB  1 
ATOM   590  O OG  . SER A 1 82  ? 1.359   24.031  5.435   1.00 43.98  ? 82  SER B OG  1 
ATOM   591  N N   . LYS A 1 83  ? 1.396   22.281  2.484   1.00 22.61  ? 83  LYS B N   1 
ATOM   592  C CA  . LYS A 1 83  ? 0.266   21.775  1.701   1.00 23.79  ? 83  LYS B CA  1 
ATOM   593  C C   . LYS A 1 83  ? 0.414   20.283  1.372   1.00 21.64  ? 83  LYS B C   1 
ATOM   594  O O   . LYS A 1 83  ? -0.560  19.524  1.404   1.00 13.70  ? 83  LYS B O   1 
ATOM   595  C CB  . LYS A 1 83  ? 0.106   22.576  0.402   1.00 24.25  ? 83  LYS B CB  1 
ATOM   596  C CG  . LYS A 1 83  ? -1.037  22.095  -0.484  1.00 21.77  ? 83  LYS B CG  1 
ATOM   597  C CD  . LYS A 1 83  ? -1.209  22.968  -1.716  1.00 32.68  ? 83  LYS B CD  1 
ATOM   598  C CE  . LYS A 1 83  ? -1.622  24.388  -1.340  1.00 47.65  ? 83  LYS B CE  1 
ATOM   599  N NZ  . LYS A 1 83  ? -1.660  25.310  -2.519  1.00 40.55  ? 83  LYS B NZ  1 
ATOM   600  N N   . SER A 1 84  ? 1.633   19.867  1.041   1.00 14.99  ? 84  SER B N   1 
ATOM   601  C CA  . SER A 1 84  ? 1.895   18.460  0.767   1.00 15.70  ? 84  SER B CA  1 
ATOM   602  C C   . SER A 1 84  ? 1.559   17.584  1.976   1.00 9.66   ? 84  SER B C   1 
ATOM   603  O O   . SER A 1 84  ? 0.968   16.515  1.830   1.00 14.08  ? 84  SER B O   1 
ATOM   604  C CB  . SER A 1 84  ? 3.355   18.268  0.351   1.00 13.79  ? 84  SER B CB  1 
ATOM   605  O OG  . SER A 1 84  ? 3.601   18.935  -0.877  1.00 17.81  ? 84  SER B OG  1 
ATOM   606  N N   . LEU A 1 85  ? 1.959   18.033  3.161   1.00 13.39  ? 85  LEU B N   1 
ATOM   607  C CA  . LEU A 1 85  ? 1.703   17.297  4.400   1.00 15.14  ? 85  LEU B CA  1 
ATOM   608  C C   . LEU A 1 85  ? 0.217   17.167  4.682   1.00 10.16  ? 85  LEU B C   1 
ATOM   609  O O   . LEU A 1 85  ? -0.249  16.123  5.123   1.00 15.34  ? 85  LEU B O   1 
ATOM   610  C CB  . LEU A 1 85  ? 2.369   17.987  5.591   1.00 12.08  ? 85  LEU B CB  1 
ATOM   611  C CG  . LEU A 1 85  ? 3.891   17.915  5.668   1.00 18.67  ? 85  LEU B CG  1 
ATOM   612  C CD1 . LEU A 1 85  ? 4.395   18.683  6.885   1.00 29.09  ? 85  LEU B CD1 1 
ATOM   613  C CD2 . LEU A 1 85  ? 4.330   16.474  5.716   1.00 18.34  ? 85  LEU B CD2 1 
ATOM   614  N N   . LYS A 1 86  ? -0.521  18.241  4.443   1.00 12.48  ? 86  LYS B N   1 
ATOM   615  C CA  . LYS A 1 86  ? -1.971  18.214  4.618   1.00 16.03  ? 86  LYS B CA  1 
ATOM   616  C C   . LYS A 1 86  ? -2.641  17.228  3.675   1.00 16.23  ? 86  LYS B C   1 
ATOM   617  O O   . LYS A 1 86  ? -3.537  16.497  4.087   1.00 15.18  ? 86  LYS B O   1 
ATOM   618  C CB  . LYS A 1 86  ? -2.576  19.613  4.453   1.00 17.38  ? 86  LYS B CB  1 
ATOM   619  C CG  . LYS A 1 86  ? -2.074  20.591  5.514   1.00 30.36  ? 86  LYS B CG  1 
ATOM   620  C CD  . LYS A 1 86  ? -2.704  21.974  5.395   1.00 76.44  ? 86  LYS B CD  1 
ATOM   621  C CE  . LYS A 1 86  ? -2.113  22.933  6.429   1.00 20.71  ? 86  LYS B CE  1 
ATOM   622  N NZ  . LYS A 1 86  ? -2.758  24.272  6.375   1.00 64.14  ? 86  LYS B NZ  1 
ATOM   623  N N   . LEU A 1 87  ? -2.203  17.200  2.416   1.00 10.81  ? 87  LEU B N   1 
ATOM   624  C CA  . LEU A 1 87  ? -2.754  16.255  1.437   1.00 16.55  ? 87  LEU B CA  1 
ATOM   625  C C   . LEU A 1 87  ? -2.423  14.813  1.807   1.00 8.64   ? 87  LEU B C   1 
ATOM   626  O O   . LEU A 1 87  ? -3.256  13.918  1.655   1.00 10.34  ? 87  LEU B O   1 
ATOM   627  C CB  . LEU A 1 87  ? -2.226  16.552  0.036   1.00 13.09  ? 87  LEU B CB  1 
ATOM   628  C CG  . LEU A 1 87  ? -2.598  17.920  -0.536  1.00 13.10  ? 87  LEU B CG  1 
ATOM   629  C CD1 . LEU A 1 87  ? -1.771  18.220  -1.785  1.00 16.20  ? 87  LEU B CD1 1 
ATOM   630  C CD2 . LEU A 1 87  ? -4.090  17.981  -0.835  1.00 20.74  ? 87  LEU B CD2 1 
ATOM   631  N N   . ILE A 1 88  ? -1.201  14.596  2.284   1.00 12.04  ? 88  ILE B N   1 
ATOM   632  C CA  . ILE A 1 88  ? -0.771  13.275  2.709   1.00 9.81   ? 88  ILE B CA  1 
ATOM   633  C C   . ILE A 1 88  ? -1.631  12.776  3.881   1.00 11.35  ? 88  ILE B C   1 
ATOM   634  O O   . ILE A 1 88  ? -2.148  11.658  3.860   1.00 11.06  ? 88  ILE B O   1 
ATOM   635  C CB  . ILE A 1 88  ? 0.732   13.286  3.090   1.00 11.63  ? 88  ILE B CB  1 
ATOM   636  C CG1 . ILE A 1 88  ? 1.591   13.425  1.829   1.00 11.37  ? 88  ILE B CG1 1 
ATOM   637  C CG2 . ILE A 1 88  ? 1.103   12.021  3.850   1.00 15.26  ? 88  ILE B CG2 1 
ATOM   638  C CD1 . ILE A 1 88  ? 3.085   13.553  2.092   1.00 10.79  ? 88  ILE B CD1 1 
ATOM   639  N N   . ALA A 1 89  ? -1.801  13.624  4.888   1.00 10.61  ? 89  ALA B N   1 
ATOM   640  C CA  . ALA A 1 89  ? -2.663  13.309  6.029   1.00 10.33  ? 89  ALA B CA  1 
ATOM   641  C C   . ALA A 1 89  ? -4.104  12.960  5.628   1.00 15.36  ? 89  ALA B C   1 
ATOM   642  O O   . ALA A 1 89  ? -4.692  12.004  6.144   1.00 10.76  ? 89  ALA B O   1 
ATOM   643  C CB  . ALA A 1 89  ? -2.653  14.460  7.015   1.00 11.17  ? 89  ALA B CB  1 
ATOM   644  N N   . GLN A 1 90  ? -4.677  13.742  4.716   1.00 11.84  ? 90  GLN B N   1 
ATOM   645  C CA  . GLN A 1 90  ? -6.029  13.476  4.224   1.00 14.41  ? 90  GLN B CA  1 
ATOM   646  C C   . GLN A 1 90  ? -6.098  12.151  3.465   1.00 18.43  ? 90  GLN B C   1 
ATOM   647  O O   . GLN A 1 90  ? -7.046  11.372  3.634   1.00 17.09  ? 90  GLN B O   1 
ATOM   648  C CB  . GLN A 1 90  ? -6.519  14.641  3.353   1.00 17.69  ? 90  GLN B CB  1 
ATOM   649  C CG  . GLN A 1 90  ? -6.677  15.951  4.145   1.00 18.04  ? 90  GLN B CG  1 
ATOM   650  C CD  . GLN A 1 90  ? -6.891  17.171  3.263   1.00 30.09  ? 90  GLN B CD  1 
ATOM   651  O OE1 . GLN A 1 90  ? -6.373  17.250  2.149   1.00 29.63  ? 90  GLN B OE1 1 
ATOM   652  N NE2 . GLN A 1 90  ? -7.650  18.134  3.768   1.00 28.15  ? 90  GLN B NE2 1 
ATOM   653  N N   . LYS A 1 91  ? -5.095  11.886  2.636   1.00 14.20  ? 91  LYS B N   1 
ATOM   654  C CA  . LYS A 1 91  ? -5.062  10.627  1.892   1.00 9.80   ? 91  LYS B CA  1 
ATOM   655  C C   . LYS A 1 91  ? -4.995  9.408   2.832   1.00 12.91  ? 91  LYS B C   1 
ATOM   656  O O   . LYS A 1 91  ? -5.687  8.413   2.615   1.00 15.19  ? 91  LYS B O   1 
ATOM   657  C CB  . LYS A 1 91  ? -3.914  10.630  0.875   1.00 16.03  ? 91  LYS B CB  1 
ATOM   658  C CG  . LYS A 1 91  ? -4.035  9.570   -0.192  1.00 27.79  ? 91  LYS B CG  1 
ATOM   659  C CD  . LYS A 1 91  ? -5.388  9.636   -0.881  1.00 26.26  ? 91  LYS B CD  1 
ATOM   660  C CE  . LYS A 1 91  ? -5.477  10.810  -1.839  1.00 30.74  ? 91  LYS B CE  1 
ATOM   661  N NZ  . LYS A 1 91  ? -6.792  10.851  -2.543  1.00 47.77  ? 91  LYS B NZ  1 
ATOM   662  N N   . ILE A 1 92  ? -4.187  9.496   3.887   1.00 13.17  ? 92  ILE B N   1 
ATOM   663  C CA  . ILE A 1 92  ? -4.072  8.402   4.854   1.00 13.23  ? 92  ILE B CA  1 
ATOM   664  C C   . ILE A 1 92  ? -5.401  8.147   5.561   1.00 13.04  ? 92  ILE B C   1 
ATOM   665  O O   . ILE A 1 92  ? -5.821  7.001   5.705   1.00 13.47  ? 92  ILE B O   1 
ATOM   666  C CB  . ILE A 1 92  ? -2.943  8.656   5.884   1.00 14.04  ? 92  ILE B CB  1 
ATOM   667  C CG1 . ILE A 1 92  ? -1.583  8.617   5.185   1.00 8.07   ? 92  ILE B CG1 1 
ATOM   668  C CG2 . ILE A 1 92  ? -2.987  7.624   7.000   1.00 10.26  ? 92  ILE B CG2 1 
ATOM   669  C CD1 . ILE A 1 92  ? -0.394  8.895   6.080   1.00 12.73  ? 92  ILE B CD1 1 
ATOM   670  N N   . ARG A 1 93  ? -6.077  9.215   5.981   1.00 14.69  ? 93  ARG B N   1 
ATOM   671  C CA  . ARG A 1 93  ? -7.384  9.057   6.609   1.00 17.91  ? 93  ARG B CA  1 
ATOM   672  C C   . ARG A 1 93  ? -8.328  8.324   5.658   1.00 22.60  ? 93  ARG B C   1 
ATOM   673  O O   . ARG A 1 93  ? -9.084  7.430   6.062   1.00 17.16  ? 93  ARG B O   1 
ATOM   674  C CB  . ARG A 1 93  ? -7.968  10.415  6.994   1.00 18.20  ? 93  ARG B CB  1 
ATOM   675  C CG  . ARG A 1 93  ? -9.421  10.349  7.453   1.00 22.44  ? 93  ARG B CG  1 
ATOM   676  C CD  . ARG A 1 93  ? -9.892  11.682  8.033   1.00 25.79  ? 93  ARG B CD  1 
ATOM   677  N NE  . ARG A 1 93  ? -9.229  12.013  9.296   1.00 28.91  ? 93  ARG B NE  1 
ATOM   678  C CZ  . ARG A 1 93  ? -8.215  12.865  9.414   1.00 31.53  ? 93  ARG B CZ  1 
ATOM   679  N NH1 . ARG A 1 93  ? -7.733  13.483  8.342   1.00 21.89  ? 93  ARG B NH1 1 
ATOM   680  N NH2 . ARG A 1 93  ? -7.682  13.097  10.605  1.00 29.42  ? 93  ARG B NH2 1 
ATOM   681  N N   . GLU A 1 94  ? -8.262  8.695   4.385   1.00 15.58  ? 94  GLU B N   1 
ATOM   682  C CA  . GLU A 1 94  ? -9.120  8.087   3.370   1.00 23.72  ? 94  GLU B CA  1 
ATOM   683  C C   . GLU A 1 94  ? -8.788  6.598   3.187   1.00 19.96  ? 94  GLU B C   1 
ATOM   684  O O   . GLU A 1 94  ? -9.685  5.763   3.071   1.00 24.46  ? 94  GLU B O   1 
ATOM   685  C CB  . GLU A 1 94  ? -8.991  8.852   2.047   1.00 20.36  ? 94  GLU B CB  1 
ATOM   686  C CG  . GLU A 1 94  ? -9.824  8.286   0.906   1.00 33.49  ? 94  GLU B CG  1 
ATOM   687  C CD  . GLU A 1 94  ? -9.421  8.855   -0.443  1.00 47.64  ? 94  GLU B CD  1 
ATOM   688  O OE1 . GLU A 1 94  ? -8.891  9.985   -0.482  1.00 42.29  ? 94  GLU B OE1 1 
ATOM   689  O OE2 . GLU A 1 94  ? -9.629  8.168   -1.465  1.00 50.77  ? 94  GLU B OE2 1 
ATOM   690  N N   . PHE A 1 95  ? -7.494  6.286   3.163   1.00 15.82  ? 95  PHE B N   1 
ATOM   691  C CA  . PHE A 1 95  ? -6.986  4.910   3.094   1.00 27.21  ? 95  PHE B CA  1 
ATOM   692  C C   . PHE A 1 95  ? -7.578  4.028   4.183   1.00 23.24  ? 95  PHE B C   1 
ATOM   693  O O   . PHE A 1 95  ? -8.111  2.944   3.928   1.00 21.78  ? 95  PHE B O   1 
ATOM   694  C CB  . PHE A 1 95  ? -5.464  4.897   3.325   1.00 22.47  ? 95  PHE B CB  1 
ATOM   695  C CG  . PHE A 1 95  ? -4.645  5.196   2.107   1.00 28.37  ? 95  PHE B CG  1 
ATOM   696  C CD1 . PHE A 1 95  ? -5.117  4.906   0.841   1.00 44.05  ? 95  PHE B CD1 1 
ATOM   697  C CD2 . PHE A 1 95  ? -3.365  5.720   2.238   1.00 34.25  ? 95  PHE B CD2 1 
ATOM   698  C CE1 . PHE A 1 95  ? -4.342  5.164   -0.274  1.00 51.46  ? 95  PHE B CE1 1 
ATOM   699  C CE2 . PHE A 1 95  ? -2.587  5.978   1.131   1.00 32.29  ? 95  PHE B CE2 1 
ATOM   700  C CZ  . PHE A 1 95  ? -3.075  5.701   -0.129  1.00 30.86  ? 95  PHE B CZ  1 
ATOM   701  N N   . ARG A 1 96  ? -7.421  4.489   5.414   1.00 22.20  ? 96  ARG B N   1 
ATOM   702  C CA  . ARG A 1 96  ? -7.793  3.715   6.581   1.00 23.13  ? 96  ARG B CA  1 
ATOM   703  C C   . ARG A 1 96  ? -9.294  3.463   6.619   1.00 24.07  ? 96  ARG B C   1 
ATOM   704  O O   . ARG A 1 96  ? -9.735  2.368   6.962   1.00 26.48  ? 96  ARG B O   1 
ATOM   705  C CB  . ARG A 1 96  ? -7.343  4.442   7.843   1.00 17.51  ? 96  ARG B CB  1 
ATOM   706  C CG  . ARG A 1 96  ? -5.831  4.406   8.049   1.00 16.62  ? 96  ARG B CG  1 
ATOM   707  C CD  . ARG A 1 96  ? -5.412  5.385   9.121   1.00 15.53  ? 96  ARG B CD  1 
ATOM   708  N NE  . ARG A 1 96  ? -4.000  5.239   9.470   1.00 16.69  ? 96  ARG B NE  1 
ATOM   709  C CZ  . ARG A 1 96  ? -3.453  5.796   10.542  1.00 19.37  ? 96  ARG B CZ  1 
ATOM   710  N NH1 . ARG A 1 96  ? -4.204  6.525   11.359  1.00 20.66  ? 96  ARG B NH1 1 
ATOM   711  N NH2 . ARG A 1 96  ? -2.166  5.616   10.807  1.00 18.93  ? 96  ARG B NH2 1 
ATOM   712  N N   . ARG A 1 97  ? -10.067 4.484   6.270   1.00 18.96  ? 97  ARG B N   1 
ATOM   713  C CA  . ARG A 1 97  ? -11.520 4.362   6.216   1.00 19.39  ? 97  ARG B CA  1 
ATOM   714  C C   . ARG A 1 97  ? -11.944 3.330   5.176   1.00 21.58  ? 97  ARG B C   1 
ATOM   715  O O   . ARG A 1 97  ? -12.828 2.513   5.422   1.00 29.66  ? 97  ARG B O   1 
ATOM   716  C CB  . ARG A 1 97  ? -12.165 5.710   5.898   1.00 24.14  ? 97  ARG B CB  1 
ATOM   717  C CG  . ARG A 1 97  ? -12.454 6.574   7.104   1.00 37.68  ? 97  ARG B CG  1 
ATOM   718  C CD  . ARG A 1 97  ? -13.641 7.487   6.839   1.00 32.84  ? 97  ARG B CD  1 
ATOM   719  N NE  . ARG A 1 97  ? -13.876 8.416   7.940   1.00 45.88  ? 97  ARG B NE  1 
ATOM   720  C CZ  . ARG A 1 97  ? -13.680 9.728   7.867   1.00 29.45  ? 97  ARG B CZ  1 
ATOM   721  N NH1 . ARG A 1 97  ? -13.251 10.275  6.738   1.00 50.93  ? 97  ARG B NH1 1 
ATOM   722  N NH2 . ARG A 1 97  ? -13.921 10.496  8.922   1.00 43.80  ? 97  ARG B NH2 1 
ATOM   723  N N   . ARG A 1 98  ? -11.315 3.376   4.008   1.00 23.40  ? 98  ARG B N   1 
ATOM   724  C CA  . ARG A 1 98  ? -11.610 2.419   2.950   1.00 34.37  ? 98  ARG B CA  1 
ATOM   725  C C   . ARG A 1 98  ? -11.434 0.993   3.459   1.00 34.39  ? 98  ARG B C   1 
ATOM   726  O O   . ARG A 1 98  ? -12.298 0.140   3.262   1.00 34.73  ? 98  ARG B O   1 
ATOM   727  C CB  . ARG A 1 98  ? -10.709 2.664   1.739   1.00 23.72  ? 98  ARG B CB  1 
ATOM   728  C CG  . ARG A 1 98  ? -10.813 1.601   0.662   1.00 37.21  ? 98  ARG B CG  1 
ATOM   729  C CD  . ARG A 1 98  ? -10.017 1.984   -0.580  1.00 46.30  ? 98  ARG B CD  1 
ATOM   730  N NE  . ARG A 1 98  ? -10.657 3.061   -1.334  1.00 33.83  ? 98  ARG B NE  1 
ATOM   731  C CZ  . ARG A 1 98  ? -10.190 4.302   -1.422  1.00 63.35  ? 98  ARG B CZ  1 
ATOM   732  N NH1 . ARG A 1 98  ? -9.058  4.642   -0.812  1.00 50.17  ? 98  ARG B NH1 1 
ATOM   733  N NH2 . ARG A 1 98  ? -10.855 5.206   -2.132  1.00 43.05  ? 98  ARG B NH2 1 
ATOM   734  N N   . SER A 1 99  ? -10.314 0.751   4.132   1.00 30.60  ? 99  SER B N   1 
ATOM   735  C CA  . SER A 1 99  ? -9.973  -0.574  4.642   1.00 29.24  ? 99  SER B CA  1 
ATOM   736  C C   . SER A 1 99  ? -10.953 -1.055  5.704   1.00 34.12  ? 99  SER B C   1 
ATOM   737  O O   . SER A 1 99  ? -11.464 -2.177  5.628   1.00 30.42  ? 99  SER B O   1 
ATOM   738  C CB  . SER A 1 99  ? -8.551  -0.576  5.215   1.00 29.19  ? 99  SER B CB  1 
ATOM   739  O OG  . SER A 1 99  ? -7.589  -0.441  4.182   1.00 54.51  ? 99  SER B OG  1 
ATOM   740  N N   . ALA A 1 100 ? -11.207 -0.206  6.695   1.00 28.36  ? 100 ALA B N   1 
ATOM   741  C CA  . ALA A 1 100 ? -12.082 -0.567  7.808   1.00 26.15  ? 100 ALA B CA  1 
ATOM   742  C C   . ALA A 1 100 ? -13.508 -0.805  7.331   1.00 34.92  ? 100 ALA B C   1 
ATOM   743  O O   . ALA A 1 100 ? -14.191 -1.711  7.809   1.00 38.47  ? 100 ALA B O   1 
ATOM   744  C CB  . ALA A 1 100 ? -12.053 0.512   8.881   1.00 32.00  ? 100 ALA B CB  1 
ATOM   745  N N   . GLY A 1 101 ? -13.953 0.015   6.383   1.00 35.78  ? 101 GLY B N   1 
ATOM   746  C CA  . GLY A 1 101 ? -15.308 -0.074  5.871   1.00 40.86  ? 101 GLY B CA  1 
ATOM   747  C C   . GLY A 1 101 ? -16.341 0.290   6.922   1.00 44.85  ? 101 GLY B C   1 
ATOM   748  O O   . GLY A 1 101 ? -17.523 -0.023  6.777   1.00 39.45  ? 101 GLY B O   1 
ATOM   749  N N   . THR A 1 102 ? -15.891 0.956   7.982   1.00 37.57  ? 102 THR B N   1 
ATOM   750  C CA  . THR A 1 102 ? -16.775 1.343   9.076   1.00 30.83  ? 102 THR B CA  1 
ATOM   751  C C   . THR A 1 102 ? -16.253 2.577   9.809   1.00 38.24  ? 102 THR B C   1 
ATOM   752  O O   . THR A 1 102 ? -15.046 2.838   9.840   1.00 37.13  ? 102 THR B O   1 
ATOM   753  C CB  . THR A 1 102 ? -16.965 0.195   10.094  1.00 44.46  ? 102 THR B CB  1 
ATOM   754  O OG1 . THR A 1 102 ? -17.763 0.654   11.195  1.00 32.20  ? 102 THR B OG1 1 
ATOM   755  C CG2 . THR A 1 102 ? -15.617 -0.290  10.618  1.00 32.68  ? 102 THR B CG2 1 
ATOM   756  N N   . LEU A 1 103 ? -17.176 3.323   10.408  1.00 37.36  ? 103 LEU B N   1 
ATOM   757  C CA  . LEU A 1 103 ? -16.857 4.581   11.073  1.00 46.69  ? 103 LEU B CA  1 
ATOM   758  C C   . LEU A 1 103 ? -16.382 4.358   12.507  1.00 53.32  ? 103 LEU B C   1 
ATOM   759  O O   . LEU A 1 103 ? -15.398 4.957   12.942  1.00 41.51  ? 103 LEU B O   1 
ATOM   760  C CB  . LEU A 1 103 ? -18.083 5.498   11.050  1.00 30.96  ? 103 LEU B CB  1 
ATOM   761  C CG  . LEU A 1 103 ? -17.994 6.965   11.469  1.00 47.60  ? 103 LEU B CG  1 
ATOM   762  C CD1 . LEU A 1 103 ? -19.022 7.762   10.683  1.00 36.45  ? 103 LEU B CD1 1 
ATOM   763  C CD2 . LEU A 1 103 ? -18.208 7.128   12.967  1.00 43.38  ? 103 LEU B CD2 1 
ATOM   764  N N   . VAL A 1 104 ? -17.076 3.489   13.234  1.00 47.11  ? 104 VAL B N   1 
ATOM   765  C CA  . VAL A 1 104 ? -16.784 3.287   14.649  1.00 60.25  ? 104 VAL B CA  1 
ATOM   766  C C   . VAL A 1 104 ? -16.528 1.827   15.010  1.00 81.19  ? 104 VAL B C   1 
ATOM   767  O O   . VAL A 1 104 ? -17.376 0.964   14.789  1.00 86.08  ? 104 VAL B O   1 
ATOM   768  C CB  . VAL A 1 104 ? -17.901 3.863   15.505  1.00 37.64  ? 104 VAL B CB  1 
ATOM   769  N N   . PRO A 1 105 ? -15.350 1.574   15.576  1.00 84.42  ? 105 PRO B N   1 
ATOM   770  C CA  . PRO A 1 105 ? -14.939 0.244   16.023  1.00 74.50  ? 105 PRO B CA  1 
ATOM   771  C C   . PRO A 1 105 ? -15.820 -0.886  15.493  1.00 77.10  ? 105 PRO B C   1 
ATOM   772  O O   . PRO A 1 105 ? -15.393 -1.666  14.642  1.00 71.46  ? 105 PRO B O   1 
ATOM   773  C CB  . PRO A 1 105 ? -14.869 0.200   17.543  1.00 37.84  ? 105 PRO B CB  1 
ATOM   774  N N   . GLY B 1 2   ? -17.617 -10.576 -13.616 1.00 35.83  ? 2   GLY A N   1 
ATOM   775  C CA  . GLY B 1 2   ? -17.645 -11.709 -14.521 1.00 36.55  ? 2   GLY A CA  1 
ATOM   776  C C   . GLY B 1 2   ? -16.496 -12.662 -14.256 1.00 31.29  ? 2   GLY A C   1 
ATOM   777  O O   . GLY B 1 2   ? -16.053 -12.809 -13.118 1.00 24.90  ? 2   GLY A O   1 
ATOM   778  N N   . ARG B 1 3   ? -16.018 -13.319 -15.305 1.00 23.32  ? 3   ARG A N   1 
ATOM   779  C CA  . ARG B 1 3   ? -14.892 -14.234 -15.177 1.00 27.31  ? 3   ARG A CA  1 
ATOM   780  C C   . ARG B 1 3   ? -13.642 -13.675 -15.861 1.00 23.30  ? 3   ARG A C   1 
ATOM   781  O O   . ARG B 1 3   ? -13.707 -13.168 -16.978 1.00 20.52  ? 3   ARG A O   1 
ATOM   782  C CB  . ARG B 1 3   ? -15.244 -15.610 -15.739 1.00 25.81  ? 3   ARG A CB  1 
ATOM   783  C CG  . ARG B 1 3   ? -14.058 -16.548 -15.801 1.00 33.85  ? 3   ARG A CG  1 
ATOM   784  C CD  . ARG B 1 3   ? -14.492 -17.998 -15.820 1.00 48.17  ? 3   ARG A CD  1 
ATOM   785  N NE  . ARG B 1 3   ? -14.865 -18.452 -17.154 1.00 60.91  ? 3   ARG A NE  1 
ATOM   786  C CZ  . ARG B 1 3   ? -15.255 -19.693 -17.427 1.00 71.17  ? 3   ARG A CZ  1 
ATOM   787  N NH1 . ARG B 1 3   ? -15.324 -20.593 -16.454 1.00 45.20  ? 3   ARG A NH1 1 
ATOM   788  N NH2 . ARG B 1 3   ? -15.579 -20.033 -18.667 1.00 63.97  ? 3   ARG A NH2 1 
ATOM   789  N N   . PHE B 1 4   ? -12.508 -13.762 -15.173 1.00 14.06  ? 4   PHE A N   1 
ATOM   790  C CA  . PHE B 1 4   ? -11.256 -13.231 -15.684 1.00 17.17  ? 4   PHE A CA  1 
ATOM   791  C C   . PHE B 1 4   ? -10.088 -13.920 -14.985 1.00 17.37  ? 4   PHE A C   1 
ATOM   792  O O   . PHE B 1 4   ? -10.275 -14.682 -14.036 1.00 17.13  ? 4   PHE A O   1 
ATOM   793  C CB  . PHE B 1 4   ? -11.178 -11.716 -15.470 1.00 21.63  ? 4   PHE A CB  1 
ATOM   794  C CG  . PHE B 1 4   ? -11.410 -11.296 -14.045 1.00 24.60  ? 4   PHE A CG  1 
ATOM   795  C CD1 . PHE B 1 4   ? -12.685 -10.978 -13.598 1.00 32.34  ? 4   PHE A CD1 1 
ATOM   796  C CD2 . PHE B 1 4   ? -10.358 -11.228 -13.152 1.00 23.20  ? 4   PHE A CD2 1 
ATOM   797  C CE1 . PHE B 1 4   ? -12.906 -10.597 -12.281 1.00 33.49  ? 4   PHE A CE1 1 
ATOM   798  C CE2 . PHE B 1 4   ? -10.570 -10.846 -11.834 1.00 29.74  ? 4   PHE A CE2 1 
ATOM   799  C CZ  . PHE B 1 4   ? -11.844 -10.537 -11.397 1.00 27.26  ? 4   PHE A CZ  1 
ATOM   800  N N   . VAL B 1 5   ? -8.887  -13.643 -15.469 1.00 16.65  ? 5   VAL A N   1 
ATOM   801  C CA  . VAL B 1 5   ? -7.686  -14.278 -14.957 1.00 13.92  ? 5   VAL A CA  1 
ATOM   802  C C   . VAL B 1 5   ? -6.805  -13.226 -14.300 1.00 17.34  ? 5   VAL A C   1 
ATOM   803  O O   . VAL B 1 5   ? -6.712  -12.099 -14.783 1.00 17.63  ? 5   VAL A O   1 
ATOM   804  C CB  . VAL B 1 5   ? -6.910  -14.953 -16.101 1.00 19.95  ? 5   VAL A CB  1 
ATOM   805  C CG1 . VAL B 1 5   ? -5.533  -15.379 -15.641 1.00 22.99  ? 5   VAL A CG1 1 
ATOM   806  C CG2 . VAL B 1 5   ? -7.688  -16.147 -16.630 1.00 22.97  ? 5   VAL A CG2 1 
ATOM   807  N N   . VAL B 1 6   ? -6.171  -13.589 -13.193 1.00 10.07  ? 6   VAL A N   1 
ATOM   808  C CA  . VAL B 1 6   ? -5.205  -12.705 -12.554 1.00 14.86  ? 6   VAL A CA  1 
ATOM   809  C C   . VAL B 1 6   ? -3.815  -13.330 -12.631 1.00 12.99  ? 6   VAL A C   1 
ATOM   810  O O   . VAL B 1 6   ? -3.663  -14.533 -12.447 1.00 17.25  ? 6   VAL A O   1 
ATOM   811  C CB  . VAL B 1 6   ? -5.558  -12.444 -11.075 1.00 19.17  ? 6   VAL A CB  1 
ATOM   812  C CG1 . VAL B 1 6   ? -4.513  -11.539 -10.433 1.00 20.52  ? 6   VAL A CG1 1 
ATOM   813  C CG2 . VAL B 1 6   ? -6.942  -11.831 -10.953 1.00 20.43  ? 6   VAL A CG2 1 
ATOM   814  N N   . TRP B 1 7   ? -2.818  -12.509 -12.941 1.00 11.64  ? 7   TRP A N   1 
ATOM   815  C CA  . TRP B 1 7   ? -1.420  -12.910 -12.858 1.00 13.74  ? 7   TRP A CA  1 
ATOM   816  C C   . TRP B 1 7   ? -0.777  -12.065 -11.755 1.00 14.23  ? 7   TRP A C   1 
ATOM   817  O O   . TRP B 1 7   ? -1.102  -10.892 -11.607 1.00 13.15  ? 7   TRP A O   1 
ATOM   818  C CB  . TRP B 1 7   ? -0.707  -12.638 -14.183 1.00 18.02  ? 7   TRP A CB  1 
ATOM   819  C CG  . TRP B 1 7   ? -1.250  -13.409 -15.350 1.00 21.41  ? 7   TRP A CG  1 
ATOM   820  C CD1 . TRP B 1 7   ? -0.889  -14.667 -15.738 1.00 26.18  ? 7   TRP A CD1 1 
ATOM   821  C CD2 . TRP B 1 7   ? -2.239  -12.967 -16.287 1.00 22.06  ? 7   TRP A CD2 1 
ATOM   822  N NE1 . TRP B 1 7   ? -1.597  -15.037 -16.854 1.00 32.53  ? 7   TRP A NE1 1 
ATOM   823  C CE2 . TRP B 1 7   ? -2.435  -14.012 -17.211 1.00 32.97  ? 7   TRP A CE2 1 
ATOM   824  C CE3 . TRP B 1 7   ? -2.983  -11.791 -16.430 1.00 26.72  ? 7   TRP A CE3 1 
ATOM   825  C CZ2 . TRP B 1 7   ? -3.345  -13.917 -18.266 1.00 16.51  ? 7   TRP A CZ2 1 
ATOM   826  C CZ3 . TRP B 1 7   ? -3.887  -11.699 -17.481 1.00 30.97  ? 7   TRP A CZ3 1 
ATOM   827  C CH2 . TRP B 1 7   ? -4.058  -12.756 -18.383 1.00 27.49  ? 7   TRP A CH2 1 
ATOM   828  N N   . PRO B 1 8   ? 0.142   -12.655 -10.980 1.00 12.51  ? 8   PRO A N   1 
ATOM   829  C CA  . PRO B 1 8   ? 0.760   -11.918 -9.869  1.00 17.68  ? 8   PRO A CA  1 
ATOM   830  C C   . PRO B 1 8   ? 1.424   -10.599 -10.279 1.00 15.74  ? 8   PRO A C   1 
ATOM   831  O O   . PRO B 1 8   ? 1.323   -9.617  -9.547  1.00 16.92  ? 8   PRO A O   1 
ATOM   832  C CB  . PRO B 1 8   ? 1.795   -12.908 -9.340  1.00 12.14  ? 8   PRO A CB  1 
ATOM   833  C CG  . PRO B 1 8   ? 1.188   -14.247 -9.620  1.00 19.47  ? 8   PRO A CG  1 
ATOM   834  C CD  . PRO B 1 8   ? 0.485   -14.085 -10.954 1.00 12.87  ? 8   PRO A CD  1 
ATOM   835  N N   . SER B 1 9   ? 2.084   -10.575 -11.432 1.00 17.22  ? 9   SER A N   1 
ATOM   836  C CA  . SER B 1 9   ? 2.742   -9.358  -11.901 1.00 17.71  ? 9   SER A CA  1 
ATOM   837  C C   . SER B 1 9   ? 1.787   -8.161  -11.971 1.00 22.72  ? 9   SER A C   1 
ATOM   838  O O   . SER B 1 9   ? 2.211   -7.013  -11.855 1.00 15.56  ? 9   SER A O   1 
ATOM   839  C CB  . SER B 1 9   ? 3.371   -9.597  -13.273 1.00 24.26  ? 9   SER A CB  1 
ATOM   840  O OG  . SER B 1 9   ? 2.378   -9.946  -14.220 1.00 28.07  ? 9   SER A OG  1 
ATOM   841  N N   . GLU B 1 10  ? 0.498   -8.423  -12.167 1.00 16.03  ? 10  GLU A N   1 
ATOM   842  C CA  . GLU B 1 10  ? -0.466  -7.335  -12.289 1.00 13.52  ? 10  GLU A CA  1 
ATOM   843  C C   . GLU B 1 10  ? -0.584  -6.519  -11.008 1.00 20.39  ? 10  GLU A C   1 
ATOM   844  O O   . GLU B 1 10  ? -0.960  -5.348  -11.048 1.00 15.37  ? 10  GLU A O   1 
ATOM   845  C CB  . GLU B 1 10  ? -1.838  -7.882  -12.671 1.00 15.30  ? 10  GLU A CB  1 
ATOM   846  C CG  . GLU B 1 10  ? -1.876  -8.483  -14.061 1.00 19.15  ? 10  GLU A CG  1 
ATOM   847  C CD  . GLU B 1 10  ? -3.265  -8.935  -14.432 1.00 18.22  ? 10  GLU A CD  1 
ATOM   848  O OE1 . GLU B 1 10  ? -3.877  -9.676  -13.637 1.00 18.78  ? 10  GLU A OE1 1 
ATOM   849  O OE2 . GLU B 1 10  ? -3.744  -8.535  -15.514 1.00 25.65  ? 10  GLU A OE2 1 
ATOM   850  N N   . LEU B 1 11  ? -0.246  -7.154  -9.888  1.00 16.65  ? 11  LEU A N   1 
ATOM   851  C CA  . LEU B 1 11  ? -0.395  -6.592  -8.552  1.00 13.62  ? 11  LEU A CA  1 
ATOM   852  C C   . LEU B 1 11  ? 0.947   -6.233  -7.903  1.00 16.50  ? 11  LEU A C   1 
ATOM   853  O O   . LEU B 1 11  ? 0.982   -5.800  -6.746  1.00 13.65  ? 11  LEU A O   1 
ATOM   854  C CB  . LEU B 1 11  ? -1.067  -7.635  -7.650  1.00 12.16  ? 11  LEU A CB  1 
ATOM   855  C CG  . LEU B 1 11  ? -2.458  -8.086  -8.071  1.00 21.78  ? 11  LEU A CG  1 
ATOM   856  C CD1 . LEU B 1 11  ? -2.770  -9.494  -7.556  1.00 21.24  ? 11  LEU A CD1 1 
ATOM   857  C CD2 . LEU B 1 11  ? -3.476  -7.076  -7.583  1.00 29.15  ? 11  LEU A CD2 1 
ATOM   858  N N   . ASP B 1 12  ? 2.041   -6.436  -8.634  1.00 15.39  ? 12  ASP A N   1 
ATOM   859  C CA  . ASP B 1 12  ? 3.383   -6.396  -8.034  1.00 17.70  ? 12  ASP A CA  1 
ATOM   860  C C   . ASP B 1 12  ? 4.013   -5.001  -8.008  1.00 12.51  ? 12  ASP A C   1 
ATOM   861  O O   . ASP B 1 12  ? 4.380   -4.454  -9.044  1.00 19.78  ? 12  ASP A O   1 
ATOM   862  C CB  . ASP B 1 12  ? 4.310   -7.380  -8.750  1.00 16.01  ? 12  ASP A CB  1 
ATOM   863  C CG  . ASP B 1 12  ? 5.553   -7.715  -7.939  1.00 24.79  ? 12  ASP A CG  1 
ATOM   864  O OD1 . ASP B 1 12  ? 5.830   -7.016  -6.938  1.00 21.32  ? 12  ASP A OD1 1 
ATOM   865  O OD2 . ASP B 1 12  ? 6.253   -8.684  -8.305  1.00 24.08  ? 12  ASP A OD2 1 
ATOM   866  N N   . SER B 1 13  ? 4.160   -4.449  -6.806  1.00 16.57  ? 13  SER A N   1 
ATOM   867  C CA  . SER B 1 13  ? 4.727   -3.114  -6.626  1.00 22.96  ? 13  SER A CA  1 
ATOM   868  C C   . SER B 1 13  ? 6.212   -3.044  -7.011  1.00 25.56  ? 13  SER A C   1 
ATOM   869  O O   . SER B 1 13  ? 6.777   -1.959  -7.153  1.00 27.54  ? 13  SER A O   1 
ATOM   870  C CB  . SER B 1 13  ? 4.540   -2.657  -5.175  1.00 17.33  ? 13  SER A CB  1 
ATOM   871  O OG  . SER B 1 13  ? 5.370   -3.417  -4.313  1.00 20.29  ? 13  SER A OG  1 
ATOM   872  N N   . ARG B 1 14  ? 6.843   -4.201  -7.179  1.00 20.18  ? 14  ARG A N   1 
ATOM   873  C CA  . ARG B 1 14  ? 8.226   -4.245  -7.644  1.00 29.09  ? 14  ARG A CA  1 
ATOM   874  C C   . ARG B 1 14  ? 8.324   -3.980  -9.143  1.00 30.59  ? 14  ARG A C   1 
ATOM   875  O O   . ARG B 1 14  ? 9.385   -3.631  -9.649  1.00 26.79  ? 14  ARG A O   1 
ATOM   876  C CB  . ARG B 1 14  ? 8.869   -5.596  -7.321  1.00 31.38  ? 14  ARG A CB  1 
ATOM   877  C CG  . ARG B 1 14  ? 9.074   -5.857  -5.842  1.00 38.29  ? 14  ARG A CG  1 
ATOM   878  C CD  . ARG B 1 14  ? 10.135  -6.925  -5.622  1.00 59.53  ? 14  ARG A CD  1 
ATOM   879  N NE  . ARG B 1 14  ? 10.035  -8.004  -6.601  1.00 54.13  ? 14  ARG A NE  1 
ATOM   880  C CZ  . ARG B 1 14  ? 10.835  -8.140  -7.654  1.00 71.42  ? 14  ARG A CZ  1 
ATOM   881  N NH1 . ARG B 1 14  ? 11.810  -7.267  -7.867  1.00 75.85  ? 14  ARG A NH1 1 
ATOM   882  N NH2 . ARG B 1 14  ? 10.666  -9.154  -8.495  1.00 68.15  ? 14  ARG A NH2 1 
ATOM   883  N N   . LEU B 1 15  ? 7.213   -4.150  -9.856  1.00 22.31  ? 15  LEU A N   1 
ATOM   884  C CA  . LEU B 1 15  ? 7.209   -3.955  -11.304 1.00 25.18  ? 15  LEU A CA  1 
ATOM   885  C C   . LEU B 1 15  ? 6.687   -2.585  -11.707 1.00 26.61  ? 15  LEU A C   1 
ATOM   886  O O   . LEU B 1 15  ? 5.806   -2.027  -11.055 1.00 22.86  ? 15  LEU A O   1 
ATOM   887  C CB  . LEU B 1 15  ? 6.366   -5.033  -11.992 1.00 21.40  ? 15  LEU A CB  1 
ATOM   888  C CG  . LEU B 1 15  ? 6.795   -6.467  -11.699 1.00 20.60  ? 15  LEU A CG  1 
ATOM   889  C CD1 . LEU B 1 15  ? 5.843   -7.470  -12.345 1.00 21.97  ? 15  LEU A CD1 1 
ATOM   890  C CD2 . LEU B 1 15  ? 8.215   -6.685  -12.177 1.00 29.10  ? 15  LEU A CD2 1 
ATOM   891  N N   . SER B 1 16  ? 7.243   -2.048  -12.787 1.00 25.95  ? 16  SER A N   1 
ATOM   892  C CA  . SER B 1 16  ? 6.696   -0.853  -13.413 1.00 38.37  ? 16  SER A CA  1 
ATOM   893  C C   . SER B 1 16  ? 5.520   -1.257  -14.294 1.00 28.45  ? 16  SER A C   1 
ATOM   894  O O   . SER B 1 16  ? 5.341   -2.435  -14.604 1.00 27.02  ? 16  SER A O   1 
ATOM   895  C CB  . SER B 1 16  ? 7.762   -0.156  -14.257 1.00 43.01  ? 16  SER A CB  1 
ATOM   896  O OG  . SER B 1 16  ? 8.250   -1.025  -15.261 1.00 39.76  ? 16  SER A OG  1 
ATOM   897  N N   . ARG B 1 17  ? 4.711   -0.286  -14.695 1.00 26.90  ? 17  ARG A N   1 
ATOM   898  C CA  . ARG B 1 17  ? 3.580   -0.586  -15.562 1.00 33.91  ? 17  ARG A CA  1 
ATOM   899  C C   . ARG B 1 17  ? 4.068   -1.210  -16.863 1.00 44.16  ? 17  ARG A C   1 
ATOM   900  O O   . ARG B 1 17  ? 3.403   -2.066  -17.441 1.00 35.06  ? 17  ARG A O   1 
ATOM   901  C CB  . ARG B 1 17  ? 2.763   0.673   -15.842 1.00 38.30  ? 17  ARG A CB  1 
ATOM   902  C CG  . ARG B 1 17  ? 2.370   1.438   -14.594 1.00 42.07  ? 17  ARG A CG  1 
ATOM   903  C CD  . ARG B 1 17  ? 1.270   2.433   -14.889 1.00 37.74  ? 17  ARG A CD  1 
ATOM   904  N NE  . ARG B 1 17  ? 0.014   1.755   -15.186 1.00 51.91  ? 17  ARG A NE  1 
ATOM   905  C CZ  . ARG B 1 17  ? -1.009  1.672   -14.342 1.00 48.16  ? 17  ARG A CZ  1 
ATOM   906  N NH1 . ARG B 1 17  ? -0.935  2.237   -13.143 1.00 34.25  ? 17  ARG A NH1 1 
ATOM   907  N NH2 . ARG B 1 17  ? -2.111  1.032   -14.705 1.00 44.91  ? 17  ARG A NH2 1 
ATOM   908  N N   . LYS B 1 18  ? 5.247   -0.785  -17.304 1.00 48.58  ? 18  LYS A N   1 
ATOM   909  C CA  . LYS B 1 18  ? 5.842   -1.301  -18.531 1.00 46.70  ? 18  LYS A CA  1 
ATOM   910  C C   . LYS B 1 18  ? 6.114   -2.798  -18.431 1.00 48.54  ? 18  LYS A C   1 
ATOM   911  O O   . LYS B 1 18  ? 6.144   -3.498  -19.443 1.00 62.86  ? 18  LYS A O   1 
ATOM   912  C CB  . LYS B 1 18  ? 7.147   -0.563  -18.848 1.00 49.19  ? 18  LYS A CB  1 
ATOM   913  C CG  . LYS B 1 18  ? 7.099   0.937   -18.593 1.00 62.73  ? 18  LYS A CG  1 
ATOM   914  C CD  . LYS B 1 18  ? 8.405   1.603   -18.999 1.00 73.43  ? 18  LYS A CD  1 
ATOM   915  C CE  . LYS B 1 18  ? 8.497   3.018   -18.452 1.00 82.24  ? 18  LYS A CE  1 
ATOM   916  N NZ  . LYS B 1 18  ? 8.564   3.023   -16.965 1.00 80.23  ? 18  LYS A NZ  1 
ATOM   917  N N   . TYR B 1 19  ? 6.312   -3.288  -17.209 1.00 43.64  ? 19  TYR A N   1 
ATOM   918  C CA  . TYR B 1 19  ? 6.705   -4.679  -17.006 1.00 37.99  ? 19  TYR A CA  1 
ATOM   919  C C   . TYR B 1 19  ? 5.608   -5.561  -16.411 1.00 33.38  ? 19  TYR A C   1 
ATOM   920  O O   . TYR B 1 19  ? 5.887   -6.634  -15.882 1.00 33.10  ? 19  TYR A O   1 
ATOM   921  C CB  . TYR B 1 19  ? 7.985   -4.763  -16.168 1.00 49.31  ? 19  TYR A CB  1 
ATOM   922  C CG  . TYR B 1 19  ? 9.224   -4.328  -16.919 1.00 56.84  ? 19  TYR A CG  1 
ATOM   923  C CD1 . TYR B 1 19  ? 9.393   -3.007  -17.311 1.00 64.84  ? 19  TYR A CD1 1 
ATOM   924  C CD2 . TYR B 1 19  ? 10.223  -5.239  -17.236 1.00 78.19  ? 19  TYR A CD2 1 
ATOM   925  C CE1 . TYR B 1 19  ? 10.521  -2.603  -18.001 1.00 81.70  ? 19  TYR A CE1 1 
ATOM   926  C CE2 . TYR B 1 19  ? 11.359  -4.844  -17.924 1.00 90.87  ? 19  TYR A CE2 1 
ATOM   927  C CZ  . TYR B 1 19  ? 11.501  -3.523  -18.304 1.00 104.51 ? 19  TYR A CZ  1 
ATOM   928  O OH  . TYR B 1 19  ? 12.626  -3.120  -18.989 1.00 113.51 ? 19  TYR A OH  1 
ATOM   929  N N   . GLY B 1 20  ? 4.360   -5.109  -16.497 1.00 31.40  ? 20  GLY A N   1 
ATOM   930  C CA  . GLY B 1 20  ? 3.240   -5.971  -16.170 1.00 21.36  ? 20  GLY A CA  1 
ATOM   931  C C   . GLY B 1 20  ? 2.292   -5.505  -15.082 1.00 23.76  ? 20  GLY A C   1 
ATOM   932  O O   . GLY B 1 20  ? 1.169   -6.000  -14.990 1.00 24.36  ? 20  GLY A O   1 
ATOM   933  N N   . ARG B 1 21  ? 2.724   -4.565  -14.248 1.00 20.42  ? 21  ARG A N   1 
ATOM   934  C CA  . ARG B 1 21  ? 1.847   -4.084  -13.188 1.00 17.10  ? 21  ARG A CA  1 
ATOM   935  C C   . ARG B 1 21  ? 0.688   -3.310  -13.798 1.00 24.11  ? 21  ARG A C   1 
ATOM   936  O O   . ARG B 1 21  ? 0.877   -2.529  -14.729 1.00 25.56  ? 21  ARG A O   1 
ATOM   937  C CB  . ARG B 1 21  ? 2.606   -3.208  -12.183 1.00 16.49  ? 21  ARG A CB  1 
ATOM   938  C CG  . ARG B 1 21  ? 1.687   -2.524  -11.177 1.00 15.11  ? 21  ARG A CG  1 
ATOM   939  C CD  . ARG B 1 21  ? 2.444   -1.740  -10.116 1.00 19.34  ? 21  ARG A CD  1 
ATOM   940  N NE  . ARG B 1 21  ? 3.365   -0.757  -10.683 1.00 23.03  ? 21  ARG A NE  1 
ATOM   941  C CZ  . ARG B 1 21  ? 3.001   0.448   -11.106 1.00 24.66  ? 21  ARG A CZ  1 
ATOM   942  N NH1 . ARG B 1 21  ? 1.730   0.819   -11.038 1.00 19.90  ? 21  ARG A NH1 1 
ATOM   943  N NH2 . ARG B 1 21  ? 3.906   1.279   -11.608 1.00 32.77  ? 21  ARG A NH2 1 
ATOM   944  N N   . ILE B 1 22  ? -0.510  -3.532  -13.267 1.00 16.10  ? 22  ILE A N   1 
ATOM   945  C CA  . ILE B 1 22  ? -1.712  -2.875  -13.767 1.00 15.43  ? 22  ILE A CA  1 
ATOM   946  C C   . ILE B 1 22  ? -2.379  -2.001  -12.708 1.00 30.34  ? 22  ILE A C   1 
ATOM   947  O O   . ILE B 1 22  ? -2.996  -0.986  -13.026 1.00 30.67  ? 22  ILE A O   1 
ATOM   948  C CB  . ILE B 1 22  ? -2.714  -3.928  -14.291 1.00 28.17  ? 22  ILE A CB  1 
ATOM   949  C CG1 . ILE B 1 22  ? -2.258  -4.429  -15.661 1.00 32.13  ? 22  ILE A CG1 1 
ATOM   950  C CG2 . ILE B 1 22  ? -4.125  -3.360  -14.352 1.00 51.21  ? 22  ILE A CG2 1 
ATOM   951  C CD1 . ILE B 1 22  ? -3.148  -5.504  -16.239 1.00 74.26  ? 22  ILE A CD1 1 
ATOM   952  N N   . VAL B 1 23  ? -2.252  -2.395  -11.445 1.00 23.21  ? 23  VAL A N   1 
ATOM   953  C CA  . VAL B 1 23  ? -2.851  -1.629  -10.356 1.00 15.47  ? 23  VAL A CA  1 
ATOM   954  C C   . VAL B 1 23  ? -1.980  -0.416  -10.019 1.00 17.52  ? 23  VAL A C   1 
ATOM   955  O O   . VAL B 1 23  ? -0.772  -0.424  -10.270 1.00 20.56  ? 23  VAL A O   1 
ATOM   956  C CB  . VAL B 1 23  ? -3.043  -2.496  -9.094  1.00 17.21  ? 23  VAL A CB  1 
ATOM   957  C CG1 . VAL B 1 23  ? -3.850  -3.753  -9.428  1.00 23.40  ? 23  VAL A CG1 1 
ATOM   958  C CG2 . VAL B 1 23  ? -1.698  -2.857  -8.480  1.00 20.81  ? 23  VAL A CG2 1 
ATOM   959  N N   . PRO B 1 24  ? -2.596  0.637   -9.462  1.00 15.32  ? 24  PRO A N   1 
ATOM   960  C CA  . PRO B 1 24  ? -1.833  1.837   -9.112  1.00 15.67  ? 24  PRO A CA  1 
ATOM   961  C C   . PRO B 1 24  ? -0.716  1.529   -8.119  1.00 21.02  ? 24  PRO A C   1 
ATOM   962  O O   . PRO B 1 24  ? -0.869  0.655   -7.255  1.00 17.39  ? 24  PRO A O   1 
ATOM   963  C CB  . PRO B 1 24  ? -2.890  2.752   -8.483  1.00 27.27  ? 24  PRO A CB  1 
ATOM   964  C CG  . PRO B 1 24  ? -4.191  2.293   -9.083  1.00 26.37  ? 24  PRO A CG  1 
ATOM   965  C CD  . PRO B 1 24  ? -4.039  0.803   -9.217  1.00 20.57  ? 24  PRO A CD  1 
ATOM   966  N N   . ARG B 1 25  ? 0.403   2.233   -8.266  1.00 17.55  ? 25  ARG A N   1 
ATOM   967  C CA  . ARG B 1 25  ? 1.558   2.075   -7.384  1.00 19.94  ? 25  ARG A CA  1 
ATOM   968  C C   . ARG B 1 25  ? 1.153   1.984   -5.925  1.00 20.30  ? 25  ARG A C   1 
ATOM   969  O O   . ARG B 1 25  ? 1.698   1.183   -5.168  1.00 18.12  ? 25  ARG A O   1 
ATOM   970  C CB  . ARG B 1 25  ? 2.496   3.276   -7.525  1.00 31.68  ? 25  ARG A CB  1 
ATOM   971  C CG  . ARG B 1 25  ? 3.572   3.153   -8.571  1.00 49.04  ? 25  ARG A CG  1 
ATOM   972  C CD  . ARG B 1 25  ? 4.586   4.267   -8.384  1.00 42.14  ? 25  ARG A CD  1 
ATOM   973  N NE  . ARG B 1 25  ? 5.632   4.232   -9.398  1.00 47.12  ? 25  ARG A NE  1 
ATOM   974  C CZ  . ARG B 1 25  ? 5.506   4.767   -10.606 1.00 53.27  ? 25  ARG A CZ  1 
ATOM   975  N NH1 . ARG B 1 25  ? 6.505   4.695   -11.473 1.00 52.96  ? 25  ARG A NH1 1 
ATOM   976  N NH2 . ARG B 1 25  ? 4.375   5.371   -10.948 1.00 80.11  ? 25  ARG A NH2 1 
ATOM   977  N N   . SER B 1 26  ? 0.198   2.824   -5.546  1.00 10.97  ? 26  SER A N   1 
ATOM   978  C CA  . SER B 1 26  ? -0.157  3.044   -4.151  1.00 13.61  ? 26  SER A CA  1 
ATOM   979  C C   . SER B 1 26  ? -0.942  1.902   -3.529  1.00 23.45  ? 26  SER A C   1 
ATOM   980  O O   . SER B 1 26  ? -1.062  1.824   -2.309  1.00 20.70  ? 26  SER A O   1 
ATOM   981  C CB  . SER B 1 26  ? -0.954  4.339   -4.019  1.00 12.92  ? 26  SER A CB  1 
ATOM   982  O OG  . SER B 1 26  ? -2.236  4.220   -4.608  1.00 19.55  ? 26  SER A OG  1 
ATOM   983  N N   . ILE B 1 27  ? -1.485  1.029   -4.372  1.00 15.24  ? 27  ILE A N   1 
ATOM   984  C CA  . ILE B 1 27  ? -2.292  -0.103  -3.913  1.00 24.18  ? 27  ILE A CA  1 
ATOM   985  C C   . ILE B 1 27  ? -1.554  -1.429  -4.107  1.00 18.24  ? 27  ILE A C   1 
ATOM   986  O O   . ILE B 1 27  ? -1.884  -2.432  -3.482  1.00 15.21  ? 27  ILE A O   1 
ATOM   987  C CB  . ILE B 1 27  ? -3.644  -0.152  -4.659  1.00 27.96  ? 27  ILE A CB  1 
ATOM   988  C CG1 . ILE B 1 27  ? -4.502  1.056   -4.276  1.00 31.99  ? 27  ILE A CG1 1 
ATOM   989  C CG2 . ILE B 1 27  ? -4.393  -1.438  -4.354  1.00 32.62  ? 27  ILE A CG2 1 
ATOM   990  C CD1 . ILE B 1 27  ? -5.791  1.165   -5.067  1.00 41.17  ? 27  ILE A CD1 1 
ATOM   991  N N   . ALA B 1 28  ? -0.549  -1.414  -4.975  1.00 21.05  ? 28  ALA A N   1 
ATOM   992  C CA  . ALA B 1 28  ? 0.228   -2.606  -5.305  1.00 17.10  ? 28  ALA A CA  1 
ATOM   993  C C   . ALA B 1 28  ? 1.011   -3.125  -4.099  1.00 19.74  ? 28  ALA A C   1 
ATOM   994  O O   . ALA B 1 28  ? 1.407   -2.351  -3.232  1.00 16.72  ? 28  ALA A O   1 
ATOM   995  C CB  . ALA B 1 28  ? 1.170   -2.310  -6.459  1.00 18.22  ? 28  ALA A CB  1 
ATOM   996  N N   . VAL B 1 29  ? 1.241   -4.436  -4.051  1.00 15.91  ? 29  VAL A N   1 
ATOM   997  C CA  . VAL B 1 29  ? 1.977   -5.042  -2.941  1.00 23.92  ? 29  VAL A CA  1 
ATOM   998  C C   . VAL B 1 29  ? 3.237   -5.752  -3.424  1.00 22.54  ? 29  VAL A C   1 
ATOM   999  O O   . VAL B 1 29  ? 3.318   -6.162  -4.576  1.00 15.66  ? 29  VAL A O   1 
ATOM   1000 C CB  . VAL B 1 29  ? 1.113   -6.043  -2.152  1.00 20.38  ? 29  VAL A CB  1 
ATOM   1001 C CG1 . VAL B 1 29  ? -0.176  -5.390  -1.699  1.00 17.16  ? 29  VAL A CG1 1 
ATOM   1002 C CG2 . VAL B 1 29  ? 0.827   -7.265  -2.993  1.00 20.79  ? 29  VAL A CG2 1 
ATOM   1003 N N   . GLU B 1 30  ? 4.216   -5.902  -2.535  1.00 17.06  ? 30  GLU A N   1 
ATOM   1004 C CA  . GLU B 1 30  ? 5.503   -6.450  -2.931  1.00 15.09  ? 30  GLU A CA  1 
ATOM   1005 C C   . GLU B 1 30  ? 5.422   -7.954  -3.135  1.00 13.00  ? 30  GLU A C   1 
ATOM   1006 O O   . GLU B 1 30  ? 4.984   -8.674  -2.248  1.00 21.99  ? 30  GLU A O   1 
ATOM   1007 C CB  . GLU B 1 30  ? 6.564   -6.130  -1.875  1.00 28.79  ? 30  GLU A CB  1 
ATOM   1008 C CG  . GLU B 1 30  ? 7.939   -6.672  -2.215  1.00 29.93  ? 30  GLU A CG  1 
ATOM   1009 C CD  . GLU B 1 30  ? 8.852   -6.744  -1.004  1.00 73.95  ? 30  GLU A CD  1 
ATOM   1010 O OE1 . GLU B 1 30  ? 8.353   -6.567  0.132   1.00 36.61  ? 30  GLU A OE1 1 
ATOM   1011 O OE2 . GLU B 1 30  ? 10.066  -6.986  -1.194  1.00 44.44  ? 30  GLU A OE2 1 
ATOM   1012 N N   . SER B 1 31  ? 5.836   -8.413  -4.313  1.00 18.81  ? 31  SER A N   1 
ATOM   1013 C CA  . SER B 1 31  ? 5.955   -9.842  -4.605  1.00 16.46  ? 31  SER A CA  1 
ATOM   1014 C C   . SER B 1 31  ? 4.762   -10.683 -4.141  1.00 15.74  ? 31  SER A C   1 
ATOM   1015 O O   . SER B 1 31  ? 4.925   -11.591 -3.325  1.00 12.82  ? 31  SER A O   1 
ATOM   1016 C CB  . SER B 1 31  ? 7.243   -10.396 -3.985  1.00 24.63  ? 31  SER A CB  1 
ATOM   1017 O OG  . SER B 1 31  ? 8.378   -9.720  -4.496  1.00 21.30  ? 31  SER A OG  1 
ATOM   1018 N N   . PRO B 1 32  ? 3.564   -10.401 -4.684  1.00 16.62  ? 32  PRO A N   1 
ATOM   1019 C CA  . PRO B 1 32  ? 2.371   -11.187 -4.343  1.00 19.62  ? 32  PRO A CA  1 
ATOM   1020 C C   . PRO B 1 32  ? 2.549   -12.616 -4.813  1.00 15.14  ? 32  PRO A C   1 
ATOM   1021 O O   . PRO B 1 32  ? 2.996   -12.829 -5.937  1.00 16.67  ? 32  PRO A O   1 
ATOM   1022 C CB  . PRO B 1 32  ? 1.256   -10.542 -5.184  1.00 14.30  ? 32  PRO A CB  1 
ATOM   1023 C CG  . PRO B 1 32  ? 1.861   -9.381  -5.887  1.00 18.48  ? 32  PRO A CG  1 
ATOM   1024 C CD  . PRO B 1 32  ? 3.342   -9.514  -5.837  1.00 18.38  ? 32  PRO A CD  1 
ATOM   1025 N N   . ARG B 1 33  ? 2.199   -13.591 -3.984  1.00 13.26  ? 33  ARG A N   1 
ATOM   1026 C CA  . ARG B 1 33  ? 2.274   -14.973 -4.433  1.00 18.00  ? 33  ARG A CA  1 
ATOM   1027 C C   . ARG B 1 33  ? 0.893   -15.516 -4.822  1.00 11.71  ? 33  ARG A C   1 
ATOM   1028 O O   . ARG B 1 33  ? -0.138  -14.981 -4.411  1.00 13.59  ? 33  ARG A O   1 
ATOM   1029 C CB  . ARG B 1 33  ? 2.967   -15.834 -3.377  1.00 19.68  ? 33  ARG A CB  1 
ATOM   1030 C CG  . ARG B 1 33  ? 4.456   -15.533 -3.273  1.00 20.72  ? 33  ARG A CG  1 
ATOM   1031 C CD  . ARG B 1 33  ? 5.015   -15.810 -1.886  1.00 28.12  ? 33  ARG A CD  1 
ATOM   1032 N NE  . ARG B 1 33  ? 4.292   -16.880 -1.213  1.00 33.89  ? 33  ARG A NE  1 
ATOM   1033 C CZ  . ARG B 1 33  ? 3.499   -16.694 -0.164  1.00 33.54  ? 33  ARG A CZ  1 
ATOM   1034 N NH1 . ARG B 1 33  ? 3.343   -15.484 0.347   1.00 37.68  ? 33  ARG A NH1 1 
ATOM   1035 N NH2 . ARG B 1 33  ? 2.871   -17.724 0.379   1.00 40.79  ? 33  ARG A NH2 1 
ATOM   1036 N N   . VAL B 1 34  ? 0.887   -16.558 -5.643  1.00 18.29  ? 34  VAL A N   1 
ATOM   1037 C CA  . VAL B 1 34  ? -0.359  -17.185 -6.072  1.00 12.19  ? 34  VAL A CA  1 
ATOM   1038 C C   . VAL B 1 34  ? -1.233  -17.569 -4.886  1.00 11.82  ? 34  VAL A C   1 
ATOM   1039 O O   . VAL B 1 34  ? -2.430  -17.290 -4.872  1.00 14.82  ? 34  VAL A O   1 
ATOM   1040 C CB  . VAL B 1 34  ? -0.083  -18.427 -6.923  1.00 14.17  ? 34  VAL A CB  1 
ATOM   1041 C CG1 . VAL B 1 34  ? -1.357  -19.275 -7.051  1.00 15.15  ? 34  VAL A CG1 1 
ATOM   1042 C CG2 . VAL B 1 34  ? 0.450   -18.015 -8.287  1.00 15.81  ? 34  VAL A CG2 1 
ATOM   1043 N N   . GLU B 1 35  ? -0.624  -18.203 -3.889  1.00 13.89  ? 35  GLU A N   1 
ATOM   1044 C CA  . GLU B 1 35  ? -1.334  -18.597 -2.672  1.00 13.49  ? 35  GLU A CA  1 
ATOM   1045 C C   . GLU B 1 35  ? -2.008  -17.413 -1.991  1.00 19.70  ? 35  GLU A C   1 
ATOM   1046 O O   . GLU B 1 35  ? -3.086  -17.556 -1.412  1.00 17.93  ? 35  GLU A O   1 
ATOM   1047 C CB  . GLU B 1 35  ? -0.372  -19.276 -1.694  1.00 31.87  ? 35  GLU A CB  1 
ATOM   1048 C CG  . GLU B 1 35  ? -0.714  -19.045 -0.224  1.00 59.93  ? 35  GLU A CG  1 
ATOM   1049 C CD  . GLU B 1 35  ? 0.488   -19.224 0.690   1.00 66.51  ? 35  GLU A CD  1 
ATOM   1050 O OE1 . GLU B 1 35  ? 1.337   -20.093 0.395   1.00 53.91  ? 35  GLU A OE1 1 
ATOM   1051 O OE2 . GLU B 1 35  ? 0.588   -18.492 1.700   1.00 55.47  ? 35  GLU A OE2 1 
ATOM   1052 N N   . GLU B 1 36  ? -1.365  -16.248 -2.061  1.00 11.76  ? 36  GLU A N   1 
ATOM   1053 C CA  . GLU B 1 36  ? -1.895  -15.031 -1.452  1.00 11.90  ? 36  GLU A CA  1 
ATOM   1054 C C   . GLU B 1 36  ? -3.108  -14.501 -2.199  1.00 15.90  ? 36  GLU A C   1 
ATOM   1055 O O   . GLU B 1 36  ? -4.114  -14.124 -1.594  1.00 14.46  ? 36  GLU A O   1 
ATOM   1056 C CB  . GLU B 1 36  ? -0.814  -13.956 -1.391  1.00 14.87  ? 36  GLU A CB  1 
ATOM   1057 C CG  . GLU B 1 36  ? 0.294   -14.286 -0.415  1.00 26.23  ? 36  GLU A CG  1 
ATOM   1058 C CD  . GLU B 1 36  ? 1.258   -13.138 -0.220  1.00 24.47  ? 36  GLU A CD  1 
ATOM   1059 O OE1 . GLU B 1 36  ? 1.991   -12.805 -1.173  1.00 20.26  ? 36  GLU A OE1 1 
ATOM   1060 O OE2 . GLU B 1 36  ? 1.283   -12.572 0.889   1.00 21.88  ? 36  GLU A OE2 1 
ATOM   1061 N N   . ILE B 1 37  ? -2.999  -14.467 -3.520  1.00 14.52  ? 37  ILE A N   1 
ATOM   1062 C CA  . ILE B 1 37  ? -4.104  -14.044 -4.371  1.00 13.92  ? 37  ILE A CA  1 
ATOM   1063 C C   . ILE B 1 37  ? -5.326  -14.951 -4.197  1.00 12.79  ? 37  ILE A C   1 
ATOM   1064 O O   . ILE B 1 37  ? -6.468  -14.485 -4.179  1.00 14.12  ? 37  ILE A O   1 
ATOM   1065 C CB  . ILE B 1 37  ? -3.667  -14.011 -5.851  1.00 12.61  ? 37  ILE A CB  1 
ATOM   1066 C CG1 . ILE B 1 37  ? -2.559  -12.965 -6.042  1.00 24.23  ? 37  ILE A CG1 1 
ATOM   1067 C CG2 . ILE B 1 37  ? -4.859  -13.720 -6.762  1.00 16.53  ? 37  ILE A CG2 1 
ATOM   1068 C CD1 . ILE B 1 37  ? -1.793  -13.095 -7.333  1.00 18.08  ? 37  ILE A CD1 1 
ATOM   1069 N N   . VAL B 1 38  ? -5.088  -16.251 -4.081  1.00 12.73  ? 38  VAL A N   1 
ATOM   1070 C CA  . VAL B 1 38  ? -6.178  -17.198 -3.868  1.00 14.09  ? 38  VAL A CA  1 
ATOM   1071 C C   . VAL B 1 38  ? -6.846  -16.970 -2.510  1.00 10.80  ? 38  VAL A C   1 
ATOM   1072 O O   . VAL B 1 38  ? -8.073  -16.947 -2.414  1.00 17.87  ? 38  VAL A O   1 
ATOM   1073 C CB  . VAL B 1 38  ? -5.701  -18.655 -4.000  1.00 13.64  ? 38  VAL A CB  1 
ATOM   1074 C CG1 . VAL B 1 38  ? -6.799  -19.612 -3.575  1.00 24.51  ? 38  VAL A CG1 1 
ATOM   1075 C CG2 . VAL B 1 38  ? -5.269  -18.934 -5.438  1.00 10.92  ? 38  VAL A CG2 1 
ATOM   1076 N N   . ARG B 1 39  ? -6.050  -16.771 -1.465  1.00 14.31  ? 39  ARG A N   1 
ATOM   1077 C CA  . ARG B 1 39  ? -6.614  -16.482 -0.147  1.00 22.83  ? 39  ARG A CA  1 
ATOM   1078 C C   . ARG B 1 39  ? -7.432  -15.191 -0.180  1.00 17.03  ? 39  ARG A C   1 
ATOM   1079 O O   . ARG B 1 39  ? -8.540  -15.135 0.350   1.00 17.46  ? 39  ARG A O   1 
ATOM   1080 C CB  . ARG B 1 39  ? -5.518  -16.389 0.928   1.00 24.92  ? 39  ARG A CB  1 
ATOM   1081 C CG  . ARG B 1 39  ? -6.062  -16.220 2.350   1.00 33.37  ? 39  ARG A CG  1 
ATOM   1082 C CD  . ARG B 1 39  ? -4.950  -15.955 3.368   1.00 38.79  ? 39  ARG A CD  1 
ATOM   1083 N NE  . ARG B 1 39  ? -3.810  -16.850 3.180   1.00 56.92  ? 39  ARG A NE  1 
ATOM   1084 C CZ  . ARG B 1 39  ? -2.611  -16.459 2.755   1.00 66.60  ? 39  ARG A CZ  1 
ATOM   1085 N NH1 . ARG B 1 39  ? -2.380  -15.181 2.486   1.00 58.27  ? 39  ARG A NH1 1 
ATOM   1086 N NH2 . ARG B 1 39  ? -1.637  -17.345 2.606   1.00 54.04  ? 39  ARG A NH2 1 
ATOM   1087 N N   . ALA B 1 40  ? -6.882  -14.155 -0.804  1.00 15.08  ? 40  ALA A N   1 
ATOM   1088 C CA  . ALA B 1 40  ? -7.595  -12.884 -0.930  1.00 17.61  ? 40  ALA A CA  1 
ATOM   1089 C C   . ALA B 1 40  ? -8.933  -13.035 -1.673  1.00 19.26  ? 40  ALA A C   1 
ATOM   1090 O O   . ALA B 1 40  ? -9.962  -12.525 -1.228  1.00 18.87  ? 40  ALA A O   1 
ATOM   1091 C CB  . ALA B 1 40  ? -6.715  -11.845 -1.617  1.00 15.79  ? 40  ALA A CB  1 
ATOM   1092 N N   . ALA B 1 41  ? -8.915  -13.733 -2.804  1.00 18.24  ? 41  ALA A N   1 
ATOM   1093 C CA  . ALA B 1 41  ? -10.138 -13.959 -3.574  1.00 18.02  ? 41  ALA A CA  1 
ATOM   1094 C C   . ALA B 1 41  ? -11.215 -14.633 -2.726  1.00 20.54  ? 41  ALA A C   1 
ATOM   1095 O O   . ALA B 1 41  ? -12.379 -14.237 -2.754  1.00 22.56  ? 41  ALA A O   1 
ATOM   1096 C CB  . ALA B 1 41  ? -9.846  -14.787 -4.811  1.00 15.32  ? 41  ALA A CB  1 
ATOM   1097 N N   . GLU B 1 42  ? -10.815 -15.652 -1.973  1.00 17.90  ? 42  GLU A N   1 
ATOM   1098 C CA  . GLU B 1 42  ? -11.742 -16.401 -1.134  1.00 24.49  ? 42  GLU A CA  1 
ATOM   1099 C C   . GLU B 1 42  ? -12.315 -15.558 0.001   1.00 22.61  ? 42  GLU A C   1 
ATOM   1100 O O   . GLU B 1 42  ? -13.496 -15.674 0.323   1.00 26.37  ? 42  GLU A O   1 
ATOM   1101 C CB  . GLU B 1 42  ? -11.077 -17.670 -0.597  1.00 27.79  ? 42  GLU A CB  1 
ATOM   1102 C CG  . GLU B 1 42  ? -10.920 -18.755 -1.657  1.00 42.72  ? 42  GLU A CG  1 
ATOM   1103 C CD  . GLU B 1 42  ? -9.832  -19.754 -1.320  1.00 42.43  ? 42  GLU A CD  1 
ATOM   1104 O OE1 . GLU B 1 42  ? -9.184  -19.602 -0.263  1.00 63.38  ? 42  GLU A OE1 1 
ATOM   1105 O OE2 . GLU B 1 42  ? -9.621  -20.692 -2.118  1.00 61.33  ? 42  GLU A OE2 1 
ATOM   1106 N N   . GLU B 1 43  ? -11.491 -14.703 0.597   1.00 24.95  ? 43  GLU A N   1 
ATOM   1107 C CA  . GLU B 1 43  ? -11.977 -13.810 1.645   1.00 25.18  ? 43  GLU A CA  1 
ATOM   1108 C C   . GLU B 1 43  ? -12.920 -12.756 1.085   1.00 26.95  ? 43  GLU A C   1 
ATOM   1109 O O   . GLU B 1 43  ? -13.808 -12.275 1.786   1.00 30.12  ? 43  GLU A O   1 
ATOM   1110 C CB  . GLU B 1 43  ? -10.824 -13.145 2.394   1.00 31.05  ? 43  GLU A CB  1 
ATOM   1111 C CG  . GLU B 1 43  ? -10.201 -14.032 3.452   1.00 50.83  ? 43  GLU A CG  1 
ATOM   1112 C CD  . GLU B 1 43  ? -9.858  -13.269 4.716   1.00 94.36  ? 43  GLU A CD  1 
ATOM   1113 O OE1 . GLU B 1 43  ? -10.209 -12.073 4.804   1.00 89.09  ? 43  GLU A OE1 1 
ATOM   1114 O OE2 . GLU B 1 43  ? -9.238  -13.865 5.623   1.00 89.30  ? 43  GLU A OE2 1 
ATOM   1115 N N   . LEU B 1 44  ? -12.724 -12.398 -0.178  1.00 19.45  ? 44  LEU A N   1 
ATOM   1116 C CA  . LEU B 1 44  ? -13.584 -11.427 -0.841  1.00 18.11  ? 44  LEU A CA  1 
ATOM   1117 C C   . LEU B 1 44  ? -14.856 -12.059 -1.392  1.00 24.40  ? 44  LEU A C   1 
ATOM   1118 O O   . LEU B 1 44  ? -15.680 -11.374 -1.989  1.00 21.92  ? 44  LEU A O   1 
ATOM   1119 C CB  . LEU B 1 44  ? -12.826 -10.714 -1.961  1.00 15.01  ? 44  LEU A CB  1 
ATOM   1120 C CG  . LEU B 1 44  ? -11.687 -9.817  -1.483  1.00 19.71  ? 44  LEU A CG  1 
ATOM   1121 C CD1 . LEU B 1 44  ? -10.798 -9.407  -2.648  1.00 19.08  ? 44  LEU A CD1 1 
ATOM   1122 C CD2 . LEU B 1 44  ? -12.240 -8.592  -0.771  1.00 23.23  ? 44  LEU A CD2 1 
ATOM   1123 N N   . LYS B 1 45  ? -15.006 -13.365 -1.191  1.00 20.49  ? 45  LYS A N   1 
ATOM   1124 C CA  . LYS B 1 45  ? -16.163 -14.110 -1.692  1.00 28.36  ? 45  LYS A CA  1 
ATOM   1125 C C   . LYS B 1 45  ? -16.157 -14.338 -3.209  1.00 34.01  ? 45  LYS A C   1 
ATOM   1126 O O   . LYS B 1 45  ? -17.189 -14.682 -3.791  1.00 26.61  ? 45  LYS A O   1 
ATOM   1127 C CB  . LYS B 1 45  ? -17.476 -13.449 -1.255  1.00 28.37  ? 45  LYS A CB  1 
ATOM   1128 C CG  . LYS B 1 45  ? -17.638 -13.360 0.253   1.00 34.63  ? 45  LYS A CG  1 
ATOM   1129 C CD  . LYS B 1 45  ? -17.367 -14.709 0.896   1.00 44.30  ? 45  LYS A CD  1 
ATOM   1130 C CE  . LYS B 1 45  ? -17.080 -14.569 2.381   1.00 52.94  ? 45  LYS A CE  1 
ATOM   1131 N NZ  . LYS B 1 45  ? -16.494 -15.816 2.950   1.00 70.41  ? 45  LYS A NZ  1 
ATOM   1132 N N   . PHE B 1 46  ? -15.003 -14.157 -3.846  1.00 23.20  ? 46  PHE A N   1 
ATOM   1133 C CA  . PHE B 1 46  ? -14.881 -14.464 -5.265  1.00 19.84  ? 46  PHE A CA  1 
ATOM   1134 C C   . PHE B 1 46  ? -14.793 -15.972 -5.439  1.00 27.84  ? 46  PHE A C   1 
ATOM   1135 O O   . PHE B 1 46  ? -14.393 -16.687 -4.522  1.00 29.89  ? 46  PHE A O   1 
ATOM   1136 C CB  . PHE B 1 46  ? -13.633 -13.827 -5.879  1.00 15.61  ? 46  PHE A CB  1 
ATOM   1137 C CG  . PHE B 1 46  ? -13.590 -12.329 -5.779  1.00 26.19  ? 46  PHE A CG  1 
ATOM   1138 C CD1 . PHE B 1 46  ? -14.723 -11.601 -5.449  1.00 27.42  ? 46  PHE A CD1 1 
ATOM   1139 C CD2 . PHE B 1 46  ? -12.413 -11.646 -6.047  1.00 19.01  ? 46  PHE A CD2 1 
ATOM   1140 C CE1 . PHE B 1 46  ? -14.672 -10.218 -5.368  1.00 20.73  ? 46  PHE A CE1 1 
ATOM   1141 C CE2 . PHE B 1 46  ? -12.356 -10.266 -5.977  1.00 19.17  ? 46  PHE A CE2 1 
ATOM   1142 C CZ  . PHE B 1 46  ? -13.487 -9.549  -5.637  1.00 20.92  ? 46  PHE A CZ  1 
ATOM   1143 N N   . LYS B 1 47  ? -15.157 -16.453 -6.620  1.00 21.68  ? 47  LYS A N   1 
ATOM   1144 C CA  . LYS B 1 47  ? -15.045 -17.874 -6.921  1.00 27.97  ? 47  LYS A CA  1 
ATOM   1145 C C   . LYS B 1 47  ? -13.677 -18.143 -7.526  1.00 16.80  ? 47  LYS A C   1 
ATOM   1146 O O   . LYS B 1 47  ? -13.287 -17.490 -8.486  1.00 21.92  ? 47  LYS A O   1 
ATOM   1147 C CB  . LYS B 1 47  ? -16.127 -18.299 -7.915  1.00 27.14  ? 47  LYS A CB  1 
ATOM   1148 C CG  . LYS B 1 47  ? -17.471 -17.637 -7.692  1.00 45.00  ? 47  LYS A CG  1 
ATOM   1149 C CD  . LYS B 1 47  ? -18.086 -18.072 -6.376  1.00 35.95  ? 47  LYS A CD  1 
ATOM   1150 C CE  . LYS B 1 47  ? -18.498 -19.536 -6.416  1.00 45.55  ? 47  LYS A CE  1 
ATOM   1151 N NZ  . LYS B 1 47  ? -19.596 -19.774 -7.395  1.00 79.99  ? 47  LYS A NZ  1 
ATOM   1152 N N   . VAL B 1 48  ? -12.947 -19.095 -6.960  1.00 16.11  ? 48  VAL A N   1 
ATOM   1153 C CA  . VAL B 1 48  ? -11.674 -19.509 -7.543  1.00 14.25  ? 48  VAL A CA  1 
ATOM   1154 C C   . VAL B 1 48  ? -11.937 -20.705 -8.452  1.00 18.82  ? 48  VAL A C   1 
ATOM   1155 O O   . VAL B 1 48  ? -12.219 -21.806 -7.984  1.00 25.71  ? 48  VAL A O   1 
ATOM   1156 C CB  . VAL B 1 48  ? -10.630 -19.875 -6.462  1.00 19.65  ? 48  VAL A CB  1 
ATOM   1157 C CG1 . VAL B 1 48  ? -9.321  -20.293 -7.111  1.00 19.85  ? 48  VAL A CG1 1 
ATOM   1158 C CG2 . VAL B 1 48  ? -10.409 -18.705 -5.509  1.00 18.74  ? 48  VAL A CG2 1 
ATOM   1159 N N   . ILE B 1 49  ? -11.859 -20.474 -9.757  1.00 14.14  ? 49  ILE A N   1 
ATOM   1160 C CA  . ILE B 1 49  ? -12.230 -21.477 -10.743 1.00 15.32  ? 49  ILE A CA  1 
ATOM   1161 C C   . ILE B 1 49  ? -11.063 -22.405 -11.040 1.00 25.41  ? 49  ILE A C   1 
ATOM   1162 O O   . ILE B 1 49  ? -11.222 -23.628 -11.109 1.00 20.91  ? 49  ILE A O   1 
ATOM   1163 C CB  . ILE B 1 49  ? -12.662 -20.810 -12.065 1.00 18.93  ? 49  ILE A CB  1 
ATOM   1164 C CG1 . ILE B 1 49  ? -13.844 -19.856 -11.830 1.00 26.13  ? 49  ILE A CG1 1 
ATOM   1165 C CG2 . ILE B 1 49  ? -12.988 -21.859 -13.119 1.00 17.16  ? 49  ILE A CG2 1 
ATOM   1166 C CD1 . ILE B 1 49  ? -15.015 -20.495 -11.109 1.00 28.79  ? 49  ILE A CD1 1 
ATOM   1167 N N   . ARG B 1 50  ? -9.889  -21.810 -11.221 1.00 14.97  ? 50  ARG A N   1 
ATOM   1168 C CA  . ARG B 1 50  ? -8.705  -22.561 -11.604 1.00 18.87  ? 50  ARG A CA  1 
ATOM   1169 C C   . ARG B 1 50  ? -7.450  -21.861 -11.107 1.00 17.32  ? 50  ARG A C   1 
ATOM   1170 O O   . ARG B 1 50  ? -7.405  -20.632 -10.998 1.00 15.13  ? 50  ARG A O   1 
ATOM   1171 C CB  . ARG B 1 50  ? -8.647  -22.718 -13.126 1.00 18.72  ? 50  ARG A CB  1 
ATOM   1172 C CG  . ARG B 1 50  ? -7.510  -23.581 -13.628 1.00 28.44  ? 50  ARG A CG  1 
ATOM   1173 C CD  . ARG B 1 50  ? -7.650  -23.856 -15.113 1.00 42.66  ? 50  ARG A CD  1 
ATOM   1174 N NE  . ARG B 1 50  ? -6.511  -24.599 -15.642 1.00 42.17  ? 50  ARG A NE  1 
ATOM   1175 C CZ  . ARG B 1 50  ? -6.411  -25.009 -16.903 1.00 54.74  ? 50  ARG A CZ  1 
ATOM   1176 N NH1 . ARG B 1 50  ? -7.389  -24.751 -17.761 1.00 48.42  ? 50  ARG A NH1 1 
ATOM   1177 N NH2 . ARG B 1 50  ? -5.337  -25.677 -17.304 1.00 39.62  ? 50  ARG A NH2 1 
ATOM   1178 N N   . VAL B 1 51  ? -6.431  -22.653 -10.807 1.00 14.30  ? 51  VAL A N   1 
ATOM   1179 C CA  . VAL B 1 51  ? -5.147  -22.109 -10.386 1.00 11.29  ? 51  VAL A CA  1 
ATOM   1180 C C   . VAL B 1 51  ? -4.040  -22.867 -11.098 1.00 24.22  ? 51  VAL A C   1 
ATOM   1181 O O   . VAL B 1 51  ? -3.988  -24.097 -11.039 1.00 20.68  ? 51  VAL A O   1 
ATOM   1182 C CB  . VAL B 1 51  ? -4.948  -22.253 -8.864  1.00 13.56  ? 51  VAL A CB  1 
ATOM   1183 C CG1 . VAL B 1 51  ? -3.549  -21.809 -8.469  1.00 24.85  ? 51  VAL A CG1 1 
ATOM   1184 C CG2 . VAL B 1 51  ? -5.998  -21.460 -8.105  1.00 15.94  ? 51  VAL A CG2 1 
ATOM   1185 N N   A GLU B 1 52  ? -3.166  -22.131 -11.779 0.50 24.06  ? 52  GLU A N   1 
ATOM   1186 N N   B GLU B 1 52  ? -3.161  -22.135 -11.772 0.50 24.09  ? 52  GLU A N   1 
ATOM   1187 C CA  A GLU B 1 52  ? -2.018  -22.715 -12.467 0.50 31.09  ? 52  GLU A CA  1 
ATOM   1188 C CA  B GLU B 1 52  ? -2.018  -22.740 -12.442 0.50 31.24  ? 52  GLU A CA  1 
ATOM   1189 C C   A GLU B 1 52  ? -0.719  -22.236 -11.833 0.50 30.86  ? 52  GLU A C   1 
ATOM   1190 C C   B GLU B 1 52  ? -0.718  -22.237 -11.836 0.50 30.91  ? 52  GLU A C   1 
ATOM   1191 O O   A GLU B 1 52  ? -0.644  -21.120 -11.317 0.50 30.88  ? 52  GLU A O   1 
ATOM   1192 O O   B GLU B 1 52  ? -0.642  -21.110 -11.349 0.50 30.44  ? 52  GLU A O   1 
ATOM   1193 C CB  A GLU B 1 52  ? -2.036  -22.339 -13.950 0.50 36.20  ? 52  GLU A CB  1 
ATOM   1194 C CB  B GLU B 1 52  ? -2.044  -22.436 -13.936 0.50 36.11  ? 52  GLU A CB  1 
ATOM   1195 C CG  A GLU B 1 52  ? -2.854  -23.269 -14.826 0.50 35.15  ? 52  GLU A CG  1 
ATOM   1196 C CG  B GLU B 1 52  ? -3.227  -23.028 -14.664 0.50 35.36  ? 52  GLU A CG  1 
ATOM   1197 C CD  A GLU B 1 52  ? -2.054  -24.459 -15.321 0.50 37.42  ? 52  GLU A CD  1 
ATOM   1198 C CD  B GLU B 1 52  ? -3.182  -22.754 -16.149 0.50 38.39  ? 52  GLU A CD  1 
ATOM   1199 O OE1 A GLU B 1 52  ? -0.947  -24.256 -15.863 0.50 37.28  ? 52  GLU A OE1 1 
ATOM   1200 O OE1 B GLU B 1 52  ? -2.326  -21.953 -16.581 0.50 39.79  ? 52  GLU A OE1 1 
ATOM   1201 O OE2 A GLU B 1 52  ? -2.536  -25.599 -15.178 0.50 34.05  ? 52  GLU A OE2 1 
ATOM   1202 O OE2 B GLU B 1 52  ? -4.002  -23.340 -16.882 0.50 39.88  ? 52  GLU A OE2 1 
ATOM   1203 N N   . GLU B 1 53  ? 0.305   -23.082 -11.867 1.00 33.08  ? 53  GLU A N   1 
ATOM   1204 C CA  . GLU B 1 53  ? 1.607   -22.716 -11.318 1.00 40.60  ? 53  GLU A CA  1 
ATOM   1205 C C   . GLU B 1 53  ? 2.715   -23.488 -12.016 1.00 36.49  ? 53  GLU A C   1 
ATOM   1206 O O   . GLU B 1 53  ? 3.206   -24.493 -11.502 1.00 45.97  ? 53  GLU A O   1 
ATOM   1207 C CB  . GLU B 1 53  ? 1.654   -22.960 -9.809  1.00 41.02  ? 53  GLU A CB  1 
ATOM   1208 N N   . ASP B 1 54  ? 3.100   -23.011 -13.191 1.00 30.37  ? 54  ASP A N   1 
ATOM   1209 C CA  . ASP B 1 54  ? 4.116   -23.676 -13.992 1.00 32.79  ? 54  ASP A CA  1 
ATOM   1210 C C   . ASP B 1 54  ? 5.502   -23.109 -13.739 1.00 20.02  ? 54  ASP A C   1 
ATOM   1211 O O   . ASP B 1 54  ? 5.664   -21.913 -13.530 1.00 25.55  ? 54  ASP A O   1 
ATOM   1212 C CB  . ASP B 1 54  ? 3.789   -23.539 -15.473 1.00 27.48  ? 54  ASP A CB  1 
ATOM   1213 C CG  . ASP B 1 54  ? 2.476   -24.186 -15.835 1.00 42.44  ? 54  ASP A CG  1 
ATOM   1214 O OD1 . ASP B 1 54  ? 1.835   -24.775 -14.936 1.00 41.90  ? 54  ASP A OD1 1 
ATOM   1215 O OD2 . ASP B 1 54  ? 2.088   -24.109 -17.019 1.00 49.62  ? 54  ASP A OD2 1 
ATOM   1216 N N   . LYS B 1 55  ? 6.502   -23.978 -13.781 1.00 26.51  ? 55  LYS A N   1 
ATOM   1217 C CA  . LYS B 1 55  ? 7.883   -23.534 -13.707 1.00 18.80  ? 55  LYS A CA  1 
ATOM   1218 C C   . LYS B 1 55  ? 8.644   -24.073 -14.905 1.00 21.41  ? 55  LYS A C   1 
ATOM   1219 O O   . LYS B 1 55  ? 8.504   -25.246 -15.262 1.00 18.60  ? 55  LYS A O   1 
ATOM   1220 C CB  . LYS B 1 55  ? 8.519   -23.973 -12.393 1.00 21.46  ? 55  LYS A CB  1 
ATOM   1221 C CG  . LYS B 1 55  ? 8.000   -23.203 -11.192 1.00 26.99  ? 55  LYS A CG  1 
ATOM   1222 C CD  . LYS B 1 55  ? 8.576   -23.729 -9.889  1.00 46.07  ? 55  LYS A CD  1 
ATOM   1223 C CE  . LYS B 1 55  ? 7.678   -24.790 -9.276  1.00 66.42  ? 55  LYS A CE  1 
ATOM   1224 N NZ  . LYS B 1 55  ? 6.371   -24.216 -8.838  1.00 66.58  ? 55  LYS A NZ  1 
ATOM   1225 N N   . LEU B 1 56  ? 9.419   -23.198 -15.541 1.00 18.78  ? 56  LEU A N   1 
ATOM   1226 C CA  . LEU B 1 56  ? 10.169  -23.542 -16.739 1.00 15.49  ? 56  LEU A CA  1 
ATOM   1227 C C   . LEU B 1 56  ? 11.633  -23.163 -16.578 1.00 19.76  ? 56  LEU A C   1 
ATOM   1228 O O   . LEU B 1 56  ? 11.952  -22.090 -16.072 1.00 22.98  ? 56  LEU A O   1 
ATOM   1229 C CB  . LEU B 1 56  ? 9.604   -22.799 -17.947 1.00 28.34  ? 56  LEU A CB  1 
ATOM   1230 C CG  . LEU B 1 56  ? 8.103   -22.921 -18.195 1.00 48.45  ? 56  LEU A CG  1 
ATOM   1231 C CD1 . LEU B 1 56  ? 7.726   -22.200 -19.472 1.00 58.00  ? 56  LEU A CD1 1 
ATOM   1232 C CD2 . LEU B 1 56  ? 7.698   -24.383 -18.264 1.00 40.81  ? 56  LEU A CD2 1 
ATOM   1233 N N   . ASN B 1 57  ? 12.520  -24.047 -17.016 1.00 21.59  ? 57  ASN A N   1 
ATOM   1234 C CA  . ASN B 1 57  ? 13.947  -23.761 -16.998 1.00 22.35  ? 57  ASN A CA  1 
ATOM   1235 C C   . ASN B 1 57  ? 14.262  -22.774 -18.120 1.00 36.53  ? 57  ASN A C   1 
ATOM   1236 O O   . ASN B 1 57  ? 13.799  -22.947 -19.246 1.00 35.58  ? 57  ASN A O   1 
ATOM   1237 C CB  . ASN B 1 57  ? 14.739  -25.061 -17.162 1.00 33.31  ? 57  ASN A CB  1 
ATOM   1238 C CG  . ASN B 1 57  ? 16.156  -24.954 -16.638 1.00 40.68  ? 57  ASN A CG  1 
ATOM   1239 O OD1 . ASN B 1 57  ? 16.864  -23.990 -16.925 1.00 53.70  ? 57  ASN A OD1 1 
ATOM   1240 N ND2 . ASN B 1 57  ? 16.582  -25.953 -15.868 1.00 33.44  ? 57  ASN A ND2 1 
ATOM   1241 N N   . PRO B 1 58  ? 15.022  -21.714 -17.811 1.00 31.66  ? 58  PRO A N   1 
ATOM   1242 C CA  . PRO B 1 58  ? 15.312  -20.676 -18.813 1.00 37.45  ? 58  PRO A CA  1 
ATOM   1243 C C   . PRO B 1 58  ? 16.144  -21.189 -19.994 1.00 46.13  ? 58  PRO A C   1 
ATOM   1244 O O   . PRO B 1 58  ? 17.084  -21.967 -19.810 1.00 33.59  ? 58  PRO A O   1 
ATOM   1245 C CB  . PRO B 1 58  ? 16.102  -19.631 -18.016 1.00 35.00  ? 58  PRO A CB  1 
ATOM   1246 C CG  . PRO B 1 58  ? 15.695  -19.855 -16.585 1.00 36.22  ? 58  PRO A CG  1 
ATOM   1247 C CD  . PRO B 1 58  ? 15.487  -21.335 -16.464 1.00 27.83  ? 58  PRO A CD  1 
ATOM   1248 N N   . GLU B 1 66  ? 18.011  -20.614 -12.746 1.00 29.44  ? 66  GLU A N   1 
ATOM   1249 C CA  . GLU B 1 66  ? 16.929  -20.663 -11.769 1.00 29.22  ? 66  GLU A CA  1 
ATOM   1250 C C   . GLU B 1 66  ? 15.583  -20.762 -12.487 1.00 28.01  ? 66  GLU A C   1 
ATOM   1251 O O   . GLU B 1 66  ? 15.348  -20.061 -13.473 1.00 24.93  ? 66  GLU A O   1 
ATOM   1252 C CB  . GLU B 1 66  ? 16.965  -19.418 -10.885 1.00 36.42  ? 66  GLU A CB  1 
ATOM   1253 C CG  . GLU B 1 66  ? 16.495  -19.647 -9.461  1.00 32.35  ? 66  GLU A CG  1 
ATOM   1254 C CD  . GLU B 1 66  ? 17.425  -20.556 -8.671  1.00 35.72  ? 66  GLU A CD  1 
ATOM   1255 O OE1 . GLU B 1 66  ? 18.579  -20.762 -9.103  1.00 39.80  ? 66  GLU A OE1 1 
ATOM   1256 O OE2 . GLU B 1 66  ? 17.002  -21.067 -7.614  1.00 44.88  ? 66  GLU A OE2 1 
ATOM   1257 N N   . LEU B 1 67  ? 14.703  -21.631 -11.996 1.00 20.01  ? 67  LEU A N   1 
ATOM   1258 C CA  . LEU B 1 67  ? 13.409  -21.838 -12.645 1.00 25.33  ? 67  LEU A CA  1 
ATOM   1259 C C   . LEU B 1 67  ? 12.578  -20.561 -12.672 1.00 34.27  ? 67  LEU A C   1 
ATOM   1260 O O   . LEU B 1 67  ? 12.453  -19.875 -11.655 1.00 29.56  ? 67  LEU A O   1 
ATOM   1261 C CB  . LEU B 1 67  ? 12.614  -22.933 -11.935 1.00 25.72  ? 67  LEU A CB  1 
ATOM   1262 C CG  . LEU B 1 67  ? 13.099  -24.372 -12.103 1.00 29.96  ? 67  LEU A CG  1 
ATOM   1263 C CD1 . LEU B 1 67  ? 12.395  -25.272 -11.104 1.00 30.80  ? 67  LEU A CD1 1 
ATOM   1264 C CD2 . LEU B 1 67  ? 12.878  -24.848 -13.536 1.00 24.61  ? 67  LEU A CD2 1 
ATOM   1265 N N   . ARG B 1 68  ? 12.007  -20.245 -13.831 1.00 24.09  ? 68  ARG A N   1 
ATOM   1266 C CA  . ARG B 1 68  ? 11.064  -19.136 -13.916 1.00 25.78  ? 68  ARG A CA  1 
ATOM   1267 C C   . ARG B 1 68  ? 9.633   -19.620 -13.678 1.00 29.58  ? 68  ARG A C   1 
ATOM   1268 O O   . ARG B 1 68  ? 9.176   -20.592 -14.290 1.00 25.84  ? 68  ARG A O   1 
ATOM   1269 C CB  . ARG B 1 68  ? 11.185  -18.384 -15.244 1.00 31.02  ? 68  ARG A CB  1 
ATOM   1270 C CG  . ARG B 1 68  ? 11.112  -19.251 -16.483 1.00 53.22  ? 68  ARG A CG  1 
ATOM   1271 C CD  . ARG B 1 68  ? 11.088  -18.395 -17.740 1.00 82.72  ? 68  ARG A CD  1 
ATOM   1272 N NE  . ARG B 1 68  ? 12.168  -17.411 -17.754 1.00 100.82 ? 68  ARG A NE  1 
ATOM   1273 C CZ  . ARG B 1 68  ? 12.321  -16.483 -18.693 1.00 87.86  ? 68  ARG A CZ  1 
ATOM   1274 N NH1 . ARG B 1 68  ? 11.462  -16.406 -19.701 1.00 118.07 ? 68  ARG A NH1 1 
ATOM   1275 N NH2 . ARG B 1 68  ? 13.334  -15.631 -18.626 1.00 48.99  ? 68  ARG A NH2 1 
ATOM   1276 N N   . THR B 1 69  ? 8.944   -18.935 -12.772 1.00 25.22  ? 69  THR A N   1 
ATOM   1277 C CA  . THR B 1 69  ? 7.603   -19.320 -12.350 1.00 37.27  ? 69  THR A CA  1 
ATOM   1278 C C   . THR B 1 69  ? 6.534   -18.566 -13.129 1.00 30.15  ? 69  THR A C   1 
ATOM   1279 O O   . THR B 1 69  ? 6.670   -17.371 -13.390 1.00 29.94  ? 69  THR A O   1 
ATOM   1280 C CB  . THR B 1 69  ? 7.406   -19.041 -10.843 1.00 47.35  ? 69  THR A CB  1 
ATOM   1281 O OG1 . THR B 1 69  ? 8.298   -19.863 -10.081 1.00 50.69  ? 69  THR A OG1 1 
ATOM   1282 C CG2 . THR B 1 69  ? 5.974   -19.333 -10.427 1.00 42.74  ? 69  THR A CG2 1 
ATOM   1283 N N   . PHE B 1 70  ? 5.473   -19.272 -13.504 1.00 20.38  ? 70  PHE A N   1 
ATOM   1284 C CA  . PHE B 1 70  ? 4.338   -18.653 -14.181 1.00 31.42  ? 70  PHE A CA  1 
ATOM   1285 C C   . PHE B 1 70  ? 3.032   -19.021 -13.485 1.00 35.00  ? 70  PHE A C   1 
ATOM   1286 O O   . PHE B 1 70  ? 2.560   -20.152 -13.598 1.00 31.28  ? 70  PHE A O   1 
ATOM   1287 C CB  . PHE B 1 70  ? 4.284   -19.090 -15.644 1.00 24.27  ? 70  PHE A CB  1 
ATOM   1288 C CG  . PHE B 1 70  ? 5.515   -18.740 -16.425 1.00 33.89  ? 70  PHE A CG  1 
ATOM   1289 C CD1 . PHE B 1 70  ? 6.537   -19.664 -16.586 1.00 38.63  ? 70  PHE A CD1 1 
ATOM   1290 C CD2 . PHE B 1 70  ? 5.656   -17.488 -16.998 1.00 50.62  ? 70  PHE A CD2 1 
ATOM   1291 C CE1 . PHE B 1 70  ? 7.674   -19.344 -17.306 1.00 46.59  ? 70  PHE A CE1 1 
ATOM   1292 C CE2 . PHE B 1 70  ? 6.790   -17.162 -17.720 1.00 45.56  ? 70  PHE A CE2 1 
ATOM   1293 C CZ  . PHE B 1 70  ? 7.799   -18.093 -17.875 1.00 58.40  ? 70  PHE A CZ  1 
ATOM   1294 N N   . GLY B 1 71  ? 2.452   -18.062 -12.769 1.00 28.45  ? 71  GLY A N   1 
ATOM   1295 C CA  . GLY B 1 71  ? 1.225   -18.294 -12.033 1.00 25.27  ? 71  GLY A CA  1 
ATOM   1296 C C   . GLY B 1 71  ? 0.002   -17.654 -12.659 1.00 26.18  ? 71  GLY A C   1 
ATOM   1297 O O   . GLY B 1 71  ? 0.066   -16.573 -13.253 1.00 21.08  ? 71  GLY A O   1 
ATOM   1298 N N   . MET B 1 72  ? -1.132  -18.321 -12.509 1.00 18.13  ? 72  MET A N   1 
ATOM   1299 C CA  . MET B 1 72  ? -2.359  -17.848 -13.109 1.00 18.19  ? 72  MET A CA  1 
ATOM   1300 C C   . MET B 1 72  ? -3.553  -18.293 -12.272 1.00 22.38  ? 72  MET A C   1 
ATOM   1301 O O   . MET B 1 72  ? -3.656  -19.463 -11.904 1.00 19.82  ? 72  MET A O   1 
ATOM   1302 C CB  . MET B 1 72  ? -2.454  -18.393 -14.535 1.00 22.71  ? 72  MET A CB  1 
ATOM   1303 C CG  . MET B 1 72  ? -3.348  -17.605 -15.446 1.00 36.80  ? 72  MET A CG  1 
ATOM   1304 S SD  . MET B 1 72  ? -3.480  -18.352 -17.080 1.00 46.51  ? 72  MET A SD  1 
ATOM   1305 C CE  . MET B 1 72  ? -1.818  -18.125 -17.705 1.00 34.95  ? 72  MET A CE  1 
ATOM   1306 N N   . ILE B 1 73  ? -4.442  -17.353 -11.957 1.00 13.07  ? 73  ILE A N   1 
ATOM   1307 C CA  . ILE B 1 73  ? -5.659  -17.659 -11.211 1.00 15.34  ? 73  ILE A CA  1 
ATOM   1308 C C   . ILE B 1 73  ? -6.893  -17.172 -11.977 1.00 17.68  ? 73  ILE A C   1 
ATOM   1309 O O   . ILE B 1 73  ? -7.008  -15.988 -12.270 1.00 13.01  ? 73  ILE A O   1 
ATOM   1310 C CB  . ILE B 1 73  ? -5.676  -16.989 -9.809  1.00 14.17  ? 73  ILE A CB  1 
ATOM   1311 C CG1 . ILE B 1 73  ? -4.396  -17.299 -9.023  1.00 14.83  ? 73  ILE A CG1 1 
ATOM   1312 C CG2 . ILE B 1 73  ? -6.897  -17.428 -9.020  1.00 15.98  ? 73  ILE A CG2 1 
ATOM   1313 C CD1 . ILE B 1 73  ? -3.316  -16.223 -9.173  1.00 18.81  ? 73  ILE A CD1 1 
ATOM   1314 N N   . VAL B 1 74  ? -7.800  -18.090 -12.299 1.00 13.79  ? 74  VAL A N   1 
ATOM   1315 C CA  . VAL B 1 74  ? -9.071  -17.741 -12.936 1.00 10.63  ? 74  VAL A CA  1 
ATOM   1316 C C   . VAL B 1 74  ? -10.107 -17.499 -11.859 1.00 13.25  ? 74  VAL A C   1 
ATOM   1317 O O   . VAL B 1 74  ? -10.325 -18.357 -11.011 1.00 18.06  ? 74  VAL A O   1 
ATOM   1318 C CB  . VAL B 1 74  ? -9.585  -18.889 -13.819 1.00 13.77  ? 74  VAL A CB  1 
ATOM   1319 C CG1 . VAL B 1 74  ? -10.869 -18.463 -14.542 1.00 18.07  ? 74  VAL A CG1 1 
ATOM   1320 C CG2 . VAL B 1 74  ? -8.506  -19.310 -14.807 1.00 15.55  ? 74  VAL A CG2 1 
ATOM   1321 N N   . LEU B 1 75  ? -10.746 -16.335 -11.891 1.00 16.03  ? 75  LEU A N   1 
ATOM   1322 C CA  . LEU B 1 75  ? -11.686 -15.957 -10.846 1.00 15.01  ? 75  LEU A CA  1 
ATOM   1323 C C   . LEU B 1 75  ? -13.057 -15.610 -11.426 1.00 18.89  ? 75  LEU A C   1 
ATOM   1324 O O   . LEU B 1 75  ? -13.169 -15.226 -12.586 1.00 13.63  ? 75  LEU A O   1 
ATOM   1325 C CB  . LEU B 1 75  ? -11.158 -14.738 -10.074 1.00 20.25  ? 75  LEU A CB  1 
ATOM   1326 C CG  . LEU B 1 75  ? -9.834  -14.848 -9.315  1.00 16.25  ? 75  LEU A CG  1 
ATOM   1327 C CD1 . LEU B 1 75  ? -9.467  -13.522 -8.659  1.00 15.66  ? 75  LEU A CD1 1 
ATOM   1328 C CD2 . LEU B 1 75  ? -9.903  -15.957 -8.278  1.00 23.62  ? 75  LEU A CD2 1 
ATOM   1329 N N   . GLU B 1 76  ? -14.094 -15.759 -10.608 1.00 19.01  ? 76  GLU A N   1 
ATOM   1330 C CA  . GLU B 1 76  ? -15.394 -15.168 -10.901 1.00 18.30  ? 76  GLU A CA  1 
ATOM   1331 C C   . GLU B 1 76  ? -15.709 -14.163 -9.814  1.00 18.47  ? 76  GLU A C   1 
ATOM   1332 O O   . GLU B 1 76  ? -15.650 -14.483 -8.625  1.00 18.88  ? 76  GLU A O   1 
ATOM   1333 C CB  . GLU B 1 76  ? -16.496 -16.229 -10.972 1.00 29.21  ? 76  GLU A CB  1 
ATOM   1334 C CG  . GLU B 1 76  ? -16.406 -17.125 -12.189 1.00 41.97  ? 76  GLU A CG  1 
ATOM   1335 C CD  . GLU B 1 76  ? -17.687 -17.893 -12.440 1.00 48.39  ? 76  GLU A CD  1 
ATOM   1336 O OE1 . GLU B 1 76  ? -18.628 -17.762 -11.630 1.00 46.05  ? 76  GLU A OE1 1 
ATOM   1337 O OE2 . GLU B 1 76  ? -17.749 -18.627 -13.450 1.00 58.49  ? 76  GLU A OE2 1 
ATOM   1338 N N   . SER B 1 77  ? -16.042 -12.944 -10.227 1.00 15.96  ? 77  SER A N   1 
ATOM   1339 C CA  . SER B 1 77  ? -16.250 -11.844 -9.291  1.00 22.39  ? 77  SER A CA  1 
ATOM   1340 C C   . SER B 1 77  ? -17.450 -11.023 -9.728  1.00 19.56  ? 77  SER A C   1 
ATOM   1341 O O   . SER B 1 77  ? -17.740 -10.955 -10.918 1.00 19.05  ? 77  SER A O   1 
ATOM   1342 C CB  . SER B 1 77  ? -15.013 -10.950 -9.255  1.00 24.23  ? 77  SER A CB  1 
ATOM   1343 O OG  . SER B 1 77  ? -15.328 -9.653  -8.778  1.00 28.49  ? 77  SER A OG  1 
ATOM   1344 N N   . PRO B 1 78  ? -18.142 -10.394 -8.767  1.00 26.52  ? 78  PRO A N   1 
ATOM   1345 C CA  . PRO B 1 78  ? -19.270 -9.501  -9.063  1.00 28.40  ? 78  PRO A CA  1 
ATOM   1346 C C   . PRO B 1 78  ? -18.804 -8.178  -9.670  1.00 28.81  ? 78  PRO A C   1 
ATOM   1347 O O   . PRO B 1 78  ? -19.626 -7.404  -10.164 1.00 27.56  ? 78  PRO A O   1 
ATOM   1348 C CB  . PRO B 1 78  ? -19.895 -9.245  -7.682  1.00 28.72  ? 78  PRO A CB  1 
ATOM   1349 C CG  . PRO B 1 78  ? -19.230 -10.207 -6.738  1.00 36.22  ? 78  PRO A CG  1 
ATOM   1350 C CD  . PRO B 1 78  ? -17.896 -10.516 -7.321  1.00 27.97  ? 78  PRO A CD  1 
ATOM   1351 N N   . TYR B 1 79  ? -17.500 -7.921  -9.633  1.00 20.13  ? 79  TYR A N   1 
ATOM   1352 C CA  . TYR B 1 79  ? -16.955 -6.662  -10.130 1.00 24.69  ? 79  TYR A CA  1 
ATOM   1353 C C   . TYR B 1 79  ? -16.058 -6.876  -11.337 1.00 26.79  ? 79  TYR A C   1 
ATOM   1354 O O   . TYR B 1 79  ? -15.654 -7.998  -11.622 1.00 21.16  ? 79  TYR A O   1 
ATOM   1355 C CB  . TYR B 1 79  ? -16.159 -5.957  -9.031  1.00 24.49  ? 79  TYR A CB  1 
ATOM   1356 C CG  . TYR B 1 79  ? -16.845 -5.935  -7.689  1.00 32.39  ? 79  TYR A CG  1 
ATOM   1357 C CD1 . TYR B 1 79  ? -17.915 -5.081  -7.449  1.00 35.75  ? 79  TYR A CD1 1 
ATOM   1358 C CD2 . TYR B 1 79  ? -16.418 -6.761  -6.656  1.00 29.83  ? 79  TYR A CD2 1 
ATOM   1359 C CE1 . TYR B 1 79  ? -18.543 -5.054  -6.222  1.00 39.00  ? 79  TYR A CE1 1 
ATOM   1360 C CE2 . TYR B 1 79  ? -17.039 -6.743  -5.427  1.00 27.02  ? 79  TYR A CE2 1 
ATOM   1361 C CZ  . TYR B 1 79  ? -18.103 -5.886  -5.215  1.00 45.96  ? 79  TYR A CZ  1 
ATOM   1362 O OH  . TYR B 1 79  ? -18.730 -5.862  -3.992  1.00 44.35  ? 79  TYR A OH  1 
ATOM   1363 N N   . GLY B 1 80  ? -15.739 -5.792  -12.038 1.00 25.77  ? 80  GLY A N   1 
ATOM   1364 C CA  . GLY B 1 80  ? -14.833 -5.864  -13.168 1.00 30.73  ? 80  GLY A CA  1 
ATOM   1365 C C   . GLY B 1 80  ? -13.422 -6.179  -12.704 1.00 26.15  ? 80  GLY A C   1 
ATOM   1366 O O   . GLY B 1 80  ? -13.116 -6.063  -11.512 1.00 22.47  ? 80  GLY A O   1 
ATOM   1367 N N   . LYS B 1 81  ? -12.562 -6.578  -13.637 1.00 22.38  ? 81  LYS A N   1 
ATOM   1368 C CA  . LYS B 1 81  ? -11.195 -6.963  -13.292 1.00 24.60  ? 81  LYS A CA  1 
ATOM   1369 C C   . LYS B 1 81  ? -10.464 -5.849  -12.554 1.00 18.60  ? 81  LYS A C   1 
ATOM   1370 O O   . LYS B 1 81  ? -9.808  -6.089  -11.534 1.00 19.84  ? 81  LYS A O   1 
ATOM   1371 C CB  . LYS B 1 81  ? -10.417 -7.376  -14.546 1.00 26.28  ? 81  LYS A CB  1 
ATOM   1372 C CG  . LYS B 1 81  ? -8.991  -7.795  -14.275 1.00 25.68  ? 81  LYS A CG  1 
ATOM   1373 C CD  . LYS B 1 81  ? -8.360  -8.521  -15.463 1.00 25.42  ? 81  LYS A CD  1 
ATOM   1374 C CE  . LYS B 1 81  ? -6.931  -8.949  -15.123 1.00 25.69  ? 81  LYS A CE  1 
ATOM   1375 N NZ  . LYS B 1 81  ? -6.276  -9.785  -16.171 1.00 21.76  ? 81  LYS A NZ  1 
ATOM   1376 N N   . SER B 1 82  ? -10.592 -4.627  -13.061 1.00 24.05  ? 82  SER A N   1 
ATOM   1377 C CA  . SER B 1 82  ? -9.886  -3.483  -12.488 1.00 25.81  ? 82  SER A CA  1 
ATOM   1378 C C   . SER B 1 82  ? -10.190 -3.309  -11.000 1.00 24.87  ? 82  SER A C   1 
ATOM   1379 O O   . SER B 1 82  ? -9.273  -3.262  -10.177 1.00 22.69  ? 82  SER A O   1 
ATOM   1380 C CB  . SER B 1 82  ? -10.221 -2.203  -13.256 1.00 32.75  ? 82  SER A CB  1 
ATOM   1381 O OG  . SER B 1 82  ? -9.294  -1.175  -12.952 1.00 46.67  ? 82  SER A OG  1 
ATOM   1382 N N   . LYS B 1 83  ? -11.471 -3.214  -10.653 1.00 19.78  ? 83  LYS A N   1 
ATOM   1383 C CA  . LYS B 1 83  ? -11.859 -3.087  -9.254  1.00 27.00  ? 83  LYS A CA  1 
ATOM   1384 C C   . LYS B 1 83  ? -11.499 -4.346  -8.466  1.00 20.48  ? 83  LYS A C   1 
ATOM   1385 O O   . LYS B 1 83  ? -11.104 -4.263  -7.301  1.00 20.96  ? 83  LYS A O   1 
ATOM   1386 C CB  . LYS B 1 83  ? -13.355 -2.787  -9.113  1.00 23.30  ? 83  LYS A CB  1 
ATOM   1387 C CG  . LYS B 1 83  ? -13.850 -2.847  -7.670  1.00 21.15  ? 83  LYS A CG  1 
ATOM   1388 C CD  . LYS B 1 83  ? -15.266 -2.316  -7.530  1.00 35.22  ? 83  LYS A CD  1 
ATOM   1389 C CE  . LYS B 1 83  ? -15.738 -2.397  -6.085  1.00 38.46  ? 83  LYS A CE  1 
ATOM   1390 N NZ  . LYS B 1 83  ? -17.101 -1.822  -5.901  1.00 52.31  ? 83  LYS A NZ  1 
ATOM   1391 N N   . SER B 1 84  ? -11.623 -5.508  -9.102  1.00 18.16  ? 84  SER A N   1 
ATOM   1392 C CA  . SER B 1 84  ? -11.313 -6.759  -8.429  1.00 17.38  ? 84  SER A CA  1 
ATOM   1393 C C   . SER B 1 84  ? -9.841  -6.811  -8.010  1.00 14.16  ? 84  SER A C   1 
ATOM   1394 O O   . SER B 1 84  ? -9.524  -7.221  -6.896  1.00 17.78  ? 84  SER A O   1 
ATOM   1395 C CB  . SER B 1 84  ? -11.670 -7.964  -9.310  1.00 14.34  ? 84  SER A CB  1 
ATOM   1396 O OG  . SER B 1 84  ? -13.077 -8.120  -9.415  1.00 17.43  ? 84  SER A OG  1 
ATOM   1397 N N   . LEU B 1 85  ? -8.945  -6.405  -8.906  1.00 15.66  ? 85  LEU A N   1 
ATOM   1398 C CA  . LEU B 1 85  ? -7.511  -6.418  -8.606  1.00 18.82  ? 85  LEU A CA  1 
ATOM   1399 C C   . LEU B 1 85  ? -7.170  -5.500  -7.435  1.00 23.63  ? 85  LEU A C   1 
ATOM   1400 O O   . LEU B 1 85  ? -6.356  -5.837  -6.569  1.00 17.28  ? 85  LEU A O   1 
ATOM   1401 C CB  . LEU B 1 85  ? -6.699  -6.015  -9.837  1.00 18.70  ? 85  LEU A CB  1 
ATOM   1402 C CG  . LEU B 1 85  ? -6.677  -7.046  -10.965 1.00 11.51  ? 85  LEU A CG  1 
ATOM   1403 C CD1 . LEU B 1 85  ? -6.116  -6.446  -12.241 1.00 19.92  ? 85  LEU A CD1 1 
ATOM   1404 C CD2 . LEU B 1 85  ? -5.887  -8.278  -10.543 1.00 18.21  ? 85  LEU A CD2 1 
ATOM   1405 N N   . LYS B 1 86  ? -7.795  -4.331  -7.413  1.00 16.24  ? 86  LYS A N   1 
ATOM   1406 C CA  . LYS B 1 86  ? -7.610  -3.404  -6.304  1.00 23.08  ? 86  LYS A CA  1 
ATOM   1407 C C   . LYS B 1 86  ? -8.073  -4.022  -4.984  1.00 18.01  ? 86  LYS A C   1 
ATOM   1408 O O   . LYS B 1 86  ? -7.370  -3.947  -3.977  1.00 20.21  ? 86  LYS A O   1 
ATOM   1409 C CB  . LYS B 1 86  ? -8.324  -2.081  -6.585  1.00 22.57  ? 86  LYS A CB  1 
ATOM   1410 C CG  . LYS B 1 86  ? -7.734  -1.335  -7.764  1.00 22.08  ? 86  LYS A CG  1 
ATOM   1411 C CD  . LYS B 1 86  ? -8.562  -0.113  -8.128  1.00 39.04  ? 86  LYS A CD  1 
ATOM   1412 C CE  . LYS B 1 86  ? -8.090  0.484   -9.445  1.00 51.48  ? 86  LYS A CE  1 
ATOM   1413 N NZ  . LYS B 1 86  ? -8.895  1.670   -9.844  1.00 96.60  ? 86  LYS A NZ  1 
ATOM   1414 N N   . LEU B 1 87  ? -9.244  -4.646  -4.989  1.00 15.08  ? 87  LEU A N   1 
ATOM   1415 C CA  . LEU B 1 87  ? -9.733  -5.327  -3.793  1.00 20.80  ? 87  LEU A CA  1 
ATOM   1416 C C   . LEU B 1 87  ? -8.800  -6.451  -3.331  1.00 20.65  ? 87  LEU A C   1 
ATOM   1417 O O   . LEU B 1 87  ? -8.605  -6.645  -2.125  1.00 19.16  ? 87  LEU A O   1 
ATOM   1418 C CB  . LEU B 1 87  ? -11.140 -5.880  -4.024  1.00 19.84  ? 87  LEU A CB  1 
ATOM   1419 C CG  . LEU B 1 87  ? -12.238 -4.851  -4.310  1.00 22.24  ? 87  LEU A CG  1 
ATOM   1420 C CD1 . LEU B 1 87  ? -13.541 -5.544  -4.708  1.00 24.03  ? 87  LEU A CD1 1 
ATOM   1421 C CD2 . LEU B 1 87  ? -12.451 -3.950  -3.114  1.00 19.21  ? 87  LEU A CD2 1 
ATOM   1422 N N   . ILE B 1 88  ? -8.238  -7.195  -4.283  1.00 15.86  ? 88  ILE A N   1 
ATOM   1423 C CA  . ILE B 1 88  ? -7.309  -8.284  -3.957  1.00 15.44  ? 88  ILE A CA  1 
ATOM   1424 C C   . ILE B 1 88  ? -6.023  -7.738  -3.325  1.00 19.64  ? 88  ILE A C   1 
ATOM   1425 O O   . ILE B 1 88  ? -5.535  -8.258  -2.313  1.00 10.15  ? 88  ILE A O   1 
ATOM   1426 C CB  . ILE B 1 88  ? -6.986  -9.145  -5.203  1.00 15.53  ? 88  ILE A CB  1 
ATOM   1427 C CG1 . ILE B 1 88  ? -8.241  -9.891  -5.662  1.00 16.33  ? 88  ILE A CG1 1 
ATOM   1428 C CG2 . ILE B 1 88  ? -5.843  -10.141 -4.930  1.00 13.09  ? 88  ILE A CG2 1 
ATOM   1429 C CD1 . ILE B 1 88  ? -8.076  -10.645 -6.957  1.00 13.09  ? 88  ILE A CD1 1 
ATOM   1430 N N   . ALA B 1 89  ? -5.481  -6.683  -3.919  1.00 13.82  ? 89  ALA A N   1 
ATOM   1431 C CA  . ALA B 1 89  ? -4.253  -6.087  -3.415  1.00 16.97  ? 89  ALA A CA  1 
ATOM   1432 C C   . ALA B 1 89  ? -4.463  -5.569  -1.995  1.00 19.34  ? 89  ALA A C   1 
ATOM   1433 O O   . ALA B 1 89  ? -3.608  -5.751  -1.123  1.00 19.05  ? 89  ALA A O   1 
ATOM   1434 C CB  . ALA B 1 89  ? -3.791  -4.966  -4.334  1.00 19.77  ? 89  ALA A CB  1 
ATOM   1435 N N   . GLN B 1 90  ? -5.608  -4.935  -1.763  1.00 20.62  ? 90  GLN A N   1 
ATOM   1436 C CA  . GLN B 1 90  ? -5.936  -4.432  -0.432  1.00 26.58  ? 90  GLN A CA  1 
ATOM   1437 C C   . GLN B 1 90  ? -6.090  -5.572  0.567   1.00 20.41  ? 90  GLN A C   1 
ATOM   1438 O O   . GLN B 1 90  ? -5.674  -5.454  1.719   1.00 22.45  ? 90  GLN A O   1 
ATOM   1439 C CB  . GLN B 1 90  ? -7.205  -3.578  -0.463  1.00 19.16  ? 90  GLN A CB  1 
ATOM   1440 N N   . LYS B 1 91  ? -6.676  -6.681  0.129   1.00 14.31  ? 91  LYS A N   1 
ATOM   1441 C CA  . LYS B 1 91  ? -6.852  -7.834  1.009   1.00 12.77  ? 91  LYS A CA  1 
ATOM   1442 C C   . LYS B 1 91  ? -5.514  -8.480  1.373   1.00 20.54  ? 91  LYS A C   1 
ATOM   1443 O O   . LYS B 1 91  ? -5.284  -8.858  2.525   1.00 19.01  ? 91  LYS A O   1 
ATOM   1444 C CB  . LYS B 1 91  ? -7.776  -8.875  0.377   1.00 23.52  ? 91  LYS A CB  1 
ATOM   1445 C CG  . LYS B 1 91  ? -8.528  -9.701  1.402   1.00 29.93  ? 91  LYS A CG  1 
ATOM   1446 C CD  . LYS B 1 91  ? -9.565  -8.841  2.110   1.00 36.56  ? 91  LYS A CD  1 
ATOM   1447 C CE  . LYS B 1 91  ? -10.071 -9.503  3.374   1.00 46.74  ? 91  LYS A CE  1 
ATOM   1448 N NZ  . LYS B 1 91  ? -11.002 -8.612  4.122   1.00 55.38  ? 91  LYS A NZ  1 
ATOM   1449 N N   . ILE B 1 92  ? -4.632  -8.601  0.385   1.00 18.11  ? 92  ILE A N   1 
ATOM   1450 C CA  . ILE B 1 92  ? -3.303  -9.162  0.603   1.00 15.24  ? 92  ILE A CA  1 
ATOM   1451 C C   . ILE B 1 92  ? -2.529  -8.308  1.606   1.00 18.49  ? 92  ILE A C   1 
ATOM   1452 O O   . ILE B 1 92  ? -1.884  -8.828  2.513   1.00 16.68  ? 92  ILE A O   1 
ATOM   1453 C CB  . ILE B 1 92  ? -2.514  -9.281  -0.729  1.00 16.21  ? 92  ILE A CB  1 
ATOM   1454 C CG1 . ILE B 1 92  ? -3.116  -10.393 -1.602  1.00 14.05  ? 92  ILE A CG1 1 
ATOM   1455 C CG2 . ILE B 1 92  ? -1.038  -9.566  -0.472  1.00 16.89  ? 92  ILE A CG2 1 
ATOM   1456 C CD1 . ILE B 1 92  ? -2.471  -10.503 -2.960  1.00 14.24  ? 92  ILE A CD1 1 
ATOM   1457 N N   . ARG B 1 93  ? -2.603  -6.994  1.434   1.00 16.56  ? 93  ARG A N   1 
ATOM   1458 C CA  . ARG B 1 93  ? -1.959  -6.072  2.366   1.00 20.79  ? 93  ARG A CA  1 
ATOM   1459 C C   . ARG B 1 93  ? -2.475  -6.258  3.794   1.00 18.71  ? 93  ARG A C   1 
ATOM   1460 O O   . ARG B 1 93  ? -1.690  -6.314  4.741   1.00 20.28  ? 93  ARG A O   1 
ATOM   1461 C CB  . ARG B 1 93  ? -2.154  -4.625  1.912   1.00 22.30  ? 93  ARG A CB  1 
ATOM   1462 C CG  . ARG B 1 93  ? -1.614  -3.595  2.883   1.00 40.86  ? 93  ARG A CG  1 
ATOM   1463 C CD  . ARG B 1 93  ? -1.795  -2.183  2.355   1.00 39.93  ? 93  ARG A CD  1 
ATOM   1464 N NE  . ARG B 1 93  ? -0.911  -1.899  1.228   1.00 43.66  ? 93  ARG A NE  1 
ATOM   1465 C CZ  . ARG B 1 93  ? -1.305  -1.838  -0.039  1.00 50.31  ? 93  ARG A CZ  1 
ATOM   1466 N NH1 . ARG B 1 93  ? -2.578  -2.035  -0.354  1.00 47.21  ? 93  ARG A NH1 1 
ATOM   1467 N NH2 . ARG B 1 93  ? -0.422  -1.572  -0.994  1.00 45.81  ? 93  ARG A NH2 1 
ATOM   1468 N N   . GLU B 1 94  ? -3.790  -6.364  3.952   1.00 21.40  ? 94  GLU A N   1 
ATOM   1469 C CA  . GLU B 1 94  ? -4.366  -6.529  5.280   1.00 24.22  ? 94  GLU A CA  1 
ATOM   1470 C C   . GLU B 1 94  ? -3.933  -7.845  5.930   1.00 24.29  ? 94  GLU A C   1 
ATOM   1471 O O   . GLU B 1 94  ? -3.591  -7.872  7.114   1.00 19.87  ? 94  GLU A O   1 
ATOM   1472 C CB  . GLU B 1 94  ? -5.892  -6.377  5.253   1.00 23.47  ? 94  GLU A CB  1 
ATOM   1473 C CG  . GLU B 1 94  ? -6.680  -7.674  5.210   1.00 51.96  ? 94  GLU A CG  1 
ATOM   1474 C CD  . GLU B 1 94  ? -8.164  -7.454  5.471   1.00 72.16  ? 94  GLU A CD  1 
ATOM   1475 O OE1 . GLU B 1 94  ? -8.670  -6.364  5.129   1.00 37.71  ? 94  GLU A OE1 1 
ATOM   1476 O OE2 . GLU B 1 94  ? -8.822  -8.369  6.020   1.00 54.13  ? 94  GLU A OE2 1 
ATOM   1477 N N   . PHE B 1 95  ? -3.933  -8.922  5.147   1.00 18.32  ? 95  PHE A N   1 
ATOM   1478 C CA  . PHE B 1 95  ? -3.485  -10.239 5.601   1.00 23.51  ? 95  PHE A CA  1 
ATOM   1479 C C   . PHE B 1 95  ? -2.077  -10.182 6.161   1.00 26.51  ? 95  PHE A C   1 
ATOM   1480 O O   . PHE B 1 95  ? -1.791  -10.709 7.235   1.00 29.27  ? 95  PHE A O   1 
ATOM   1481 C CB  . PHE B 1 95  ? -3.448  -11.217 4.427   1.00 37.50  ? 95  PHE A CB  1 
ATOM   1482 C CG  . PHE B 1 95  ? -4.745  -11.901 4.156   1.00 53.17  ? 95  PHE A CG  1 
ATOM   1483 C CD1 . PHE B 1 95  ? -5.339  -12.692 5.121   1.00 81.47  ? 95  PHE A CD1 1 
ATOM   1484 C CD2 . PHE B 1 95  ? -5.354  -11.783 2.918   1.00 43.77  ? 95  PHE A CD2 1 
ATOM   1485 C CE1 . PHE B 1 95  ? -6.531  -13.334 4.865   1.00 90.21  ? 95  PHE A CE1 1 
ATOM   1486 C CE2 . PHE B 1 95  ? -6.544  -12.423 2.655   1.00 50.77  ? 95  PHE A CE2 1 
ATOM   1487 C CZ  . PHE B 1 95  ? -7.132  -13.200 3.629   1.00 67.74  ? 95  PHE A CZ  1 
ATOM   1488 N N   . ARG B 1 96  ? -1.191  -9.567  5.388   1.00 18.01  ? 96  ARG A N   1 
ATOM   1489 C CA  . ARG B 1 96  ? 0.216   -9.529  5.710   1.00 18.48  ? 96  ARG A CA  1 
ATOM   1490 C C   . ARG B 1 96  ? 0.441   -8.764  7.007   1.00 35.72  ? 96  ARG A C   1 
ATOM   1491 O O   . ARG B 1 96  ? 1.293   -9.136  7.811   1.00 30.28  ? 96  ARG A O   1 
ATOM   1492 C CB  . ARG B 1 96  ? 0.997   -8.899  4.561   1.00 22.33  ? 96  ARG A CB  1 
ATOM   1493 C CG  . ARG B 1 96  ? 1.050   -9.764  3.313   1.00 23.48  ? 96  ARG A CG  1 
ATOM   1494 C CD  . ARG B 1 96  ? 1.846   -9.077  2.217   1.00 22.43  ? 96  ARG A CD  1 
ATOM   1495 N NE  . ARG B 1 96  ? 2.188   -9.980  1.119   1.00 21.18  ? 96  ARG A NE  1 
ATOM   1496 C CZ  . ARG B 1 96  ? 2.980   -9.637  0.111   1.00 19.53  ? 96  ARG A CZ  1 
ATOM   1497 N NH1 . ARG B 1 96  ? 3.495   -8.414  0.068   1.00 18.15  ? 96  ARG A NH1 1 
ATOM   1498 N NH2 . ARG B 1 96  ? 3.257   -10.507 -0.855  1.00 14.83  ? 96  ARG A NH2 1 
ATOM   1499 N N   . ARG B 1 97  ? -0.331  -7.699  7.212   1.00 25.62  ? 97  ARG A N   1 
ATOM   1500 C CA  . ARG B 1 97  ? -0.280  -6.964  8.475   1.00 32.09  ? 97  ARG A CA  1 
ATOM   1501 C C   . ARG B 1 97  ? -0.646  -7.866  9.656   1.00 41.86  ? 97  ARG A C   1 
ATOM   1502 O O   . ARG B 1 97  ? 0.072   -7.909  10.656  1.00 45.51  ? 97  ARG A O   1 
ATOM   1503 C CB  . ARG B 1 97  ? -1.194  -5.741  8.438   1.00 32.15  ? 97  ARG A CB  1 
ATOM   1504 C CG  . ARG B 1 97  ? -0.560  -4.514  7.818   1.00 42.70  ? 97  ARG A CG  1 
ATOM   1505 C CD  . ARG B 1 97  ? -1.369  -3.265  8.133   1.00 62.31  ? 97  ARG A CD  1 
ATOM   1506 N NE  . ARG B 1 97  ? -2.642  -3.235  7.417   1.00 59.41  ? 97  ARG A NE  1 
ATOM   1507 C CZ  . ARG B 1 97  ? -2.888  -2.455  6.370   1.00 70.55  ? 97  ARG A CZ  1 
ATOM   1508 N NH1 . ARG B 1 97  ? -1.948  -1.634  5.919   1.00 71.32  ? 97  ARG A NH1 1 
ATOM   1509 N NH2 . ARG B 1 97  ? -4.074  -2.491  5.777   1.00 47.81  ? 97  ARG A NH2 1 
ATOM   1510 N N   . ARG B 1 98  ? -1.759  -8.586  9.535   1.00 33.64  ? 98  ARG A N   1 
ATOM   1511 C CA  . ARG B 1 98  ? -2.144  -9.578  10.540  1.00 46.25  ? 98  ARG A CA  1 
ATOM   1512 C C   . ARG B 1 98  ? -0.975  -10.491 10.900  1.00 47.75  ? 98  ARG A C   1 
ATOM   1513 O O   . ARG B 1 98  ? -0.548  -10.550 12.054  1.00 52.46  ? 98  ARG A O   1 
ATOM   1514 C CB  . ARG B 1 98  ? -3.322  -10.425 10.049  1.00 49.74  ? 98  ARG A CB  1 
ATOM   1515 N N   . SER B 1 99  ? -0.464  -11.205 9.902   1.00 43.02  ? 99  SER A N   1 
ATOM   1516 C CA  . SER B 1 99  ? 0.665   -12.104 10.106  1.00 46.39  ? 99  SER A CA  1 
ATOM   1517 C C   . SER B 1 99  ? 1.867   -11.336 10.649  1.00 67.25  ? 99  SER A C   1 
ATOM   1518 O O   . SER B 1 99  ? 2.502   -10.568 9.925   1.00 71.38  ? 99  SER A O   1 
ATOM   1519 C CB  . SER B 1 99  ? 1.028   -12.807 8.795   1.00 48.10  ? 99  SER A CB  1 
ATOM   1520 O OG  . SER B 1 99  ? -0.130  -13.295 8.140   1.00 50.76  ? 99  SER A OG  1 
ATOM   1521 N N   . ALA B 1 100 ? 2.172   -11.545 11.925  1.00 76.58  ? 100 ALA A N   1 
ATOM   1522 C CA  . ALA B 1 100 ? 3.249   -10.819 12.590  1.00 81.39  ? 100 ALA A CA  1 
ATOM   1523 C C   . ALA B 1 100 ? 2.977   -9.319  12.584  1.00 71.31  ? 100 ALA A C   1 
ATOM   1524 O O   . ALA B 1 100 ? 1.933   -8.869  13.058  1.00 71.61  ? 100 ALA A O   1 
ATOM   1525 C CB  . ALA B 1 100 ? 4.592   -11.124 11.933  1.00 67.94  ? 100 ALA A CB  1 
HETATM 1526 O O   . HOH C 2 .   ? -0.959  0.184   16.582  1.00 43.88  ? 136 HOH B O   1 
HETATM 1527 O O   . HOH C 2 .   ? -2.906  1.652   14.956  1.00 57.12  ? 137 HOH B O   1 
HETATM 1528 O O   . HOH C 2 .   ? -3.084  22.690  15.691  1.00 20.94  ? 138 HOH B O   1 
HETATM 1529 O O   . HOH C 2 .   ? 0.455   21.944  20.830  1.00 18.33  ? 139 HOH B O   1 
HETATM 1530 O O   . HOH C 2 .   ? -9.390  14.488  6.073   1.00 24.55  ? 140 HOH B O   1 
HETATM 1531 O O   . HOH C 2 .   ? 6.478   3.442   10.577  1.00 23.10  ? 141 HOH B O   1 
HETATM 1532 O O   . HOH C 2 .   ? 3.091   22.111  22.106  1.00 22.29  ? 142 HOH B O   1 
HETATM 1533 O O   . HOH C 2 .   ? -9.704  12.466  3.967   1.00 26.19  ? 143 HOH B O   1 
HETATM 1534 O O   . HOH C 2 .   ? -7.389  22.111  13.540  1.00 24.62  ? 144 HOH B O   1 
HETATM 1535 O O   . HOH C 2 .   ? -6.730  11.693  14.741  1.00 28.91  ? 145 HOH B O   1 
HETATM 1536 O O   . HOH C 2 .   ? 8.398   10.239  13.600  1.00 20.85  ? 146 HOH B O   1 
HETATM 1537 O O   . HOH C 2 .   ? 2.428   24.969  1.285   1.00 22.45  ? 147 HOH B O   1 
HETATM 1538 O O   . HOH C 2 .   ? 8.839   19.050  13.344  1.00 23.75  ? 148 HOH B O   1 
HETATM 1539 O O   . HOH C 2 .   ? 7.812   7.726   -6.841  1.00 25.01  ? 149 HOH B O   1 
HETATM 1540 O O   . HOH C 2 .   ? -6.699  9.448   12.748  1.00 26.41  ? 150 HOH B O   1 
HETATM 1541 O O   . HOH C 2 .   ? 8.481   21.275  17.333  1.00 31.15  ? 151 HOH B O   1 
HETATM 1542 O O   . HOH C 2 .   ? -9.342  17.041  6.578   1.00 27.31  ? 152 HOH B O   1 
HETATM 1543 O O   . HOH C 2 .   ? 15.281  2.950   15.727  1.00 32.95  ? 153 HOH B O   1 
HETATM 1544 O O   . HOH C 2 .   ? 10.980  9.165   12.877  1.00 35.03  ? 154 HOH B O   1 
HETATM 1545 O O   . HOH C 2 .   ? -9.798  14.354  13.518  1.00 32.36  ? 155 HOH B O   1 
HETATM 1546 O O   . HOH C 2 .   ? 5.029   8.275   -6.986  1.00 30.74  ? 156 HOH B O   1 
HETATM 1547 O O   . HOH C 2 .   ? -9.601  6.999   8.842   1.00 25.67  ? 157 HOH B O   1 
HETATM 1548 O O   . HOH C 2 .   ? 20.158  10.277  0.105   1.00 39.75  ? 158 HOH B O   1 
HETATM 1549 O O   . HOH C 2 .   ? -0.189  2.944   13.303  1.00 38.88  ? 159 HOH B O   1 
HETATM 1550 O O   . HOH C 2 .   ? 10.873  18.572  11.257  1.00 26.14  ? 160 HOH B O   1 
HETATM 1551 O O   . HOH C 2 .   ? -7.191  7.852   10.508  1.00 26.58  ? 161 HOH B O   1 
HETATM 1552 O O   . HOH C 2 .   ? -7.223  14.253  14.073  1.00 33.25  ? 162 HOH B O   1 
HETATM 1553 O O   . HOH C 2 .   ? 8.581   13.296  17.610  1.00 28.54  ? 163 HOH B O   1 
HETATM 1554 O O   . HOH C 2 .   ? 5.703   22.098  15.370  1.00 37.88  ? 164 HOH B O   1 
HETATM 1555 O O   . HOH C 2 .   ? -10.551 4.161   9.686   1.00 33.71  ? 165 HOH B O   1 
HETATM 1556 O O   . HOH C 2 .   ? -8.340  0.529   8.624   1.00 35.13  ? 166 HOH B O   1 
HETATM 1557 O O   . HOH C 2 .   ? -3.494  2.232   6.209   1.00 31.68  ? 167 HOH B O   1 
HETATM 1558 O O   . HOH C 2 .   ? 4.783   9.823   14.671  1.00 34.25  ? 168 HOH B O   1 
HETATM 1559 O O   . HOH C 2 .   ? 18.306  15.130  -1.902  1.00 37.26  ? 169 HOH B O   1 
HETATM 1560 O O   . HOH C 2 .   ? 5.781   1.407   7.553   1.00 19.97  ? 170 HOH B O   1 
HETATM 1561 O O   . HOH C 2 .   ? -5.408  1.349   -0.476  1.00 33.26  ? 171 HOH B O   1 
HETATM 1562 O O   . HOH C 2 .   ? 3.493   6.795   13.951  1.00 28.50  ? 172 HOH B O   1 
HETATM 1563 O O   . HOH C 2 .   ? 5.306   14.635  -9.110  1.00 31.92  ? 173 HOH B O   1 
HETATM 1564 O O   . HOH C 2 .   ? -15.696 6.980   9.558   1.00 36.28  ? 174 HOH B O   1 
HETATM 1565 O O   . HOH C 2 .   ? -1.151  19.754  21.187  0.50 15.39  ? 175 HOH B O   1 
HETATM 1566 O O   . HOH C 2 .   ? 8.167   21.750  14.448  1.00 32.53  ? 176 HOH B O   1 
HETATM 1567 O O   . HOH C 2 .   ? 5.322   25.119  3.308   1.00 30.33  ? 177 HOH B O   1 
HETATM 1568 O O   . HOH C 2 .   ? -12.094 11.056  3.390   1.00 52.49  ? 178 HOH B O   1 
HETATM 1569 O O   . HOH C 2 .   ? 4.117   24.711  22.524  1.00 43.77  ? 179 HOH B O   1 
HETATM 1570 O O   . HOH C 2 .   ? -4.847  24.131  14.746  1.00 46.38  ? 180 HOH B O   1 
HETATM 1571 O O   . HOH C 2 .   ? -1.902  22.940  18.608  1.00 40.02  ? 181 HOH B O   1 
HETATM 1572 O O   . HOH C 2 .   ? 4.629   8.239   21.677  0.50 34.91  ? 182 HOH B O   1 
HETATM 1573 O O   . HOH C 2 .   ? -6.034  9.405   18.074  1.00 40.62  ? 183 HOH B O   1 
HETATM 1574 O O   . HOH C 2 .   ? -4.732  16.350  17.816  1.00 38.83  ? 184 HOH B O   1 
HETATM 1575 O O   . HOH C 2 .   ? -4.826  11.763  18.797  1.00 36.96  ? 185 HOH B O   1 
HETATM 1576 O O   . HOH C 2 .   ? -6.450  3.375   -2.124  1.00 52.10  ? 186 HOH B O   1 
HETATM 1577 O O   . HOH D 2 .   ? 0.605   3.960   -11.016 1.00 29.07  ? 107 HOH A O   1 
HETATM 1578 O O   . HOH D 2 .   ? 5.120   -10.807 -9.672  1.00 24.65  ? 108 HOH A O   1 
HETATM 1579 O O   . HOH D 2 .   ? -12.019 -3.716  -15.512 1.00 33.15  ? 109 HOH A O   1 
HETATM 1580 O O   . HOH D 2 .   ? 3.603   -17.491 -6.660  1.00 22.68  ? 110 HOH A O   1 
HETATM 1581 O O   . HOH D 2 .   ? -11.265 0.220   -10.418 1.00 33.15  ? 111 HOH A O   1 
HETATM 1582 O O   . HOH D 2 .   ? 15.155  -23.310 -9.483  1.00 36.64  ? 112 HOH A O   1 
HETATM 1583 O O   . HOH D 2 .   ? -13.607 -2.491  -12.586 1.00 30.41  ? 113 HOH A O   1 
HETATM 1584 O O   . HOH D 2 .   ? 3.800   -19.568 -1.896  1.00 32.91  ? 114 HOH A O   1 
HETATM 1585 O O   . HOH D 2 .   ? 8.633   4.055   -13.036 1.00 38.96  ? 115 HOH A O   1 
HETATM 1586 O O   . HOH D 2 .   ? 0.447   -13.867 3.017   1.00 38.86  ? 116 HOH A O   1 
HETATM 1587 O O   . HOH D 2 .   ? -9.987  -5.288  -0.111  1.00 25.78  ? 117 HOH A O   1 
HETATM 1588 O O   . HOH D 2 .   ? 8.406   -9.951  -7.181  1.00 32.69  ? 118 HOH A O   1 
HETATM 1589 O O   . HOH D 2 .   ? 12.074  -7.782  -10.583 1.00 39.97  ? 119 HOH A O   1 
HETATM 1590 O O   . HOH D 2 .   ? 1.566   -0.100  -1.952  1.00 39.38  ? 120 HOH A O   1 
HETATM 1591 O O   . HOH D 2 .   ? -17.652 -10.460 -3.824  1.00 38.83  ? 121 HOH A O   1 
HETATM 1592 O O   . HOH D 2 .   ? 5.359   2.702   -14.324 1.00 30.97  ? 122 HOH A O   1 
HETATM 1593 O O   . HOH D 2 .   ? -3.515  -13.097 1.276   1.00 32.23  ? 123 HOH A O   1 
HETATM 1594 O O   . HOH D 2 .   ? -8.185  -23.876 -2.137  1.00 41.13  ? 124 HOH A O   1 
HETATM 1595 O O   . HOH D 2 .   ? -4.990  -1.503  0.601   1.00 31.57  ? 125 HOH A O   1 
HETATM 1596 O O   . HOH D 2 .   ? 10.142  -2.409  -13.636 1.00 34.81  ? 126 HOH A O   1 
HETATM 1597 O O   . HOH D 2 .   ? 18.481  -23.202 -12.762 1.00 41.19  ? 127 HOH A O   1 
HETATM 1598 O O   . HOH D 2 .   ? 1.061   -5.304  4.591   1.00 33.04  ? 128 HOH A O   1 
HETATM 1599 O O   . HOH D 2 .   ? 5.382   -12.585 -7.108  1.00 43.15  ? 129 HOH A O   1 
HETATM 1600 O O   . HOH D 2 .   ? 0.557   -20.334 -15.671 1.00 32.30  ? 130 HOH A O   1 
HETATM 1601 O O   . HOH D 2 .   ? 1.923   -19.643 -3.822  1.00 18.41  ? 131 HOH A O   1 
HETATM 1602 O O   . HOH D 2 .   ? 19.137  -25.922 -13.411 1.00 36.02  ? 132 HOH A O   1 
HETATM 1603 O O   . HOH D 2 .   ? -9.986  -24.720 -0.092  1.00 41.25  ? 133 HOH A O   1 
HETATM 1604 O O   . HOH D 2 .   ? 3.508   -4.536  0.302   1.00 22.76  ? 134 HOH A O   1 
HETATM 1605 O O   . HOH D 2 .   ? 19.261  -23.942 -19.380 1.00 43.33  ? 135 HOH A O   1 
HETATM 1606 O O   . HOH D 2 .   ? 2.646   -5.825  2.214   1.00 35.65  ? 138 HOH A O   1 
HETATM 1607 O O   . HOH D 2 .   ? 3.026   -13.045 -13.271 1.00 14.58  ? 139 HOH A O   1 
HETATM 1608 O O   . HOH D 2 .   ? 19.118  -17.894 -13.196 1.00 44.35  ? 140 HOH A O   1 
HETATM 1609 O O   . HOH D 2 .   ? 3.874   -15.587 -12.272 1.00 39.34  ? 141 HOH A O   1 
HETATM 1610 O O   . HOH D 2 .   ? 4.481   -15.627 -9.134  1.00 46.31  ? 142 HOH A O   1 
HETATM 1611 O O   . HOH D 2 .   ? -16.857 -2.930  -11.272 1.00 27.03  ? 143 HOH A O   1 
HETATM 1612 O O   . HOH D 2 .   ? 13.178  -17.047 -11.106 1.00 48.69  ? 144 HOH A O   1 
HETATM 1613 O O   . HOH D 2 .   ? 10.596  -16.239 -11.280 1.00 45.46  ? 145 HOH A O   1 
HETATM 1614 O O   . HOH D 2 .   ? -0.600  5.394   -7.222  1.00 17.25  ? 151 HOH A O   1 
# 
loop_
_pdbx_poly_seq_scheme.asym_id 
_pdbx_poly_seq_scheme.entity_id 
_pdbx_poly_seq_scheme.seq_id 
_pdbx_poly_seq_scheme.mon_id 
_pdbx_poly_seq_scheme.ndb_seq_num 
_pdbx_poly_seq_scheme.pdb_seq_num 
_pdbx_poly_seq_scheme.auth_seq_num 
_pdbx_poly_seq_scheme.pdb_mon_id 
_pdbx_poly_seq_scheme.auth_mon_id 
_pdbx_poly_seq_scheme.pdb_strand_id 
_pdbx_poly_seq_scheme.pdb_ins_code 
_pdbx_poly_seq_scheme.hetero 
A 1 1   MET 1   1   ?   ?   ?   B . n 
A 1 2   GLY 2   2   2   GLY GLY B . n 
A 1 3   ARG 3   3   3   ARG ARG B . n 
A 1 4   PHE 4   4   4   PHE PHE B . n 
A 1 5   VAL 5   5   5   VAL VAL B . n 
A 1 6   VAL 6   6   6   VAL VAL B . n 
A 1 7   TRP 7   7   7   TRP TRP B . n 
A 1 8   PRO 8   8   8   PRO PRO B . n 
A 1 9   SER 9   9   9   SER SER B . n 
A 1 10  GLU 10  10  10  GLU GLU B . n 
A 1 11  LEU 11  11  11  LEU LEU B . n 
A 1 12  ASP 12  12  12  ASP ASP B . n 
A 1 13  SER 13  13  13  SER SER B . n 
A 1 14  ARG 14  14  14  ARG ARG B . n 
A 1 15  LEU 15  15  15  LEU LEU B . n 
A 1 16  SER 16  16  16  SER SER B . n 
A 1 17  ARG 17  17  17  ARG ARG B . n 
A 1 18  LYS 18  18  18  LYS LYS B . n 
A 1 19  TYR 19  19  19  TYR TYR B . n 
A 1 20  GLY 20  20  20  GLY GLY B . n 
A 1 21  ARG 21  21  21  ARG ARG B . n 
A 1 22  ILE 22  22  22  ILE ILE B . n 
A 1 23  VAL 23  23  23  VAL VAL B . n 
A 1 24  PRO 24  24  24  PRO PRO B . n 
A 1 25  ARG 25  25  25  ARG ARG B . n 
A 1 26  SER 26  26  26  SER SER B . n 
A 1 27  ILE 27  27  27  ILE ILE B . n 
A 1 28  ALA 28  28  28  ALA ALA B . n 
A 1 29  VAL 29  29  29  VAL VAL B . n 
A 1 30  GLU 30  30  30  GLU GLU B . n 
A 1 31  SER 31  31  31  SER SER B . n 
A 1 32  PRO 32  32  32  PRO PRO B . n 
A 1 33  ARG 33  33  33  ARG ARG B . n 
A 1 34  VAL 34  34  34  VAL VAL B . n 
A 1 35  GLU 35  35  35  GLU GLU B . n 
A 1 36  GLU 36  36  36  GLU GLU B . n 
A 1 37  ILE 37  37  37  ILE ILE B . n 
A 1 38  VAL 38  38  38  VAL VAL B . n 
A 1 39  ARG 39  39  39  ARG ARG B . n 
A 1 40  ALA 40  40  40  ALA ALA B . n 
A 1 41  ALA 41  41  41  ALA ALA B . n 
A 1 42  GLU 42  42  42  GLU GLU B . n 
A 1 43  GLU 43  43  43  GLU GLU B . n 
A 1 44  LEU 44  44  44  LEU LEU B . n 
A 1 45  LYS 45  45  45  LYS LYS B . n 
A 1 46  PHE 46  46  46  PHE PHE B . n 
A 1 47  LYS 47  47  47  LYS LYS B . n 
A 1 48  VAL 48  48  48  VAL VAL B . n 
A 1 49  ILE 49  49  49  ILE ILE B . n 
A 1 50  ARG 50  50  50  ARG ARG B . n 
A 1 51  VAL 51  51  51  VAL VAL B . n 
A 1 52  GLU 52  52  52  GLU GLU B . n 
A 1 53  GLU 53  53  53  GLU GLU B . n 
A 1 54  ASP 54  54  54  ASP ASP B . n 
A 1 55  LYS 55  55  55  LYS LYS B . n 
A 1 56  LEU 56  56  56  LEU LEU B . n 
A 1 57  ASN 57  57  57  ASN ALA B . n 
A 1 58  PRO 58  58  58  PRO ALA B . n 
A 1 59  ARG 59  59  ?   ?   ?   B . n 
A 1 60  LEU 60  60  ?   ?   ?   B . n 
A 1 61  SER 61  61  ?   ?   ?   B . n 
A 1 62  GLY 62  62  ?   ?   ?   B . n 
A 1 63  ILE 63  63  ?   ?   ?   B . n 
A 1 64  ASP 64  64  ?   ?   ?   B . n 
A 1 65  GLU 65  65  65  GLU ALA B . n 
A 1 66  GLU 66  66  66  GLU GLU B . n 
A 1 67  LEU 67  67  67  LEU ALA B . n 
A 1 68  ARG 68  68  68  ARG ARG B . n 
A 1 69  THR 69  69  69  THR THR B . n 
A 1 70  PHE 70  70  70  PHE PHE B . n 
A 1 71  GLY 71  71  71  GLY GLY B . n 
A 1 72  MET 72  72  72  MET MET B . n 
A 1 73  ILE 73  73  73  ILE ILE B . n 
A 1 74  VAL 74  74  74  VAL VAL B . n 
A 1 75  LEU 75  75  75  LEU LEU B . n 
A 1 76  GLU 76  76  76  GLU GLU B . n 
A 1 77  SER 77  77  77  SER SER B . n 
A 1 78  PRO 78  78  78  PRO PRO B . n 
A 1 79  TYR 79  79  79  TYR TYR B . n 
A 1 80  GLY 80  80  80  GLY GLY B . n 
A 1 81  LYS 81  81  81  LYS LYS B . n 
A 1 82  SER 82  82  82  SER SER B . n 
A 1 83  LYS 83  83  83  LYS LYS B . n 
A 1 84  SER 84  84  84  SER SER B . n 
A 1 85  LEU 85  85  85  LEU LEU B . n 
A 1 86  LYS 86  86  86  LYS LYS B . n 
A 1 87  LEU 87  87  87  LEU LEU B . n 
A 1 88  ILE 88  88  88  ILE ILE B . n 
A 1 89  ALA 89  89  89  ALA ALA B . n 
A 1 90  GLN 90  90  90  GLN GLN B . n 
A 1 91  LYS 91  91  91  LYS LYS B . n 
A 1 92  ILE 92  92  92  ILE ILE B . n 
A 1 93  ARG 93  93  93  ARG ARG B . n 
A 1 94  GLU 94  94  94  GLU GLU B . n 
A 1 95  PHE 95  95  95  PHE PHE B . n 
A 1 96  ARG 96  96  96  ARG ARG B . n 
A 1 97  ARG 97  97  97  ARG ARG B . n 
A 1 98  ARG 98  98  98  ARG ARG B . n 
A 1 99  SER 99  99  99  SER SER B . n 
A 1 100 ALA 100 100 100 ALA ALA B . n 
A 1 101 GLY 101 101 101 GLY GLY B . n 
A 1 102 THR 102 102 102 THR THR B . n 
A 1 103 LEU 103 103 103 LEU LEU B . n 
A 1 104 VAL 104 104 104 VAL ALA B . n 
A 1 105 PRO 105 105 105 PRO ALA B . n 
A 1 106 ARG 106 106 ?   ?   ?   B . n 
B 1 1   MET 1   1   ?   ?   ?   A . n 
B 1 2   GLY 2   2   2   GLY GLY A . n 
B 1 3   ARG 3   3   3   ARG ARG A . n 
B 1 4   PHE 4   4   4   PHE PHE A . n 
B 1 5   VAL 5   5   5   VAL VAL A . n 
B 1 6   VAL 6   6   6   VAL VAL A . n 
B 1 7   TRP 7   7   7   TRP TRP A . n 
B 1 8   PRO 8   8   8   PRO PRO A . n 
B 1 9   SER 9   9   9   SER SER A . n 
B 1 10  GLU 10  10  10  GLU GLU A . n 
B 1 11  LEU 11  11  11  LEU LEU A . n 
B 1 12  ASP 12  12  12  ASP ASP A . n 
B 1 13  SER 13  13  13  SER SER A . n 
B 1 14  ARG 14  14  14  ARG ARG A . n 
B 1 15  LEU 15  15  15  LEU LEU A . n 
B 1 16  SER 16  16  16  SER SER A . n 
B 1 17  ARG 17  17  17  ARG ARG A . n 
B 1 18  LYS 18  18  18  LYS LYS A . n 
B 1 19  TYR 19  19  19  TYR TYR A . n 
B 1 20  GLY 20  20  20  GLY GLY A . n 
B 1 21  ARG 21  21  21  ARG ARG A . n 
B 1 22  ILE 22  22  22  ILE ILE A . n 
B 1 23  VAL 23  23  23  VAL VAL A . n 
B 1 24  PRO 24  24  24  PRO PRO A . n 
B 1 25  ARG 25  25  25  ARG ARG A . n 
B 1 26  SER 26  26  26  SER SER A . n 
B 1 27  ILE 27  27  27  ILE ILE A . n 
B 1 28  ALA 28  28  28  ALA ALA A . n 
B 1 29  VAL 29  29  29  VAL VAL A . n 
B 1 30  GLU 30  30  30  GLU GLU A . n 
B 1 31  SER 31  31  31  SER SER A . n 
B 1 32  PRO 32  32  32  PRO PRO A . n 
B 1 33  ARG 33  33  33  ARG ARG A . n 
B 1 34  VAL 34  34  34  VAL VAL A . n 
B 1 35  GLU 35  35  35  GLU GLU A . n 
B 1 36  GLU 36  36  36  GLU GLU A . n 
B 1 37  ILE 37  37  37  ILE ILE A . n 
B 1 38  VAL 38  38  38  VAL VAL A . n 
B 1 39  ARG 39  39  39  ARG ARG A . n 
B 1 40  ALA 40  40  40  ALA ALA A . n 
B 1 41  ALA 41  41  41  ALA ALA A . n 
B 1 42  GLU 42  42  42  GLU GLU A . n 
B 1 43  GLU 43  43  43  GLU GLU A . n 
B 1 44  LEU 44  44  44  LEU LEU A . n 
B 1 45  LYS 45  45  45  LYS LYS A . n 
B 1 46  PHE 46  46  46  PHE PHE A . n 
B 1 47  LYS 47  47  47  LYS LYS A . n 
B 1 48  VAL 48  48  48  VAL VAL A . n 
B 1 49  ILE 49  49  49  ILE ILE A . n 
B 1 50  ARG 50  50  50  ARG ARG A . n 
B 1 51  VAL 51  51  51  VAL VAL A . n 
B 1 52  GLU 52  52  52  GLU GLU A . n 
B 1 53  GLU 53  53  53  GLU GLU A . n 
B 1 54  ASP 54  54  54  ASP ASP A . n 
B 1 55  LYS 55  55  55  LYS LYS A . n 
B 1 56  LEU 56  56  56  LEU LEU A . n 
B 1 57  ASN 57  57  57  ASN ASN A . n 
B 1 58  PRO 58  58  58  PRO PRO A . n 
B 1 59  ARG 59  59  ?   ?   ?   A . n 
B 1 60  LEU 60  60  ?   ?   ?   A . n 
B 1 61  SER 61  61  ?   ?   ?   A . n 
B 1 62  GLY 62  62  ?   ?   ?   A . n 
B 1 63  ILE 63  63  ?   ?   ?   A . n 
B 1 64  ASP 64  64  ?   ?   ?   A . n 
B 1 65  GLU 65  65  ?   ?   ?   A . n 
B 1 66  GLU 66  66  66  GLU GLU A . n 
B 1 67  LEU 67  67  67  LEU LEU A . n 
B 1 68  ARG 68  68  68  ARG ARG A . n 
B 1 69  THR 69  69  69  THR THR A . n 
B 1 70  PHE 70  70  70  PHE PHE A . n 
B 1 71  GLY 71  71  71  GLY GLY A . n 
B 1 72  MET 72  72  72  MET MET A . n 
B 1 73  ILE 73  73  73  ILE ILE A . n 
B 1 74  VAL 74  74  74  VAL VAL A . n 
B 1 75  LEU 75  75  75  LEU LEU A . n 
B 1 76  GLU 76  76  76  GLU GLU A . n 
B 1 77  SER 77  77  77  SER SER A . n 
B 1 78  PRO 78  78  78  PRO PRO A . n 
B 1 79  TYR 79  79  79  TYR TYR A . n 
B 1 80  GLY 80  80  80  GLY GLY A . n 
B 1 81  LYS 81  81  81  LYS LYS A . n 
B 1 82  SER 82  82  82  SER SER A . n 
B 1 83  LYS 83  83  83  LYS LYS A . n 
B 1 84  SER 84  84  84  SER SER A . n 
B 1 85  LEU 85  85  85  LEU LEU A . n 
B 1 86  LYS 86  86  86  LYS LYS A . n 
B 1 87  LEU 87  87  87  LEU LEU A . n 
B 1 88  ILE 88  88  88  ILE ILE A . n 
B 1 89  ALA 89  89  89  ALA ALA A . n 
B 1 90  GLN 90  90  90  GLN GLN A . n 
B 1 91  LYS 91  91  91  LYS LYS A . n 
B 1 92  ILE 92  92  92  ILE ILE A . n 
B 1 93  ARG 93  93  93  ARG ARG A . n 
B 1 94  GLU 94  94  94  GLU GLU A . n 
B 1 95  PHE 95  95  95  PHE PHE A . n 
B 1 96  ARG 96  96  96  ARG ARG A . n 
B 1 97  ARG 97  97  97  ARG ARG A . n 
B 1 98  ARG 98  98  98  ARG ARG A . n 
B 1 99  SER 99  99  99  SER SER A . n 
B 1 100 ALA 100 100 100 ALA ALA A . n 
B 1 101 GLY 101 101 ?   ?   ?   A . n 
B 1 102 THR 102 102 ?   ?   ?   A . n 
B 1 103 LEU 103 103 ?   ?   ?   A . n 
B 1 104 VAL 104 104 ?   ?   ?   A . n 
B 1 105 PRO 105 105 ?   ?   ?   A . n 
B 1 106 ARG 106 106 ?   ?   ?   A . n 
# 
loop_
_pdbx_nonpoly_scheme.asym_id 
_pdbx_nonpoly_scheme.entity_id 
_pdbx_nonpoly_scheme.mon_id 
_pdbx_nonpoly_scheme.ndb_seq_num 
_pdbx_nonpoly_scheme.pdb_seq_num 
_pdbx_nonpoly_scheme.auth_seq_num 
_pdbx_nonpoly_scheme.pdb_mon_id 
_pdbx_nonpoly_scheme.auth_mon_id 
_pdbx_nonpoly_scheme.pdb_strand_id 
_pdbx_nonpoly_scheme.pdb_ins_code 
C 2 HOH 1  136 69 HOH HOH B . 
C 2 HOH 2  137 71 HOH HOH B . 
C 2 HOH 3  138 1  HOH HOH B . 
C 2 HOH 4  139 2  HOH HOH B . 
C 2 HOH 5  140 3  HOH HOH B . 
C 2 HOH 6  141 4  HOH HOH B . 
C 2 HOH 7  142 5  HOH HOH B . 
C 2 HOH 8  143 6  HOH HOH B . 
C 2 HOH 9  144 7  HOH HOH B . 
C 2 HOH 10 145 8  HOH HOH B . 
C 2 HOH 11 146 9  HOH HOH B . 
C 2 HOH 12 147 11 HOH HOH B . 
C 2 HOH 13 148 13 HOH HOH B . 
C 2 HOH 14 149 14 HOH HOH B . 
C 2 HOH 15 150 19 HOH HOH B . 
C 2 HOH 16 151 20 HOH HOH B . 
C 2 HOH 17 152 21 HOH HOH B . 
C 2 HOH 18 153 22 HOH HOH B . 
C 2 HOH 19 154 25 HOH HOH B . 
C 2 HOH 20 155 27 HOH HOH B . 
C 2 HOH 21 156 28 HOH HOH B . 
C 2 HOH 22 157 29 HOH HOH B . 
C 2 HOH 23 158 30 HOH HOH B . 
C 2 HOH 24 159 31 HOH HOH B . 
C 2 HOH 25 160 34 HOH HOH B . 
C 2 HOH 26 161 37 HOH HOH B . 
C 2 HOH 27 162 41 HOH HOH B . 
C 2 HOH 28 163 43 HOH HOH B . 
C 2 HOH 29 164 44 HOH HOH B . 
C 2 HOH 30 165 45 HOH HOH B . 
C 2 HOH 31 166 51 HOH HOH B . 
C 2 HOH 32 167 52 HOH HOH B . 
C 2 HOH 33 168 53 HOH HOH B . 
C 2 HOH 34 169 54 HOH HOH B . 
C 2 HOH 35 170 55 HOH HOH B . 
C 2 HOH 36 171 56 HOH HOH B . 
C 2 HOH 37 172 59 HOH HOH B . 
C 2 HOH 38 173 60 HOH HOH B . 
C 2 HOH 39 174 61 HOH HOH B . 
C 2 HOH 40 175 63 HOH HOH B . 
C 2 HOH 41 176 68 HOH HOH B . 
C 2 HOH 42 177 70 HOH HOH B . 
C 2 HOH 43 178 73 HOH HOH B . 
C 2 HOH 44 179 74 HOH HOH B . 
C 2 HOH 45 180 76 HOH HOH B . 
C 2 HOH 46 181 79 HOH HOH B . 
C 2 HOH 47 182 82 HOH HOH B . 
C 2 HOH 48 183 84 HOH HOH B . 
C 2 HOH 49 184 86 HOH HOH B . 
C 2 HOH 50 185 87 HOH HOH B . 
C 2 HOH 51 186 89 HOH HOH B . 
D 2 HOH 1  107 10 HOH HOH A . 
D 2 HOH 2  108 12 HOH HOH A . 
D 2 HOH 3  109 15 HOH HOH A . 
D 2 HOH 4  110 16 HOH HOH A . 
D 2 HOH 5  111 17 HOH HOH A . 
D 2 HOH 6  112 18 HOH HOH A . 
D 2 HOH 7  113 23 HOH HOH A . 
D 2 HOH 8  114 24 HOH HOH A . 
D 2 HOH 9  115 26 HOH HOH A . 
D 2 HOH 10 116 32 HOH HOH A . 
D 2 HOH 11 117 33 HOH HOH A . 
D 2 HOH 12 118 35 HOH HOH A . 
D 2 HOH 13 119 36 HOH HOH A . 
D 2 HOH 14 120 38 HOH HOH A . 
D 2 HOH 15 121 39 HOH HOH A . 
D 2 HOH 16 122 40 HOH HOH A . 
D 2 HOH 17 123 42 HOH HOH A . 
D 2 HOH 18 124 46 HOH HOH A . 
D 2 HOH 19 125 47 HOH HOH A . 
D 2 HOH 20 126 48 HOH HOH A . 
D 2 HOH 21 127 49 HOH HOH A . 
D 2 HOH 22 128 50 HOH HOH A . 
D 2 HOH 23 129 57 HOH HOH A . 
D 2 HOH 24 130 58 HOH HOH A . 
D 2 HOH 25 131 62 HOH HOH A . 
D 2 HOH 26 132 64 HOH HOH A . 
D 2 HOH 27 133 65 HOH HOH A . 
D 2 HOH 28 134 66 HOH HOH A . 
D 2 HOH 29 135 67 HOH HOH A . 
D 2 HOH 30 138 72 HOH HOH A . 
D 2 HOH 31 139 75 HOH HOH A . 
D 2 HOH 32 140 77 HOH HOH A . 
D 2 HOH 33 141 78 HOH HOH A . 
D 2 HOH 34 142 81 HOH HOH A . 
D 2 HOH 35 143 83 HOH HOH A . 
D 2 HOH 36 144 85 HOH HOH A . 
D 2 HOH 37 145 88 HOH HOH A . 
D 2 HOH 38 151 80 HOH HOH A . 
# 
loop_
_pdbx_struct_assembly.id 
_pdbx_struct_assembly.details 
_pdbx_struct_assembly.method_details 
_pdbx_struct_assembly.oligomeric_details 
_pdbx_struct_assembly.oligomeric_count 
1 author_and_software_defined_assembly PISA monomeric 1 
2 author_and_software_defined_assembly PISA monomeric 1 
# 
loop_
_pdbx_struct_assembly_gen.assembly_id 
_pdbx_struct_assembly_gen.oper_expression 
_pdbx_struct_assembly_gen.asym_id_list 
1 1 A,C 
2 1 B,D 
# 
_pdbx_struct_oper_list.id                   1 
_pdbx_struct_oper_list.type                 'identity operation' 
_pdbx_struct_oper_list.name                 1_555 
_pdbx_struct_oper_list.symmetry_operation   x,y,z 
_pdbx_struct_oper_list.matrix[1][1]         1.0000000000 
_pdbx_struct_oper_list.matrix[1][2]         0.0000000000 
_pdbx_struct_oper_list.matrix[1][3]         0.0000000000 
_pdbx_struct_oper_list.vector[1]            0.0000000000 
_pdbx_struct_oper_list.matrix[2][1]         0.0000000000 
_pdbx_struct_oper_list.matrix[2][2]         1.0000000000 
_pdbx_struct_oper_list.matrix[2][3]         0.0000000000 
_pdbx_struct_oper_list.vector[2]            0.0000000000 
_pdbx_struct_oper_list.matrix[3][1]         0.0000000000 
_pdbx_struct_oper_list.matrix[3][2]         0.0000000000 
_pdbx_struct_oper_list.matrix[3][3]         1.0000000000 
_pdbx_struct_oper_list.vector[3]            0.0000000000 
# 
loop_
_pdbx_struct_special_symmetry.id 
_pdbx_struct_special_symmetry.PDB_model_num 
_pdbx_struct_special_symmetry.auth_asym_id 
_pdbx_struct_special_symmetry.auth_comp_id 
_pdbx_struct_special_symmetry.auth_seq_id 
_pdbx_struct_special_symmetry.PDB_ins_code 
_pdbx_struct_special_symmetry.label_asym_id 
_pdbx_struct_special_symmetry.label_comp_id 
_pdbx_struct_special_symmetry.label_seq_id 
1 1 B HOH 175 ? C HOH . 
2 1 B HOH 182 ? C HOH . 
# 
loop_
_pdbx_audit_revision_history.ordinal 
_pdbx_audit_revision_history.data_content_type 
_pdbx_audit_revision_history.major_revision 
_pdbx_audit_revision_history.minor_revision 
_pdbx_audit_revision_history.revision_date 
1 'Structure model' 1 0 2008-11-04 
2 'Structure model' 1 1 2011-07-13 
3 'Structure model' 1 2 2017-10-25 
4 'Structure model' 1 3 2023-08-30 
# 
_pdbx_audit_revision_details.ordinal             1 
_pdbx_audit_revision_details.revision_ordinal    1 
_pdbx_audit_revision_details.data_content_type   'Structure model' 
_pdbx_audit_revision_details.provider            repository 
_pdbx_audit_revision_details.type                'Initial release' 
_pdbx_audit_revision_details.description         ? 
_pdbx_audit_revision_details.details             ? 
# 
loop_
_pdbx_audit_revision_group.ordinal 
_pdbx_audit_revision_group.revision_ordinal 
_pdbx_audit_revision_group.data_content_type 
_pdbx_audit_revision_group.group 
1 2 'Structure model' 'Version format compliance' 
2 3 'Structure model' 'Refinement description'    
3 4 'Structure model' 'Data collection'           
4 4 'Structure model' 'Database references'       
5 4 'Structure model' 'Refinement description'    
# 
loop_
_pdbx_audit_revision_category.ordinal 
_pdbx_audit_revision_category.revision_ordinal 
_pdbx_audit_revision_category.data_content_type 
_pdbx_audit_revision_category.category 
1 3 'Structure model' software                      
2 4 'Structure model' chem_comp_atom                
3 4 'Structure model' chem_comp_bond                
4 4 'Structure model' database_2                    
5 4 'Structure model' pdbx_initial_refinement_model 
6 4 'Structure model' struct_ref_seq_dif            
# 
loop_
_pdbx_audit_revision_item.ordinal 
_pdbx_audit_revision_item.revision_ordinal 
_pdbx_audit_revision_item.data_content_type 
_pdbx_audit_revision_item.item 
1 3 'Structure model' '_software.classification'            
2 4 'Structure model' '_database_2.pdbx_DOI'                
3 4 'Structure model' '_database_2.pdbx_database_accession' 
4 4 'Structure model' '_struct_ref_seq_dif.details'         
# 
loop_
_software.name 
_software.classification 
_software.version 
_software.citation_id 
_software.pdbx_ordinal 
PHENIX    refinement       '(phenix.refine)' ? 1 
ELVES     refinement       .                 ? 2 
HKL-2000  'data reduction' .                 ? 3 
SCALEPACK 'data scaling'   .                 ? 4 
PHENIX    phasing          .                 ? 5 
# 
_pdbx_validate_rmsd_angle.id                         1 
_pdbx_validate_rmsd_angle.PDB_model_num              1 
_pdbx_validate_rmsd_angle.auth_atom_id_1             N 
_pdbx_validate_rmsd_angle.auth_asym_id_1             B 
_pdbx_validate_rmsd_angle.auth_comp_id_1             PRO 
_pdbx_validate_rmsd_angle.auth_seq_id_1              58 
_pdbx_validate_rmsd_angle.PDB_ins_code_1             ? 
_pdbx_validate_rmsd_angle.label_alt_id_1             ? 
_pdbx_validate_rmsd_angle.auth_atom_id_2             CA 
_pdbx_validate_rmsd_angle.auth_asym_id_2             B 
_pdbx_validate_rmsd_angle.auth_comp_id_2             PRO 
_pdbx_validate_rmsd_angle.auth_seq_id_2              58 
_pdbx_validate_rmsd_angle.PDB_ins_code_2             ? 
_pdbx_validate_rmsd_angle.label_alt_id_2             ? 
_pdbx_validate_rmsd_angle.auth_atom_id_3             CB 
_pdbx_validate_rmsd_angle.auth_asym_id_3             B 
_pdbx_validate_rmsd_angle.auth_comp_id_3             PRO 
_pdbx_validate_rmsd_angle.auth_seq_id_3              58 
_pdbx_validate_rmsd_angle.PDB_ins_code_3             ? 
_pdbx_validate_rmsd_angle.label_alt_id_3             ? 
_pdbx_validate_rmsd_angle.angle_value                110.71 
_pdbx_validate_rmsd_angle.angle_target_value         103.30 
_pdbx_validate_rmsd_angle.angle_deviation            7.41 
_pdbx_validate_rmsd_angle.angle_standard_deviation   1.20 
_pdbx_validate_rmsd_angle.linker_flag                N 
# 
loop_
_pdbx_validate_torsion.id 
_pdbx_validate_torsion.PDB_model_num 
_pdbx_validate_torsion.auth_comp_id 
_pdbx_validate_torsion.auth_asym_id 
_pdbx_validate_torsion.auth_seq_id 
_pdbx_validate_torsion.PDB_ins_code 
_pdbx_validate_torsion.label_alt_id 
_pdbx_validate_torsion.phi 
_pdbx_validate_torsion.psi 
1 1 ASN B 57 ? ? -57.83  103.41 
2 1 GLU A 53 ? ? -153.26 80.65  
3 1 GLU A 53 ? ? -153.10 80.65  
4 1 SER A 99 ? ? -58.41  107.61 
# 
loop_
_pdbx_unobs_or_zero_occ_atoms.id 
_pdbx_unobs_or_zero_occ_atoms.PDB_model_num 
_pdbx_unobs_or_zero_occ_atoms.polymer_flag 
_pdbx_unobs_or_zero_occ_atoms.occupancy_flag 
_pdbx_unobs_or_zero_occ_atoms.auth_asym_id 
_pdbx_unobs_or_zero_occ_atoms.auth_comp_id 
_pdbx_unobs_or_zero_occ_atoms.auth_seq_id 
_pdbx_unobs_or_zero_occ_atoms.PDB_ins_code 
_pdbx_unobs_or_zero_occ_atoms.auth_atom_id 
_pdbx_unobs_or_zero_occ_atoms.label_alt_id 
_pdbx_unobs_or_zero_occ_atoms.label_asym_id 
_pdbx_unobs_or_zero_occ_atoms.label_comp_id 
_pdbx_unobs_or_zero_occ_atoms.label_seq_id 
_pdbx_unobs_or_zero_occ_atoms.label_atom_id 
1  1 Y 1 B GLU 35  ? CG  ? A GLU 35  CG  
2  1 Y 1 B GLU 35  ? CD  ? A GLU 35  CD  
3  1 Y 1 B GLU 35  ? OE1 ? A GLU 35  OE1 
4  1 Y 1 B GLU 35  ? OE2 ? A GLU 35  OE2 
5  1 Y 1 B ASN 57  ? CG  ? A ASN 57  CG  
6  1 Y 1 B ASN 57  ? OD1 ? A ASN 57  OD1 
7  1 Y 1 B ASN 57  ? ND2 ? A ASN 57  ND2 
8  1 Y 1 B PRO 58  ? CG  ? A PRO 58  CG  
9  1 Y 1 B PRO 58  ? CD  ? A PRO 58  CD  
10 1 Y 1 B GLU 65  ? CG  ? A GLU 65  CG  
11 1 Y 1 B GLU 65  ? CD  ? A GLU 65  CD  
12 1 Y 1 B GLU 65  ? OE1 ? A GLU 65  OE1 
13 1 Y 1 B GLU 65  ? OE2 ? A GLU 65  OE2 
14 1 Y 1 B LEU 67  ? CG  ? A LEU 67  CG  
15 1 Y 1 B LEU 67  ? CD1 ? A LEU 67  CD1 
16 1 Y 1 B LEU 67  ? CD2 ? A LEU 67  CD2 
17 1 Y 1 B ARG 68  ? CG  ? A ARG 68  CG  
18 1 Y 1 B ARG 68  ? CD  ? A ARG 68  CD  
19 1 Y 1 B ARG 68  ? NE  ? A ARG 68  NE  
20 1 Y 1 B ARG 68  ? CZ  ? A ARG 68  CZ  
21 1 Y 1 B ARG 68  ? NH1 ? A ARG 68  NH1 
22 1 Y 1 B ARG 68  ? NH2 ? A ARG 68  NH2 
23 1 Y 1 B VAL 104 ? CG1 ? A VAL 104 CG1 
24 1 Y 1 B VAL 104 ? CG2 ? A VAL 104 CG2 
25 1 Y 1 B PRO 105 ? CG  ? A PRO 105 CG  
26 1 Y 1 B PRO 105 ? CD  ? A PRO 105 CD  
27 1 Y 1 A GLU 53  ? CG  ? B GLU 53  CG  
28 1 Y 1 A GLU 53  ? CD  ? B GLU 53  CD  
29 1 Y 1 A GLU 53  ? OE1 ? B GLU 53  OE1 
30 1 Y 1 A GLU 53  ? OE2 ? B GLU 53  OE2 
31 1 Y 1 A GLN 90  ? CG  ? B GLN 90  CG  
32 1 Y 1 A GLN 90  ? CD  ? B GLN 90  CD  
33 1 Y 1 A GLN 90  ? OE1 ? B GLN 90  OE1 
34 1 Y 1 A GLN 90  ? NE2 ? B GLN 90  NE2 
35 1 Y 1 A ARG 98  ? CG  ? B ARG 98  CG  
36 1 Y 1 A ARG 98  ? CD  ? B ARG 98  CD  
37 1 Y 1 A ARG 98  ? NE  ? B ARG 98  NE  
38 1 Y 1 A ARG 98  ? CZ  ? B ARG 98  CZ  
39 1 Y 1 A ARG 98  ? NH1 ? B ARG 98  NH1 
40 1 Y 1 A ARG 98  ? NH2 ? B ARG 98  NH2 
# 
loop_
_pdbx_unobs_or_zero_occ_residues.id 
_pdbx_unobs_or_zero_occ_residues.PDB_model_num 
_pdbx_unobs_or_zero_occ_residues.polymer_flag 
_pdbx_unobs_or_zero_occ_residues.occupancy_flag 
_pdbx_unobs_or_zero_occ_residues.auth_asym_id 
_pdbx_unobs_or_zero_occ_residues.auth_comp_id 
_pdbx_unobs_or_zero_occ_residues.auth_seq_id 
_pdbx_unobs_or_zero_occ_residues.PDB_ins_code 
_pdbx_unobs_or_zero_occ_residues.label_asym_id 
_pdbx_unobs_or_zero_occ_residues.label_comp_id 
_pdbx_unobs_or_zero_occ_residues.label_seq_id 
1  1 Y 1 B MET 1   ? A MET 1   
2  1 Y 1 B ARG 59  ? A ARG 59  
3  1 Y 1 B LEU 60  ? A LEU 60  
4  1 Y 1 B SER 61  ? A SER 61  
5  1 Y 1 B GLY 62  ? A GLY 62  
6  1 Y 1 B ILE 63  ? A ILE 63  
7  1 Y 1 B ASP 64  ? A ASP 64  
8  1 Y 1 B ARG 106 ? A ARG 106 
9  1 Y 1 A MET 1   ? B MET 1   
10 1 Y 1 A ARG 59  ? B ARG 59  
11 1 Y 1 A LEU 60  ? B LEU 60  
12 1 Y 1 A SER 61  ? B SER 61  
13 1 Y 1 A GLY 62  ? B GLY 62  
14 1 Y 1 A ILE 63  ? B ILE 63  
15 1 Y 1 A ASP 64  ? B ASP 64  
16 1 Y 1 A GLU 65  ? B GLU 65  
17 1 Y 1 A GLY 101 ? B GLY 101 
18 1 Y 1 A THR 102 ? B THR 102 
19 1 Y 1 A LEU 103 ? B LEU 103 
20 1 Y 1 A VAL 104 ? B VAL 104 
21 1 Y 1 A PRO 105 ? B PRO 105 
22 1 Y 1 A ARG 106 ? B ARG 106 
# 
loop_
_chem_comp_atom.comp_id 
_chem_comp_atom.atom_id 
_chem_comp_atom.type_symbol 
_chem_comp_atom.pdbx_aromatic_flag 
_chem_comp_atom.pdbx_stereo_config 
_chem_comp_atom.pdbx_ordinal 
ALA N    N N N 1   
ALA CA   C N S 2   
ALA C    C N N 3   
ALA O    O N N 4   
ALA CB   C N N 5   
ALA OXT  O N N 6   
ALA H    H N N 7   
ALA H2   H N N 8   
ALA HA   H N N 9   
ALA HB1  H N N 10  
ALA HB2  H N N 11  
ALA HB3  H N N 12  
ALA HXT  H N N 13  
ARG N    N N N 14  
ARG CA   C N S 15  
ARG C    C N N 16  
ARG O    O N N 17  
ARG CB   C N N 18  
ARG CG   C N N 19  
ARG CD   C N N 20  
ARG NE   N N N 21  
ARG CZ   C N N 22  
ARG NH1  N N N 23  
ARG NH2  N N N 24  
ARG OXT  O N N 25  
ARG H    H N N 26  
ARG H2   H N N 27  
ARG HA   H N N 28  
ARG HB2  H N N 29  
ARG HB3  H N N 30  
ARG HG2  H N N 31  
ARG HG3  H N N 32  
ARG HD2  H N N 33  
ARG HD3  H N N 34  
ARG HE   H N N 35  
ARG HH11 H N N 36  
ARG HH12 H N N 37  
ARG HH21 H N N 38  
ARG HH22 H N N 39  
ARG HXT  H N N 40  
ASN N    N N N 41  
ASN CA   C N S 42  
ASN C    C N N 43  
ASN O    O N N 44  
ASN CB   C N N 45  
ASN CG   C N N 46  
ASN OD1  O N N 47  
ASN ND2  N N N 48  
ASN OXT  O N N 49  
ASN H    H N N 50  
ASN H2   H N N 51  
ASN HA   H N N 52  
ASN HB2  H N N 53  
ASN HB3  H N N 54  
ASN HD21 H N N 55  
ASN HD22 H N N 56  
ASN HXT  H N N 57  
ASP N    N N N 58  
ASP CA   C N S 59  
ASP C    C N N 60  
ASP O    O N N 61  
ASP CB   C N N 62  
ASP CG   C N N 63  
ASP OD1  O N N 64  
ASP OD2  O N N 65  
ASP OXT  O N N 66  
ASP H    H N N 67  
ASP H2   H N N 68  
ASP HA   H N N 69  
ASP HB2  H N N 70  
ASP HB3  H N N 71  
ASP HD2  H N N 72  
ASP HXT  H N N 73  
GLN N    N N N 74  
GLN CA   C N S 75  
GLN C    C N N 76  
GLN O    O N N 77  
GLN CB   C N N 78  
GLN CG   C N N 79  
GLN CD   C N N 80  
GLN OE1  O N N 81  
GLN NE2  N N N 82  
GLN OXT  O N N 83  
GLN H    H N N 84  
GLN H2   H N N 85  
GLN HA   H N N 86  
GLN HB2  H N N 87  
GLN HB3  H N N 88  
GLN HG2  H N N 89  
GLN HG3  H N N 90  
GLN HE21 H N N 91  
GLN HE22 H N N 92  
GLN HXT  H N N 93  
GLU N    N N N 94  
GLU CA   C N S 95  
GLU C    C N N 96  
GLU O    O N N 97  
GLU CB   C N N 98  
GLU CG   C N N 99  
GLU CD   C N N 100 
GLU OE1  O N N 101 
GLU OE2  O N N 102 
GLU OXT  O N N 103 
GLU H    H N N 104 
GLU H2   H N N 105 
GLU HA   H N N 106 
GLU HB2  H N N 107 
GLU HB3  H N N 108 
GLU HG2  H N N 109 
GLU HG3  H N N 110 
GLU HE2  H N N 111 
GLU HXT  H N N 112 
GLY N    N N N 113 
GLY CA   C N N 114 
GLY C    C N N 115 
GLY O    O N N 116 
GLY OXT  O N N 117 
GLY H    H N N 118 
GLY H2   H N N 119 
GLY HA2  H N N 120 
GLY HA3  H N N 121 
GLY HXT  H N N 122 
HOH O    O N N 123 
HOH H1   H N N 124 
HOH H2   H N N 125 
ILE N    N N N 126 
ILE CA   C N S 127 
ILE C    C N N 128 
ILE O    O N N 129 
ILE CB   C N S 130 
ILE CG1  C N N 131 
ILE CG2  C N N 132 
ILE CD1  C N N 133 
ILE OXT  O N N 134 
ILE H    H N N 135 
ILE H2   H N N 136 
ILE HA   H N N 137 
ILE HB   H N N 138 
ILE HG12 H N N 139 
ILE HG13 H N N 140 
ILE HG21 H N N 141 
ILE HG22 H N N 142 
ILE HG23 H N N 143 
ILE HD11 H N N 144 
ILE HD12 H N N 145 
ILE HD13 H N N 146 
ILE HXT  H N N 147 
LEU N    N N N 148 
LEU CA   C N S 149 
LEU C    C N N 150 
LEU O    O N N 151 
LEU CB   C N N 152 
LEU CG   C N N 153 
LEU CD1  C N N 154 
LEU CD2  C N N 155 
LEU OXT  O N N 156 
LEU H    H N N 157 
LEU H2   H N N 158 
LEU HA   H N N 159 
LEU HB2  H N N 160 
LEU HB3  H N N 161 
LEU HG   H N N 162 
LEU HD11 H N N 163 
LEU HD12 H N N 164 
LEU HD13 H N N 165 
LEU HD21 H N N 166 
LEU HD22 H N N 167 
LEU HD23 H N N 168 
LEU HXT  H N N 169 
LYS N    N N N 170 
LYS CA   C N S 171 
LYS C    C N N 172 
LYS O    O N N 173 
LYS CB   C N N 174 
LYS CG   C N N 175 
LYS CD   C N N 176 
LYS CE   C N N 177 
LYS NZ   N N N 178 
LYS OXT  O N N 179 
LYS H    H N N 180 
LYS H2   H N N 181 
LYS HA   H N N 182 
LYS HB2  H N N 183 
LYS HB3  H N N 184 
LYS HG2  H N N 185 
LYS HG3  H N N 186 
LYS HD2  H N N 187 
LYS HD3  H N N 188 
LYS HE2  H N N 189 
LYS HE3  H N N 190 
LYS HZ1  H N N 191 
LYS HZ2  H N N 192 
LYS HZ3  H N N 193 
LYS HXT  H N N 194 
MET N    N N N 195 
MET CA   C N S 196 
MET C    C N N 197 
MET O    O N N 198 
MET CB   C N N 199 
MET CG   C N N 200 
MET SD   S N N 201 
MET CE   C N N 202 
MET OXT  O N N 203 
MET H    H N N 204 
MET H2   H N N 205 
MET HA   H N N 206 
MET HB2  H N N 207 
MET HB3  H N N 208 
MET HG2  H N N 209 
MET HG3  H N N 210 
MET HE1  H N N 211 
MET HE2  H N N 212 
MET HE3  H N N 213 
MET HXT  H N N 214 
PHE N    N N N 215 
PHE CA   C N S 216 
PHE C    C N N 217 
PHE O    O N N 218 
PHE CB   C N N 219 
PHE CG   C Y N 220 
PHE CD1  C Y N 221 
PHE CD2  C Y N 222 
PHE CE1  C Y N 223 
PHE CE2  C Y N 224 
PHE CZ   C Y N 225 
PHE OXT  O N N 226 
PHE H    H N N 227 
PHE H2   H N N 228 
PHE HA   H N N 229 
PHE HB2  H N N 230 
PHE HB3  H N N 231 
PHE HD1  H N N 232 
PHE HD2  H N N 233 
PHE HE1  H N N 234 
PHE HE2  H N N 235 
PHE HZ   H N N 236 
PHE HXT  H N N 237 
PRO N    N N N 238 
PRO CA   C N S 239 
PRO C    C N N 240 
PRO O    O N N 241 
PRO CB   C N N 242 
PRO CG   C N N 243 
PRO CD   C N N 244 
PRO OXT  O N N 245 
PRO H    H N N 246 
PRO HA   H N N 247 
PRO HB2  H N N 248 
PRO HB3  H N N 249 
PRO HG2  H N N 250 
PRO HG3  H N N 251 
PRO HD2  H N N 252 
PRO HD3  H N N 253 
PRO HXT  H N N 254 
SER N    N N N 255 
SER CA   C N S 256 
SER C    C N N 257 
SER O    O N N 258 
SER CB   C N N 259 
SER OG   O N N 260 
SER OXT  O N N 261 
SER H    H N N 262 
SER H2   H N N 263 
SER HA   H N N 264 
SER HB2  H N N 265 
SER HB3  H N N 266 
SER HG   H N N 267 
SER HXT  H N N 268 
THR N    N N N 269 
THR CA   C N S 270 
THR C    C N N 271 
THR O    O N N 272 
THR CB   C N R 273 
THR OG1  O N N 274 
THR CG2  C N N 275 
THR OXT  O N N 276 
THR H    H N N 277 
THR H2   H N N 278 
THR HA   H N N 279 
THR HB   H N N 280 
THR HG1  H N N 281 
THR HG21 H N N 282 
THR HG22 H N N 283 
THR HG23 H N N 284 
THR HXT  H N N 285 
TRP N    N N N 286 
TRP CA   C N S 287 
TRP C    C N N 288 
TRP O    O N N 289 
TRP CB   C N N 290 
TRP CG   C Y N 291 
TRP CD1  C Y N 292 
TRP CD2  C Y N 293 
TRP NE1  N Y N 294 
TRP CE2  C Y N 295 
TRP CE3  C Y N 296 
TRP CZ2  C Y N 297 
TRP CZ3  C Y N 298 
TRP CH2  C Y N 299 
TRP OXT  O N N 300 
TRP H    H N N 301 
TRP H2   H N N 302 
TRP HA   H N N 303 
TRP HB2  H N N 304 
TRP HB3  H N N 305 
TRP HD1  H N N 306 
TRP HE1  H N N 307 
TRP HE3  H N N 308 
TRP HZ2  H N N 309 
TRP HZ3  H N N 310 
TRP HH2  H N N 311 
TRP HXT  H N N 312 
TYR N    N N N 313 
TYR CA   C N S 314 
TYR C    C N N 315 
TYR O    O N N 316 
TYR CB   C N N 317 
TYR CG   C Y N 318 
TYR CD1  C Y N 319 
TYR CD2  C Y N 320 
TYR CE1  C Y N 321 
TYR CE2  C Y N 322 
TYR CZ   C Y N 323 
TYR OH   O N N 324 
TYR OXT  O N N 325 
TYR H    H N N 326 
TYR H2   H N N 327 
TYR HA   H N N 328 
TYR HB2  H N N 329 
TYR HB3  H N N 330 
TYR HD1  H N N 331 
TYR HD2  H N N 332 
TYR HE1  H N N 333 
TYR HE2  H N N 334 
TYR HH   H N N 335 
TYR HXT  H N N 336 
VAL N    N N N 337 
VAL CA   C N S 338 
VAL C    C N N 339 
VAL O    O N N 340 
VAL CB   C N N 341 
VAL CG1  C N N 342 
VAL CG2  C N N 343 
VAL OXT  O N N 344 
VAL H    H N N 345 
VAL H2   H N N 346 
VAL HA   H N N 347 
VAL HB   H N N 348 
VAL HG11 H N N 349 
VAL HG12 H N N 350 
VAL HG13 H N N 351 
VAL HG21 H N N 352 
VAL HG22 H N N 353 
VAL HG23 H N N 354 
VAL HXT  H N N 355 
# 
loop_
_chem_comp_bond.comp_id 
_chem_comp_bond.atom_id_1 
_chem_comp_bond.atom_id_2 
_chem_comp_bond.value_order 
_chem_comp_bond.pdbx_aromatic_flag 
_chem_comp_bond.pdbx_stereo_config 
_chem_comp_bond.pdbx_ordinal 
ALA N   CA   sing N N 1   
ALA N   H    sing N N 2   
ALA N   H2   sing N N 3   
ALA CA  C    sing N N 4   
ALA CA  CB   sing N N 5   
ALA CA  HA   sing N N 6   
ALA C   O    doub N N 7   
ALA C   OXT  sing N N 8   
ALA CB  HB1  sing N N 9   
ALA CB  HB2  sing N N 10  
ALA CB  HB3  sing N N 11  
ALA OXT HXT  sing N N 12  
ARG N   CA   sing N N 13  
ARG N   H    sing N N 14  
ARG N   H2   sing N N 15  
ARG CA  C    sing N N 16  
ARG CA  CB   sing N N 17  
ARG CA  HA   sing N N 18  
ARG C   O    doub N N 19  
ARG C   OXT  sing N N 20  
ARG CB  CG   sing N N 21  
ARG CB  HB2  sing N N 22  
ARG CB  HB3  sing N N 23  
ARG CG  CD   sing N N 24  
ARG CG  HG2  sing N N 25  
ARG CG  HG3  sing N N 26  
ARG CD  NE   sing N N 27  
ARG CD  HD2  sing N N 28  
ARG CD  HD3  sing N N 29  
ARG NE  CZ   sing N N 30  
ARG NE  HE   sing N N 31  
ARG CZ  NH1  sing N N 32  
ARG CZ  NH2  doub N N 33  
ARG NH1 HH11 sing N N 34  
ARG NH1 HH12 sing N N 35  
ARG NH2 HH21 sing N N 36  
ARG NH2 HH22 sing N N 37  
ARG OXT HXT  sing N N 38  
ASN N   CA   sing N N 39  
ASN N   H    sing N N 40  
ASN N   H2   sing N N 41  
ASN CA  C    sing N N 42  
ASN CA  CB   sing N N 43  
ASN CA  HA   sing N N 44  
ASN C   O    doub N N 45  
ASN C   OXT  sing N N 46  
ASN CB  CG   sing N N 47  
ASN CB  HB2  sing N N 48  
ASN CB  HB3  sing N N 49  
ASN CG  OD1  doub N N 50  
ASN CG  ND2  sing N N 51  
ASN ND2 HD21 sing N N 52  
ASN ND2 HD22 sing N N 53  
ASN OXT HXT  sing N N 54  
ASP N   CA   sing N N 55  
ASP N   H    sing N N 56  
ASP N   H2   sing N N 57  
ASP CA  C    sing N N 58  
ASP CA  CB   sing N N 59  
ASP CA  HA   sing N N 60  
ASP C   O    doub N N 61  
ASP C   OXT  sing N N 62  
ASP CB  CG   sing N N 63  
ASP CB  HB2  sing N N 64  
ASP CB  HB3  sing N N 65  
ASP CG  OD1  doub N N 66  
ASP CG  OD2  sing N N 67  
ASP OD2 HD2  sing N N 68  
ASP OXT HXT  sing N N 69  
GLN N   CA   sing N N 70  
GLN N   H    sing N N 71  
GLN N   H2   sing N N 72  
GLN CA  C    sing N N 73  
GLN CA  CB   sing N N 74  
GLN CA  HA   sing N N 75  
GLN C   O    doub N N 76  
GLN C   OXT  sing N N 77  
GLN CB  CG   sing N N 78  
GLN CB  HB2  sing N N 79  
GLN CB  HB3  sing N N 80  
GLN CG  CD   sing N N 81  
GLN CG  HG2  sing N N 82  
GLN CG  HG3  sing N N 83  
GLN CD  OE1  doub N N 84  
GLN CD  NE2  sing N N 85  
GLN NE2 HE21 sing N N 86  
GLN NE2 HE22 sing N N 87  
GLN OXT HXT  sing N N 88  
GLU N   CA   sing N N 89  
GLU N   H    sing N N 90  
GLU N   H2   sing N N 91  
GLU CA  C    sing N N 92  
GLU CA  CB   sing N N 93  
GLU CA  HA   sing N N 94  
GLU C   O    doub N N 95  
GLU C   OXT  sing N N 96  
GLU CB  CG   sing N N 97  
GLU CB  HB2  sing N N 98  
GLU CB  HB3  sing N N 99  
GLU CG  CD   sing N N 100 
GLU CG  HG2  sing N N 101 
GLU CG  HG3  sing N N 102 
GLU CD  OE1  doub N N 103 
GLU CD  OE2  sing N N 104 
GLU OE2 HE2  sing N N 105 
GLU OXT HXT  sing N N 106 
GLY N   CA   sing N N 107 
GLY N   H    sing N N 108 
GLY N   H2   sing N N 109 
GLY CA  C    sing N N 110 
GLY CA  HA2  sing N N 111 
GLY CA  HA3  sing N N 112 
GLY C   O    doub N N 113 
GLY C   OXT  sing N N 114 
GLY OXT HXT  sing N N 115 
HOH O   H1   sing N N 116 
HOH O   H2   sing N N 117 
ILE N   CA   sing N N 118 
ILE N   H    sing N N 119 
ILE N   H2   sing N N 120 
ILE CA  C    sing N N 121 
ILE CA  CB   sing N N 122 
ILE CA  HA   sing N N 123 
ILE C   O    doub N N 124 
ILE C   OXT  sing N N 125 
ILE CB  CG1  sing N N 126 
ILE CB  CG2  sing N N 127 
ILE CB  HB   sing N N 128 
ILE CG1 CD1  sing N N 129 
ILE CG1 HG12 sing N N 130 
ILE CG1 HG13 sing N N 131 
ILE CG2 HG21 sing N N 132 
ILE CG2 HG22 sing N N 133 
ILE CG2 HG23 sing N N 134 
ILE CD1 HD11 sing N N 135 
ILE CD1 HD12 sing N N 136 
ILE CD1 HD13 sing N N 137 
ILE OXT HXT  sing N N 138 
LEU N   CA   sing N N 139 
LEU N   H    sing N N 140 
LEU N   H2   sing N N 141 
LEU CA  C    sing N N 142 
LEU CA  CB   sing N N 143 
LEU CA  HA   sing N N 144 
LEU C   O    doub N N 145 
LEU C   OXT  sing N N 146 
LEU CB  CG   sing N N 147 
LEU CB  HB2  sing N N 148 
LEU CB  HB3  sing N N 149 
LEU CG  CD1  sing N N 150 
LEU CG  CD2  sing N N 151 
LEU CG  HG   sing N N 152 
LEU CD1 HD11 sing N N 153 
LEU CD1 HD12 sing N N 154 
LEU CD1 HD13 sing N N 155 
LEU CD2 HD21 sing N N 156 
LEU CD2 HD22 sing N N 157 
LEU CD2 HD23 sing N N 158 
LEU OXT HXT  sing N N 159 
LYS N   CA   sing N N 160 
LYS N   H    sing N N 161 
LYS N   H2   sing N N 162 
LYS CA  C    sing N N 163 
LYS CA  CB   sing N N 164 
LYS CA  HA   sing N N 165 
LYS C   O    doub N N 166 
LYS C   OXT  sing N N 167 
LYS CB  CG   sing N N 168 
LYS CB  HB2  sing N N 169 
LYS CB  HB3  sing N N 170 
LYS CG  CD   sing N N 171 
LYS CG  HG2  sing N N 172 
LYS CG  HG3  sing N N 173 
LYS CD  CE   sing N N 174 
LYS CD  HD2  sing N N 175 
LYS CD  HD3  sing N N 176 
LYS CE  NZ   sing N N 177 
LYS CE  HE2  sing N N 178 
LYS CE  HE3  sing N N 179 
LYS NZ  HZ1  sing N N 180 
LYS NZ  HZ2  sing N N 181 
LYS NZ  HZ3  sing N N 182 
LYS OXT HXT  sing N N 183 
MET N   CA   sing N N 184 
MET N   H    sing N N 185 
MET N   H2   sing N N 186 
MET CA  C    sing N N 187 
MET CA  CB   sing N N 188 
MET CA  HA   sing N N 189 
MET C   O    doub N N 190 
MET C   OXT  sing N N 191 
MET CB  CG   sing N N 192 
MET CB  HB2  sing N N 193 
MET CB  HB3  sing N N 194 
MET CG  SD   sing N N 195 
MET CG  HG2  sing N N 196 
MET CG  HG3  sing N N 197 
MET SD  CE   sing N N 198 
MET CE  HE1  sing N N 199 
MET CE  HE2  sing N N 200 
MET CE  HE3  sing N N 201 
MET OXT HXT  sing N N 202 
PHE N   CA   sing N N 203 
PHE N   H    sing N N 204 
PHE N   H2   sing N N 205 
PHE CA  C    sing N N 206 
PHE CA  CB   sing N N 207 
PHE CA  HA   sing N N 208 
PHE C   O    doub N N 209 
PHE C   OXT  sing N N 210 
PHE CB  CG   sing N N 211 
PHE CB  HB2  sing N N 212 
PHE CB  HB3  sing N N 213 
PHE CG  CD1  doub Y N 214 
PHE CG  CD2  sing Y N 215 
PHE CD1 CE1  sing Y N 216 
PHE CD1 HD1  sing N N 217 
PHE CD2 CE2  doub Y N 218 
PHE CD2 HD2  sing N N 219 
PHE CE1 CZ   doub Y N 220 
PHE CE1 HE1  sing N N 221 
PHE CE2 CZ   sing Y N 222 
PHE CE2 HE2  sing N N 223 
PHE CZ  HZ   sing N N 224 
PHE OXT HXT  sing N N 225 
PRO N   CA   sing N N 226 
PRO N   CD   sing N N 227 
PRO N   H    sing N N 228 
PRO CA  C    sing N N 229 
PRO CA  CB   sing N N 230 
PRO CA  HA   sing N N 231 
PRO C   O    doub N N 232 
PRO C   OXT  sing N N 233 
PRO CB  CG   sing N N 234 
PRO CB  HB2  sing N N 235 
PRO CB  HB3  sing N N 236 
PRO CG  CD   sing N N 237 
PRO CG  HG2  sing N N 238 
PRO CG  HG3  sing N N 239 
PRO CD  HD2  sing N N 240 
PRO CD  HD3  sing N N 241 
PRO OXT HXT  sing N N 242 
SER N   CA   sing N N 243 
SER N   H    sing N N 244 
SER N   H2   sing N N 245 
SER CA  C    sing N N 246 
SER CA  CB   sing N N 247 
SER CA  HA   sing N N 248 
SER C   O    doub N N 249 
SER C   OXT  sing N N 250 
SER CB  OG   sing N N 251 
SER CB  HB2  sing N N 252 
SER CB  HB3  sing N N 253 
SER OG  HG   sing N N 254 
SER OXT HXT  sing N N 255 
THR N   CA   sing N N 256 
THR N   H    sing N N 257 
THR N   H2   sing N N 258 
THR CA  C    sing N N 259 
THR CA  CB   sing N N 260 
THR CA  HA   sing N N 261 
THR C   O    doub N N 262 
THR C   OXT  sing N N 263 
THR CB  OG1  sing N N 264 
THR CB  CG2  sing N N 265 
THR CB  HB   sing N N 266 
THR OG1 HG1  sing N N 267 
THR CG2 HG21 sing N N 268 
THR CG2 HG22 sing N N 269 
THR CG2 HG23 sing N N 270 
THR OXT HXT  sing N N 271 
TRP N   CA   sing N N 272 
TRP N   H    sing N N 273 
TRP N   H2   sing N N 274 
TRP CA  C    sing N N 275 
TRP CA  CB   sing N N 276 
TRP CA  HA   sing N N 277 
TRP C   O    doub N N 278 
TRP C   OXT  sing N N 279 
TRP CB  CG   sing N N 280 
TRP CB  HB2  sing N N 281 
TRP CB  HB3  sing N N 282 
TRP CG  CD1  doub Y N 283 
TRP CG  CD2  sing Y N 284 
TRP CD1 NE1  sing Y N 285 
TRP CD1 HD1  sing N N 286 
TRP CD2 CE2  doub Y N 287 
TRP CD2 CE3  sing Y N 288 
TRP NE1 CE2  sing Y N 289 
TRP NE1 HE1  sing N N 290 
TRP CE2 CZ2  sing Y N 291 
TRP CE3 CZ3  doub Y N 292 
TRP CE3 HE3  sing N N 293 
TRP CZ2 CH2  doub Y N 294 
TRP CZ2 HZ2  sing N N 295 
TRP CZ3 CH2  sing Y N 296 
TRP CZ3 HZ3  sing N N 297 
TRP CH2 HH2  sing N N 298 
TRP OXT HXT  sing N N 299 
TYR N   CA   sing N N 300 
TYR N   H    sing N N 301 
TYR N   H2   sing N N 302 
TYR CA  C    sing N N 303 
TYR CA  CB   sing N N 304 
TYR CA  HA   sing N N 305 
TYR C   O    doub N N 306 
TYR C   OXT  sing N N 307 
TYR CB  CG   sing N N 308 
TYR CB  HB2  sing N N 309 
TYR CB  HB3  sing N N 310 
TYR CG  CD1  doub Y N 311 
TYR CG  CD2  sing Y N 312 
TYR CD1 CE1  sing Y N 313 
TYR CD1 HD1  sing N N 314 
TYR CD2 CE2  doub Y N 315 
TYR CD2 HD2  sing N N 316 
TYR CE1 CZ   doub Y N 317 
TYR CE1 HE1  sing N N 318 
TYR CE2 CZ   sing Y N 319 
TYR CE2 HE2  sing N N 320 
TYR CZ  OH   sing N N 321 
TYR OH  HH   sing N N 322 
TYR OXT HXT  sing N N 323 
VAL N   CA   sing N N 324 
VAL N   H    sing N N 325 
VAL N   H2   sing N N 326 
VAL CA  C    sing N N 327 
VAL CA  CB   sing N N 328 
VAL CA  HA   sing N N 329 
VAL C   O    doub N N 330 
VAL C   OXT  sing N N 331 
VAL CB  CG1  sing N N 332 
VAL CB  CG2  sing N N 333 
VAL CB  HB   sing N N 334 
VAL CG1 HG11 sing N N 335 
VAL CG1 HG12 sing N N 336 
VAL CG1 HG13 sing N N 337 
VAL CG2 HG21 sing N N 338 
VAL CG2 HG22 sing N N 339 
VAL CG2 HG23 sing N N 340 
VAL OXT HXT  sing N N 341 
# 
_pdbx_entity_nonpoly.entity_id   2 
_pdbx_entity_nonpoly.name        water 
_pdbx_entity_nonpoly.comp_id     HOH 
# 
_pdbx_initial_refinement_model.id               1 
_pdbx_initial_refinement_model.entity_id_list   ? 
_pdbx_initial_refinement_model.type             'experimental model' 
_pdbx_initial_refinement_model.source_name      PDB 
_pdbx_initial_refinement_model.accession_code   3DUL 
_pdbx_initial_refinement_model.details          'PDB ENTRY 3DUL' 
# 
